data_5KAZ
# 
_entry.id   5KAZ 
# 
_audit_conform.dict_name       mmcif_pdbx.dic 
_audit_conform.dict_version    5.387 
_audit_conform.dict_location   http://mmcif.pdb.org/dictionaries/ascii/mmcif_pdbx.dic 
# 
loop_
_database_2.database_id 
_database_2.database_code 
_database_2.pdbx_database_accession 
_database_2.pdbx_DOI 
PDB   5KAZ         pdb_00005kaz 10.2210/pdb5kaz/pdb 
WWPDB D_1000221975 ?            ?                   
# 
loop_
_pdbx_audit_revision_history.ordinal 
_pdbx_audit_revision_history.data_content_type 
_pdbx_audit_revision_history.major_revision 
_pdbx_audit_revision_history.minor_revision 
_pdbx_audit_revision_history.revision_date 
1 'Structure model' 1 0 2017-04-12 
2 'Structure model' 1 1 2024-02-28 
# 
_pdbx_audit_revision_details.ordinal             1 
_pdbx_audit_revision_details.revision_ordinal    1 
_pdbx_audit_revision_details.data_content_type   'Structure model' 
_pdbx_audit_revision_details.provider            repository 
_pdbx_audit_revision_details.type                'Initial release' 
_pdbx_audit_revision_details.description         ? 
_pdbx_audit_revision_details.details             ? 
# 
loop_
_pdbx_audit_revision_group.ordinal 
_pdbx_audit_revision_group.revision_ordinal 
_pdbx_audit_revision_group.data_content_type 
_pdbx_audit_revision_group.group 
1 2 'Structure model' 'Data collection'     
2 2 'Structure model' 'Database references' 
# 
loop_
_pdbx_audit_revision_category.ordinal 
_pdbx_audit_revision_category.revision_ordinal 
_pdbx_audit_revision_category.data_content_type 
_pdbx_audit_revision_category.category 
1 2 'Structure model' chem_comp_atom 
2 2 'Structure model' chem_comp_bond 
3 2 'Structure model' database_2     
# 
loop_
_pdbx_audit_revision_item.ordinal 
_pdbx_audit_revision_item.revision_ordinal 
_pdbx_audit_revision_item.data_content_type 
_pdbx_audit_revision_item.item 
1 2 'Structure model' '_database_2.pdbx_DOI'                
2 2 'Structure model' '_database_2.pdbx_database_accession' 
# 
_pdbx_database_status.status_code                     REL 
_pdbx_database_status.status_code_sf                  REL 
_pdbx_database_status.status_code_mr                  ? 
_pdbx_database_status.entry_id                        5KAZ 
_pdbx_database_status.recvd_initial_deposition_date   2016-06-02 
_pdbx_database_status.SG_entry                        N 
_pdbx_database_status.deposit_site                    RCSB 
_pdbx_database_status.process_site                    RCSB 
_pdbx_database_status.status_code_cs                  ? 
_pdbx_database_status.methods_development_category    ? 
_pdbx_database_status.pdb_format_compatible           Y 
_pdbx_database_status.status_code_nmr_data            ? 
# 
loop_
_audit_author.name 
_audit_author.pdbx_ordinal 
'Taha, M.'    1 
'Nezerwa, E.' 2 
'Nam, H.-J.'  3 
# 
_citation.abstract                  ? 
_citation.abstract_id_CAS           ? 
_citation.book_id_ISBN              ? 
_citation.book_publisher            ? 
_citation.book_publisher_city       ? 
_citation.book_title                ? 
_citation.coordinate_linkage        ? 
_citation.country                   NE 
_citation.database_id_Medline       ? 
_citation.details                   ? 
_citation.id                        primary 
_citation.journal_abbrev            'Protein Pept. Lett.' 
_citation.journal_id_ASTM           PPELEN 
_citation.journal_id_CSD            2077 
_citation.journal_id_ISSN           1875-5305 
_citation.journal_full              ? 
_citation.journal_issue             ? 
_citation.journal_volume            23 
_citation.language                  ? 
_citation.page_first                862 
_citation.page_last                 866 
_citation.title                     'The X-ray Crystallographic Structure of Human EAT2 (SH2D1B).' 
_citation.year                      2016 
_citation.database_id_CSD           ? 
_citation.pdbx_database_id_DOI      ? 
_citation.pdbx_database_id_PubMed   27586300 
_citation.unpublished_flag          ? 
# 
loop_
_citation_author.citation_id 
_citation_author.name 
_citation_author.ordinal 
_citation_author.identifier_ORCID 
primary 'Taha, M.'    1 ? 
primary 'Nezerwa, E.' 2 ? 
primary 'Nam, H.J.'   3 ? 
# 
loop_
_entity.id 
_entity.type 
_entity.src_method 
_entity.pdbx_description 
_entity.formula_weight 
_entity.pdbx_number_of_molecules 
_entity.pdbx_ec 
_entity.pdbx_mutation 
_entity.pdbx_fragment 
_entity.details 
1 polymer     man 'SH2 domain-containing protein 1B' 12098.149 1   ? ? ? ? 
2 non-polymer syn 'SULFATE ION'                      96.063    1   ? ? ? ? 
3 water       nat water                              18.015    152 ? ? ? ? 
# 
_entity_name_com.entity_id   1 
_entity_name_com.name        'EWS/FLI1-activated transcript 2,EAT-2' 
# 
_entity_poly.entity_id                      1 
_entity_poly.type                           'polypeptide(L)' 
_entity_poly.nstd_linkage                   no 
_entity_poly.nstd_monomer                   no 
_entity_poly.pdbx_seq_one_letter_code       
;MDLPYYHGRLTKQDCETLLLKEGVDGNFLLRDSESIPGVLCLCVSFKNIVYTYRIFREKHGYYRIQTAEGSPKQVFPSLK
ELISKFEKPNQGMVVHLLKPIKRT
;
_entity_poly.pdbx_seq_one_letter_code_can   
;MDLPYYHGRLTKQDCETLLLKEGVDGNFLLRDSESIPGVLCLCVSFKNIVYTYRIFREKHGYYRIQTAEGSPKQVFPSLK
ELISKFEKPNQGMVVHLLKPIKRT
;
_entity_poly.pdbx_strand_id                 A 
_entity_poly.pdbx_target_identifier         ? 
# 
loop_
_pdbx_entity_nonpoly.entity_id 
_pdbx_entity_nonpoly.name 
_pdbx_entity_nonpoly.comp_id 
2 'SULFATE ION' SO4 
3 water         HOH 
# 
loop_
_entity_poly_seq.entity_id 
_entity_poly_seq.num 
_entity_poly_seq.mon_id 
_entity_poly_seq.hetero 
1 1   MET n 
1 2   ASP n 
1 3   LEU n 
1 4   PRO n 
1 5   TYR n 
1 6   TYR n 
1 7   HIS n 
1 8   GLY n 
1 9   ARG n 
1 10  LEU n 
1 11  THR n 
1 12  LYS n 
1 13  GLN n 
1 14  ASP n 
1 15  CYS n 
1 16  GLU n 
1 17  THR n 
1 18  LEU n 
1 19  LEU n 
1 20  LEU n 
1 21  LYS n 
1 22  GLU n 
1 23  GLY n 
1 24  VAL n 
1 25  ASP n 
1 26  GLY n 
1 27  ASN n 
1 28  PHE n 
1 29  LEU n 
1 30  LEU n 
1 31  ARG n 
1 32  ASP n 
1 33  SER n 
1 34  GLU n 
1 35  SER n 
1 36  ILE n 
1 37  PRO n 
1 38  GLY n 
1 39  VAL n 
1 40  LEU n 
1 41  CYS n 
1 42  LEU n 
1 43  CYS n 
1 44  VAL n 
1 45  SER n 
1 46  PHE n 
1 47  LYS n 
1 48  ASN n 
1 49  ILE n 
1 50  VAL n 
1 51  TYR n 
1 52  THR n 
1 53  TYR n 
1 54  ARG n 
1 55  ILE n 
1 56  PHE n 
1 57  ARG n 
1 58  GLU n 
1 59  LYS n 
1 60  HIS n 
1 61  GLY n 
1 62  TYR n 
1 63  TYR n 
1 64  ARG n 
1 65  ILE n 
1 66  GLN n 
1 67  THR n 
1 68  ALA n 
1 69  GLU n 
1 70  GLY n 
1 71  SER n 
1 72  PRO n 
1 73  LYS n 
1 74  GLN n 
1 75  VAL n 
1 76  PHE n 
1 77  PRO n 
1 78  SER n 
1 79  LEU n 
1 80  LYS n 
1 81  GLU n 
1 82  LEU n 
1 83  ILE n 
1 84  SER n 
1 85  LYS n 
1 86  PHE n 
1 87  GLU n 
1 88  LYS n 
1 89  PRO n 
1 90  ASN n 
1 91  GLN n 
1 92  GLY n 
1 93  MET n 
1 94  VAL n 
1 95  VAL n 
1 96  HIS n 
1 97  LEU n 
1 98  LEU n 
1 99  LYS n 
1 100 PRO n 
1 101 ILE n 
1 102 LYS n 
1 103 ARG n 
1 104 THR n 
# 
_entity_src_gen.entity_id                          1 
_entity_src_gen.pdbx_src_id                        1 
_entity_src_gen.pdbx_alt_source_flag               sample 
_entity_src_gen.pdbx_seq_type                      'Biological sequence' 
_entity_src_gen.pdbx_beg_seq_num                   1 
_entity_src_gen.pdbx_end_seq_num                   104 
_entity_src_gen.gene_src_common_name               Human 
_entity_src_gen.gene_src_genus                     ? 
_entity_src_gen.pdbx_gene_src_gene                 'SH2D1B, EAT2' 
_entity_src_gen.gene_src_species                   ? 
_entity_src_gen.gene_src_strain                    ? 
_entity_src_gen.gene_src_tissue                    ? 
_entity_src_gen.gene_src_tissue_fraction           ? 
_entity_src_gen.gene_src_details                   ? 
_entity_src_gen.pdbx_gene_src_fragment             ? 
_entity_src_gen.pdbx_gene_src_scientific_name      'Homo sapiens' 
_entity_src_gen.pdbx_gene_src_ncbi_taxonomy_id     9606 
_entity_src_gen.pdbx_gene_src_variant              ? 
_entity_src_gen.pdbx_gene_src_cell_line            ? 
_entity_src_gen.pdbx_gene_src_atcc                 ? 
_entity_src_gen.pdbx_gene_src_organ                ? 
_entity_src_gen.pdbx_gene_src_organelle            ? 
_entity_src_gen.pdbx_gene_src_cell                 ? 
_entity_src_gen.pdbx_gene_src_cellular_location    ? 
_entity_src_gen.host_org_common_name               ? 
_entity_src_gen.pdbx_host_org_scientific_name      'Escherichia coli' 
_entity_src_gen.pdbx_host_org_ncbi_taxonomy_id     511693 
_entity_src_gen.host_org_genus                     ? 
_entity_src_gen.pdbx_host_org_gene                 ? 
_entity_src_gen.pdbx_host_org_organ                ? 
_entity_src_gen.host_org_species                   ? 
_entity_src_gen.pdbx_host_org_tissue               ? 
_entity_src_gen.pdbx_host_org_tissue_fraction      ? 
_entity_src_gen.pdbx_host_org_strain               BL21 
_entity_src_gen.pdbx_host_org_variant              ? 
_entity_src_gen.pdbx_host_org_cell_line            ? 
_entity_src_gen.pdbx_host_org_atcc                 ? 
_entity_src_gen.pdbx_host_org_culture_collection   ? 
_entity_src_gen.pdbx_host_org_cell                 ? 
_entity_src_gen.pdbx_host_org_organelle            ? 
_entity_src_gen.pdbx_host_org_cellular_location    ? 
_entity_src_gen.pdbx_host_org_vector_type          Plasmid 
_entity_src_gen.pdbx_host_org_vector               ? 
_entity_src_gen.host_org_details                   ? 
_entity_src_gen.expression_system_id               ? 
_entity_src_gen.plasmid_name                       pET11 
_entity_src_gen.plasmid_details                    ? 
_entity_src_gen.pdbx_description                   ? 
# 
loop_
_chem_comp.id 
_chem_comp.type 
_chem_comp.mon_nstd_flag 
_chem_comp.name 
_chem_comp.pdbx_synonyms 
_chem_comp.formula 
_chem_comp.formula_weight 
ALA 'L-peptide linking' y ALANINE         ? 'C3 H7 N O2'     89.093  
ARG 'L-peptide linking' y ARGININE        ? 'C6 H15 N4 O2 1' 175.209 
ASN 'L-peptide linking' y ASPARAGINE      ? 'C4 H8 N2 O3'    132.118 
ASP 'L-peptide linking' y 'ASPARTIC ACID' ? 'C4 H7 N O4'     133.103 
CYS 'L-peptide linking' y CYSTEINE        ? 'C3 H7 N O2 S'   121.158 
GLN 'L-peptide linking' y GLUTAMINE       ? 'C5 H10 N2 O3'   146.144 
GLU 'L-peptide linking' y 'GLUTAMIC ACID' ? 'C5 H9 N O4'     147.129 
GLY 'peptide linking'   y GLYCINE         ? 'C2 H5 N O2'     75.067  
HIS 'L-peptide linking' y HISTIDINE       ? 'C6 H10 N3 O2 1' 156.162 
HOH non-polymer         . WATER           ? 'H2 O'           18.015  
ILE 'L-peptide linking' y ISOLEUCINE      ? 'C6 H13 N O2'    131.173 
LEU 'L-peptide linking' y LEUCINE         ? 'C6 H13 N O2'    131.173 
LYS 'L-peptide linking' y LYSINE          ? 'C6 H15 N2 O2 1' 147.195 
MET 'L-peptide linking' y METHIONINE      ? 'C5 H11 N O2 S'  149.211 
PHE 'L-peptide linking' y PHENYLALANINE   ? 'C9 H11 N O2'    165.189 
PRO 'L-peptide linking' y PROLINE         ? 'C5 H9 N O2'     115.130 
SER 'L-peptide linking' y SERINE          ? 'C3 H7 N O3'     105.093 
SO4 non-polymer         . 'SULFATE ION'   ? 'O4 S -2'        96.063  
THR 'L-peptide linking' y THREONINE       ? 'C4 H9 N O3'     119.119 
TYR 'L-peptide linking' y TYROSINE        ? 'C9 H11 N O3'    181.189 
VAL 'L-peptide linking' y VALINE          ? 'C5 H11 N O2'    117.146 
# 
loop_
_pdbx_poly_seq_scheme.asym_id 
_pdbx_poly_seq_scheme.entity_id 
_pdbx_poly_seq_scheme.seq_id 
_pdbx_poly_seq_scheme.mon_id 
_pdbx_poly_seq_scheme.ndb_seq_num 
_pdbx_poly_seq_scheme.pdb_seq_num 
_pdbx_poly_seq_scheme.auth_seq_num 
_pdbx_poly_seq_scheme.pdb_mon_id 
_pdbx_poly_seq_scheme.auth_mon_id 
_pdbx_poly_seq_scheme.pdb_strand_id 
_pdbx_poly_seq_scheme.pdb_ins_code 
_pdbx_poly_seq_scheme.hetero 
A 1 1   MET 1   1   1   MET MET A . n 
A 1 2   ASP 2   2   2   ASP ASP A . n 
A 1 3   LEU 3   3   3   LEU LEU A . n 
A 1 4   PRO 4   4   4   PRO PRO A . n 
A 1 5   TYR 5   5   5   TYR TYR A . n 
A 1 6   TYR 6   6   6   TYR TYR A . n 
A 1 7   HIS 7   7   7   HIS HIS A . n 
A 1 8   GLY 8   8   8   GLY GLY A . n 
A 1 9   ARG 9   9   9   ARG ARG A . n 
A 1 10  LEU 10  10  10  LEU LEU A . n 
A 1 11  THR 11  11  11  THR THR A . n 
A 1 12  LYS 12  12  12  LYS LYS A . n 
A 1 13  GLN 13  13  13  GLN GLN A . n 
A 1 14  ASP 14  14  14  ASP ASP A . n 
A 1 15  CYS 15  15  15  CYS CYS A . n 
A 1 16  GLU 16  16  16  GLU GLU A . n 
A 1 17  THR 17  17  17  THR THR A . n 
A 1 18  LEU 18  18  18  LEU LEU A . n 
A 1 19  LEU 19  19  19  LEU LEU A . n 
A 1 20  LEU 20  20  20  LEU LEU A . n 
A 1 21  LYS 21  21  21  LYS LYS A . n 
A 1 22  GLU 22  22  22  GLU GLU A . n 
A 1 23  GLY 23  23  23  GLY GLY A . n 
A 1 24  VAL 24  24  24  VAL VAL A . n 
A 1 25  ASP 25  25  25  ASP ASP A . n 
A 1 26  GLY 26  26  26  GLY GLY A . n 
A 1 27  ASN 27  27  27  ASN ASN A . n 
A 1 28  PHE 28  28  28  PHE PHE A . n 
A 1 29  LEU 29  29  29  LEU LEU A . n 
A 1 30  LEU 30  30  30  LEU LEU A . n 
A 1 31  ARG 31  31  31  ARG ARG A . n 
A 1 32  ASP 32  32  32  ASP ASP A . n 
A 1 33  SER 33  33  33  SER SER A . n 
A 1 34  GLU 34  34  34  GLU GLU A . n 
A 1 35  SER 35  35  35  SER SER A . n 
A 1 36  ILE 36  36  36  ILE ILE A . n 
A 1 37  PRO 37  37  37  PRO PRO A . n 
A 1 38  GLY 38  38  38  GLY GLY A . n 
A 1 39  VAL 39  39  39  VAL VAL A . n 
A 1 40  LEU 40  40  40  LEU LEU A . n 
A 1 41  CYS 41  41  41  CYS CYS A . n 
A 1 42  LEU 42  42  42  LEU LEU A . n 
A 1 43  CYS 43  43  43  CYS CYS A . n 
A 1 44  VAL 44  44  44  VAL VAL A . n 
A 1 45  SER 45  45  45  SER SER A . n 
A 1 46  PHE 46  46  46  PHE PHE A . n 
A 1 47  LYS 47  47  47  LYS LYS A . n 
A 1 48  ASN 48  48  48  ASN ASN A . n 
A 1 49  ILE 49  49  49  ILE ILE A . n 
A 1 50  VAL 50  50  50  VAL VAL A . n 
A 1 51  TYR 51  51  51  TYR TYR A . n 
A 1 52  THR 52  52  52  THR THR A . n 
A 1 53  TYR 53  53  53  TYR TYR A . n 
A 1 54  ARG 54  54  54  ARG ARG A . n 
A 1 55  ILE 55  55  55  ILE ILE A . n 
A 1 56  PHE 56  56  56  PHE PHE A . n 
A 1 57  ARG 57  57  57  ARG ARG A . n 
A 1 58  GLU 58  58  58  GLU GLU A . n 
A 1 59  LYS 59  59  59  LYS LYS A . n 
A 1 60  HIS 60  60  60  HIS HIS A . n 
A 1 61  GLY 61  61  61  GLY GLY A . n 
A 1 62  TYR 62  62  62  TYR TYR A . n 
A 1 63  TYR 63  63  63  TYR TYR A . n 
A 1 64  ARG 64  64  64  ARG ARG A . n 
A 1 65  ILE 65  65  65  ILE ILE A . n 
A 1 66  GLN 66  66  66  GLN GLN A . n 
A 1 67  THR 67  67  67  THR THR A . n 
A 1 68  ALA 68  68  68  ALA ALA A . n 
A 1 69  GLU 69  69  69  GLU GLU A . n 
A 1 70  GLY 70  70  70  GLY GLY A . n 
A 1 71  SER 71  71  71  SER SER A . n 
A 1 72  PRO 72  72  72  PRO PRO A . n 
A 1 73  LYS 73  73  73  LYS LYS A . n 
A 1 74  GLN 74  74  74  GLN GLN A . n 
A 1 75  VAL 75  75  75  VAL VAL A . n 
A 1 76  PHE 76  76  76  PHE PHE A . n 
A 1 77  PRO 77  77  77  PRO PRO A . n 
A 1 78  SER 78  78  78  SER SER A . n 
A 1 79  LEU 79  79  79  LEU LEU A . n 
A 1 80  LYS 80  80  80  LYS LYS A . n 
A 1 81  GLU 81  81  81  GLU GLU A . n 
A 1 82  LEU 82  82  82  LEU LEU A . n 
A 1 83  ILE 83  83  83  ILE ILE A . n 
A 1 84  SER 84  84  84  SER SER A . n 
A 1 85  LYS 85  85  85  LYS LYS A . n 
A 1 86  PHE 86  86  86  PHE PHE A . n 
A 1 87  GLU 87  87  87  GLU GLU A . n 
A 1 88  LYS 88  88  88  LYS LYS A . n 
A 1 89  PRO 89  89  89  PRO PRO A . n 
A 1 90  ASN 90  90  90  ASN ASN A . n 
A 1 91  GLN 91  91  91  GLN GLN A . n 
A 1 92  GLY 92  92  92  GLY GLY A . n 
A 1 93  MET 93  93  93  MET MET A . n 
A 1 94  VAL 94  94  94  VAL VAL A . n 
A 1 95  VAL 95  95  95  VAL VAL A . n 
A 1 96  HIS 96  96  96  HIS HIS A . n 
A 1 97  LEU 97  97  97  LEU LEU A . n 
A 1 98  LEU 98  98  98  LEU LEU A . n 
A 1 99  LYS 99  99  99  LYS LYS A . n 
A 1 100 PRO 100 100 100 PRO PRO A . n 
A 1 101 ILE 101 101 101 ILE ILE A . n 
A 1 102 LYS 102 102 102 LYS LYS A . n 
A 1 103 ARG 103 103 103 ARG ARG A . n 
A 1 104 THR 104 104 ?   ?   ?   A . n 
# 
loop_
_pdbx_nonpoly_scheme.asym_id 
_pdbx_nonpoly_scheme.entity_id 
_pdbx_nonpoly_scheme.mon_id 
_pdbx_nonpoly_scheme.ndb_seq_num 
_pdbx_nonpoly_scheme.pdb_seq_num 
_pdbx_nonpoly_scheme.auth_seq_num 
_pdbx_nonpoly_scheme.pdb_mon_id 
_pdbx_nonpoly_scheme.auth_mon_id 
_pdbx_nonpoly_scheme.pdb_strand_id 
_pdbx_nonpoly_scheme.pdb_ins_code 
B 2 SO4 1   201 1   SO4 SO4 A . 
C 3 HOH 1   301 147 HOH HOH A . 
C 3 HOH 2   302 62  HOH HOH A . 
C 3 HOH 3   303 29  HOH HOH A . 
C 3 HOH 4   304 89  HOH HOH A . 
C 3 HOH 5   305 112 HOH HOH A . 
C 3 HOH 6   306 48  HOH HOH A . 
C 3 HOH 7   307 71  HOH HOH A . 
C 3 HOH 8   308 73  HOH HOH A . 
C 3 HOH 9   309 55  HOH HOH A . 
C 3 HOH 10  310 120 HOH HOH A . 
C 3 HOH 11  311 131 HOH HOH A . 
C 3 HOH 12  312 134 HOH HOH A . 
C 3 HOH 13  313 24  HOH HOH A . 
C 3 HOH 14  314 42  HOH HOH A . 
C 3 HOH 15  315 21  HOH HOH A . 
C 3 HOH 16  316 17  HOH HOH A . 
C 3 HOH 17  317 6   HOH HOH A . 
C 3 HOH 18  318 14  HOH HOH A . 
C 3 HOH 19  319 86  HOH HOH A . 
C 3 HOH 20  320 28  HOH HOH A . 
C 3 HOH 21  321 7   HOH HOH A . 
C 3 HOH 22  322 10  HOH HOH A . 
C 3 HOH 23  323 39  HOH HOH A . 
C 3 HOH 24  324 49  HOH HOH A . 
C 3 HOH 25  325 5   HOH HOH A . 
C 3 HOH 26  326 108 HOH HOH A . 
C 3 HOH 27  327 46  HOH HOH A . 
C 3 HOH 28  328 30  HOH HOH A . 
C 3 HOH 29  329 35  HOH HOH A . 
C 3 HOH 30  330 110 HOH HOH A . 
C 3 HOH 31  331 101 HOH HOH A . 
C 3 HOH 32  332 1   HOH HOH A . 
C 3 HOH 33  333 69  HOH HOH A . 
C 3 HOH 34  334 27  HOH HOH A . 
C 3 HOH 35  335 4   HOH HOH A . 
C 3 HOH 36  336 36  HOH HOH A . 
C 3 HOH 37  337 3   HOH HOH A . 
C 3 HOH 38  338 57  HOH HOH A . 
C 3 HOH 39  339 126 HOH HOH A . 
C 3 HOH 40  340 88  HOH HOH A . 
C 3 HOH 41  341 43  HOH HOH A . 
C 3 HOH 42  342 8   HOH HOH A . 
C 3 HOH 43  343 61  HOH HOH A . 
C 3 HOH 44  344 129 HOH HOH A . 
C 3 HOH 45  345 118 HOH HOH A . 
C 3 HOH 46  346 25  HOH HOH A . 
C 3 HOH 47  347 31  HOH HOH A . 
C 3 HOH 48  348 124 HOH HOH A . 
C 3 HOH 49  349 64  HOH HOH A . 
C 3 HOH 50  350 15  HOH HOH A . 
C 3 HOH 51  351 38  HOH HOH A . 
C 3 HOH 52  352 72  HOH HOH A . 
C 3 HOH 53  353 9   HOH HOH A . 
C 3 HOH 54  354 18  HOH HOH A . 
C 3 HOH 55  355 16  HOH HOH A . 
C 3 HOH 56  356 78  HOH HOH A . 
C 3 HOH 57  357 47  HOH HOH A . 
C 3 HOH 58  358 11  HOH HOH A . 
C 3 HOH 59  359 22  HOH HOH A . 
C 3 HOH 60  360 135 HOH HOH A . 
C 3 HOH 61  361 19  HOH HOH A . 
C 3 HOH 62  362 13  HOH HOH A . 
C 3 HOH 63  363 33  HOH HOH A . 
C 3 HOH 64  364 52  HOH HOH A . 
C 3 HOH 65  365 45  HOH HOH A . 
C 3 HOH 66  366 94  HOH HOH A . 
C 3 HOH 67  367 12  HOH HOH A . 
C 3 HOH 68  368 34  HOH HOH A . 
C 3 HOH 69  369 44  HOH HOH A . 
C 3 HOH 70  370 56  HOH HOH A . 
C 3 HOH 71  371 58  HOH HOH A . 
C 3 HOH 72  372 54  HOH HOH A . 
C 3 HOH 73  373 100 HOH HOH A . 
C 3 HOH 74  374 107 HOH HOH A . 
C 3 HOH 75  375 26  HOH HOH A . 
C 3 HOH 76  376 41  HOH HOH A . 
C 3 HOH 77  377 76  HOH HOH A . 
C 3 HOH 78  378 85  HOH HOH A . 
C 3 HOH 79  379 146 HOH HOH A . 
C 3 HOH 80  380 148 HOH HOH A . 
C 3 HOH 81  381 143 HOH HOH A . 
C 3 HOH 82  382 50  HOH HOH A . 
C 3 HOH 83  383 121 HOH HOH A . 
C 3 HOH 84  384 114 HOH HOH A . 
C 3 HOH 85  385 123 HOH HOH A . 
C 3 HOH 86  386 96  HOH HOH A . 
C 3 HOH 87  387 132 HOH HOH A . 
C 3 HOH 88  388 82  HOH HOH A . 
C 3 HOH 89  389 81  HOH HOH A . 
C 3 HOH 90  390 59  HOH HOH A . 
C 3 HOH 91  391 90  HOH HOH A . 
C 3 HOH 92  392 83  HOH HOH A . 
C 3 HOH 93  393 40  HOH HOH A . 
C 3 HOH 94  394 53  HOH HOH A . 
C 3 HOH 95  395 136 HOH HOH A . 
C 3 HOH 96  396 116 HOH HOH A . 
C 3 HOH 97  397 75  HOH HOH A . 
C 3 HOH 98  398 152 HOH HOH A . 
C 3 HOH 99  399 139 HOH HOH A . 
C 3 HOH 100 400 84  HOH HOH A . 
C 3 HOH 101 401 140 HOH HOH A . 
C 3 HOH 102 402 60  HOH HOH A . 
C 3 HOH 103 403 2   HOH HOH A . 
C 3 HOH 104 404 106 HOH HOH A . 
C 3 HOH 105 405 115 HOH HOH A . 
C 3 HOH 106 406 150 HOH HOH A . 
C 3 HOH 107 407 92  HOH HOH A . 
C 3 HOH 108 408 125 HOH HOH A . 
C 3 HOH 109 409 87  HOH HOH A . 
C 3 HOH 110 410 109 HOH HOH A . 
C 3 HOH 111 411 105 HOH HOH A . 
C 3 HOH 112 412 145 HOH HOH A . 
C 3 HOH 113 413 99  HOH HOH A . 
C 3 HOH 114 414 79  HOH HOH A . 
C 3 HOH 115 415 113 HOH HOH A . 
C 3 HOH 116 416 138 HOH HOH A . 
C 3 HOH 117 417 133 HOH HOH A . 
C 3 HOH 118 418 151 HOH HOH A . 
C 3 HOH 119 419 127 HOH HOH A . 
C 3 HOH 120 420 98  HOH HOH A . 
C 3 HOH 121 421 74  HOH HOH A . 
C 3 HOH 122 422 130 HOH HOH A . 
C 3 HOH 123 423 63  HOH HOH A . 
C 3 HOH 124 424 149 HOH HOH A . 
C 3 HOH 125 425 20  HOH HOH A . 
C 3 HOH 126 426 68  HOH HOH A . 
C 3 HOH 127 427 32  HOH HOH A . 
C 3 HOH 128 428 67  HOH HOH A . 
C 3 HOH 129 429 91  HOH HOH A . 
C 3 HOH 130 430 141 HOH HOH A . 
C 3 HOH 131 431 137 HOH HOH A . 
C 3 HOH 132 432 66  HOH HOH A . 
C 3 HOH 133 433 23  HOH HOH A . 
C 3 HOH 134 434 104 HOH HOH A . 
C 3 HOH 135 435 119 HOH HOH A . 
C 3 HOH 136 436 70  HOH HOH A . 
C 3 HOH 137 437 117 HOH HOH A . 
C 3 HOH 138 438 102 HOH HOH A . 
C 3 HOH 139 439 128 HOH HOH A . 
C 3 HOH 140 440 97  HOH HOH A . 
C 3 HOH 141 441 37  HOH HOH A . 
C 3 HOH 142 442 80  HOH HOH A . 
C 3 HOH 143 443 95  HOH HOH A . 
C 3 HOH 144 444 144 HOH HOH A . 
C 3 HOH 145 445 142 HOH HOH A . 
C 3 HOH 146 446 65  HOH HOH A . 
C 3 HOH 147 447 77  HOH HOH A . 
C 3 HOH 148 448 111 HOH HOH A . 
C 3 HOH 149 449 122 HOH HOH A . 
C 3 HOH 150 450 51  HOH HOH A . 
C 3 HOH 151 451 93  HOH HOH A . 
C 3 HOH 152 452 103 HOH HOH A . 
# 
loop_
_software.citation_id 
_software.classification 
_software.compiler_name 
_software.compiler_version 
_software.contact_author 
_software.contact_author_email 
_software.date 
_software.description 
_software.dependencies 
_software.hardware 
_software.language 
_software.location 
_software.mods 
_software.name 
_software.os 
_software.os_version 
_software.type 
_software.version 
_software.pdbx_ordinal 
? 'data reduction' ? ? ? ? ? ? ? ? ? ? ? HKL-2000 ? ? ? .          1 
? 'data scaling'   ? ? ? ? ? ? ? ? ? ? ? HKL-2000 ? ? ? .          2 
? phasing          ? ? ? ? ? ? ? ? ? ? ? PHASER   ? ? ? .          3 
? refinement       ? ? ? ? ? ? ? ? ? ? ? PHENIX   ? ? ? 1.8.4_1496 4 
# 
_cell.entry_id           5KAZ 
_cell.length_a           66.983 
_cell.length_b           66.983 
_cell.length_c           105.155 
_cell.angle_alpha        90.00 
_cell.angle_beta         90.00 
_cell.angle_gamma        90.00 
_cell.Z_PDB              16 
_cell.pdbx_unique_axis   ? 
# 
_symmetry.entry_id                         5KAZ 
_symmetry.space_group_name_H-M             'I 4 2 2' 
_symmetry.pdbx_full_space_group_name_H-M   ? 
_symmetry.cell_setting                     ? 
_symmetry.Int_Tables_number                97 
# 
_exptl.absorpt_coefficient_mu     ? 
_exptl.absorpt_correction_T_max   ? 
_exptl.absorpt_correction_T_min   ? 
_exptl.absorpt_correction_type    ? 
_exptl.absorpt_process_details    ? 
_exptl.entry_id                   5KAZ 
_exptl.crystals_number            1 
_exptl.details                    ? 
_exptl.method                     'X-RAY DIFFRACTION' 
_exptl.method_details             ? 
# 
_exptl_crystal.colour                      ? 
_exptl_crystal.density_diffrn              ? 
_exptl_crystal.density_Matthews            2.44 
_exptl_crystal.density_method              ? 
_exptl_crystal.density_percent_sol         49.54 
_exptl_crystal.description                 ? 
_exptl_crystal.F_000                       ? 
_exptl_crystal.id                          1 
_exptl_crystal.preparation                 ? 
_exptl_crystal.size_max                    ? 
_exptl_crystal.size_mid                    ? 
_exptl_crystal.size_min                    ? 
_exptl_crystal.size_rad                    ? 
_exptl_crystal.colour_lustre               ? 
_exptl_crystal.colour_modifier             ? 
_exptl_crystal.colour_primary              ? 
_exptl_crystal.density_meas                ? 
_exptl_crystal.density_meas_esd            ? 
_exptl_crystal.density_meas_gt             ? 
_exptl_crystal.density_meas_lt             ? 
_exptl_crystal.density_meas_temp           ? 
_exptl_crystal.density_meas_temp_esd       ? 
_exptl_crystal.density_meas_temp_gt        ? 
_exptl_crystal.density_meas_temp_lt        ? 
_exptl_crystal.pdbx_crystal_image_url      ? 
_exptl_crystal.pdbx_crystal_image_format   ? 
_exptl_crystal.pdbx_mosaicity              ? 
_exptl_crystal.pdbx_mosaicity_esd          ? 
# 
_exptl_crystal_grow.apparatus       ? 
_exptl_crystal_grow.atmosphere      ? 
_exptl_crystal_grow.crystal_id      1 
_exptl_crystal_grow.details         ? 
_exptl_crystal_grow.method          'VAPOR DIFFUSION, HANGING DROP' 
_exptl_crystal_grow.method_ref      ? 
_exptl_crystal_grow.pH              5.5 
_exptl_crystal_grow.pressure        ? 
_exptl_crystal_grow.pressure_esd    ? 
_exptl_crystal_grow.seeding         ? 
_exptl_crystal_grow.seeding_ref     ? 
_exptl_crystal_grow.temp            293 
_exptl_crystal_grow.temp_details    ? 
_exptl_crystal_grow.temp_esd        ? 
_exptl_crystal_grow.time            ? 
_exptl_crystal_grow.pdbx_details    '0.1 M Na-Citrate pH 5.5, 24% PEG 4000, 50 mM (NH)2SO4' 
_exptl_crystal_grow.pdbx_pH_range   ? 
# 
_diffrn.ambient_environment    ? 
_diffrn.ambient_temp           100 
_diffrn.ambient_temp_details   ? 
_diffrn.ambient_temp_esd       ? 
_diffrn.crystal_id             1 
_diffrn.crystal_support        ? 
_diffrn.crystal_treatment      ? 
_diffrn.details                ? 
_diffrn.id                     1 
_diffrn.ambient_pressure       ? 
_diffrn.ambient_pressure_esd   ? 
_diffrn.ambient_pressure_gt    ? 
_diffrn.ambient_pressure_lt    ? 
_diffrn.ambient_temp_gt        ? 
_diffrn.ambient_temp_lt        ? 
# 
_diffrn_detector.details                      ? 
_diffrn_detector.detector                     CCD 
_diffrn_detector.diffrn_id                    1 
_diffrn_detector.type                         'MARMOSAIC 325 mm CCD' 
_diffrn_detector.area_resol_mean              ? 
_diffrn_detector.dtime                        ? 
_diffrn_detector.pdbx_frames_total            ? 
_diffrn_detector.pdbx_collection_time_total   ? 
_diffrn_detector.pdbx_collection_date         2006-03-09 
# 
_diffrn_radiation.collimation                      ? 
_diffrn_radiation.diffrn_id                        1 
_diffrn_radiation.filter_edge                      ? 
_diffrn_radiation.inhomogeneity                    ? 
_diffrn_radiation.monochromator                    ? 
_diffrn_radiation.polarisn_norm                    ? 
_diffrn_radiation.polarisn_ratio                   ? 
_diffrn_radiation.probe                            ? 
_diffrn_radiation.type                             ? 
_diffrn_radiation.xray_symbol                      ? 
_diffrn_radiation.wavelength_id                    1 
_diffrn_radiation.pdbx_monochromatic_or_laue_m_l   M 
_diffrn_radiation.pdbx_wavelength_list             ? 
_diffrn_radiation.pdbx_wavelength                  ? 
_diffrn_radiation.pdbx_diffrn_protocol             'SINGLE WAVELENGTH' 
_diffrn_radiation.pdbx_analyzer                    ? 
_diffrn_radiation.pdbx_scattering_type             x-ray 
# 
_diffrn_radiation_wavelength.id           1 
_diffrn_radiation_wavelength.wavelength   1.0 
_diffrn_radiation_wavelength.wt           1.0 
# 
_diffrn_source.current                     ? 
_diffrn_source.details                     ? 
_diffrn_source.diffrn_id                   1 
_diffrn_source.power                       ? 
_diffrn_source.size                        ? 
_diffrn_source.source                      SYNCHROTRON 
_diffrn_source.target                      ? 
_diffrn_source.type                        'APS BEAMLINE 22-ID' 
_diffrn_source.voltage                     ? 
_diffrn_source.take-off_angle              ? 
_diffrn_source.pdbx_wavelength_list        1.0 
_diffrn_source.pdbx_wavelength             ? 
_diffrn_source.pdbx_synchrotron_beamline   22-ID 
_diffrn_source.pdbx_synchrotron_site       APS 
# 
_reflns.B_iso_Wilson_estimate            ? 
_reflns.entry_id                         5KAZ 
_reflns.data_reduction_details           ? 
_reflns.data_reduction_method            ? 
_reflns.d_resolution_high                1.7 
_reflns.d_resolution_low                 31.054 
_reflns.details                          ? 
_reflns.limit_h_max                      ? 
_reflns.limit_h_min                      ? 
_reflns.limit_k_max                      ? 
_reflns.limit_k_min                      ? 
_reflns.limit_l_max                      ? 
_reflns.limit_l_min                      ? 
_reflns.number_all                       ? 
_reflns.number_obs                       13571 
_reflns.observed_criterion               ? 
_reflns.observed_criterion_F_max         ? 
_reflns.observed_criterion_F_min         ? 
_reflns.observed_criterion_I_max         ? 
_reflns.observed_criterion_I_min         ? 
_reflns.observed_criterion_sigma_F       ? 
_reflns.observed_criterion_sigma_I       ? 
_reflns.percent_possible_obs             98.8 
_reflns.R_free_details                   ? 
_reflns.Rmerge_F_all                     ? 
_reflns.Rmerge_F_obs                     ? 
_reflns.Friedel_coverage                 ? 
_reflns.number_gt                        ? 
_reflns.threshold_expression             ? 
_reflns.pdbx_redundancy                  4.1 
_reflns.pdbx_Rmerge_I_obs                ? 
_reflns.pdbx_Rmerge_I_all                ? 
_reflns.pdbx_Rsym_value                  ? 
_reflns.pdbx_netI_over_av_sigmaI         ? 
_reflns.pdbx_netI_over_sigmaI            33.9 
_reflns.pdbx_res_netI_over_av_sigmaI_2   ? 
_reflns.pdbx_res_netI_over_sigmaI_2      ? 
_reflns.pdbx_chi_squared                 ? 
_reflns.pdbx_scaling_rejects             ? 
_reflns.pdbx_d_res_high_opt              ? 
_reflns.pdbx_d_res_low_opt               ? 
_reflns.pdbx_d_res_opt_method            ? 
_reflns.phase_calculation_details        ? 
_reflns.pdbx_Rrim_I_all                  ? 
_reflns.pdbx_Rpim_I_all                  ? 
_reflns.pdbx_d_opt                       ? 
_reflns.pdbx_number_measured_all         ? 
_reflns.pdbx_diffrn_id                   1 
_reflns.pdbx_ordinal                     1 
_reflns.pdbx_CC_half                     ? 
_reflns.pdbx_R_split                     ? 
# 
_refine.pdbx_refine_id                           'X-RAY DIFFRACTION' 
_refine.entry_id                                 5KAZ 
_refine.pdbx_diffrn_id                           1 
_refine.pdbx_TLS_residual_ADP_flag               ? 
_refine.ls_number_reflns_obs                     13365 
_refine.ls_number_reflns_all                     ? 
_refine.pdbx_ls_sigma_I                          ? 
_refine.pdbx_ls_sigma_F                          1.50 
_refine.pdbx_data_cutoff_high_absF               ? 
_refine.pdbx_data_cutoff_low_absF                ? 
_refine.pdbx_data_cutoff_high_rms_absF           ? 
_refine.ls_d_res_low                             35.191 
_refine.ls_d_res_high                            1.700 
_refine.ls_percent_reflns_obs                    98.50 
_refine.ls_R_factor_obs                          0.1907 
_refine.ls_R_factor_all                          ? 
_refine.ls_R_factor_R_work                       0.1894 
_refine.ls_R_factor_R_free                       0.2143 
_refine.ls_R_factor_R_free_error                 ? 
_refine.ls_R_factor_R_free_error_details         ? 
_refine.ls_percent_reflns_R_free                 4.88 
_refine.ls_number_reflns_R_free                  652 
_refine.ls_number_parameters                     ? 
_refine.ls_number_restraints                     ? 
_refine.occupancy_min                            ? 
_refine.occupancy_max                            ? 
_refine.correlation_coeff_Fo_to_Fc               ? 
_refine.correlation_coeff_Fo_to_Fc_free          ? 
_refine.B_iso_mean                               ? 
_refine.aniso_B[1][1]                            ? 
_refine.aniso_B[2][2]                            ? 
_refine.aniso_B[3][3]                            ? 
_refine.aniso_B[1][2]                            ? 
_refine.aniso_B[1][3]                            ? 
_refine.aniso_B[2][3]                            ? 
_refine.solvent_model_details                    'FLAT BULK SOLVENT MODEL' 
_refine.solvent_model_param_ksol                 ? 
_refine.solvent_model_param_bsol                 ? 
_refine.pdbx_solvent_vdw_probe_radii             1.11 
_refine.pdbx_solvent_ion_probe_radii             ? 
_refine.pdbx_solvent_shrinkage_radii             0.90 
_refine.pdbx_ls_cross_valid_method               ? 
_refine.details                                  ? 
_refine.pdbx_starting_model                      ? 
_refine.pdbx_method_to_determine_struct          ? 
_refine.pdbx_isotropic_thermal_model             ? 
_refine.pdbx_stereochemistry_target_values       ML 
_refine.pdbx_stereochem_target_val_spec_case     ? 
_refine.pdbx_R_Free_selection_details            ? 
_refine.pdbx_overall_ESU_R                       ? 
_refine.pdbx_overall_ESU_R_Free                  ? 
_refine.overall_SU_ML                            0.14 
_refine.pdbx_overall_phase_error                 22.35 
_refine.overall_SU_B                             ? 
_refine.overall_SU_R_Cruickshank_DPI             ? 
_refine.pdbx_overall_SU_R_free_Cruickshank_DPI   ? 
_refine.pdbx_overall_SU_R_Blow_DPI               ? 
_refine.pdbx_overall_SU_R_free_Blow_DPI          ? 
# 
_refine_hist.pdbx_refine_id                   'X-RAY DIFFRACTION' 
_refine_hist.cycle_id                         LAST 
_refine_hist.pdbx_number_atoms_protein        1686 
_refine_hist.pdbx_number_atoms_nucleic_acid   0 
_refine_hist.pdbx_number_atoms_ligand         10 
_refine_hist.number_atoms_solvent             282 
_refine_hist.number_atoms_total               1978 
_refine_hist.d_res_high                       1.700 
_refine_hist.d_res_low                        35.191 
# 
loop_
_refine_ls_restr.type 
_refine_ls_restr.dev_ideal 
_refine_ls_restr.dev_ideal_target 
_refine_ls_restr.weight 
_refine_ls_restr.number 
_refine_ls_restr.pdbx_refine_id 
_refine_ls_restr.pdbx_restraint_function 
f_bond_d           0.007  ? ? 866  'X-RAY DIFFRACTION' ? 
f_angle_d          1.209  ? ? 1166 'X-RAY DIFFRACTION' ? 
f_dihedral_angle_d 12.853 ? ? 336  'X-RAY DIFFRACTION' ? 
f_chiral_restr     0.045  ? ? 126  'X-RAY DIFFRACTION' ? 
f_plane_restr      0.005  ? ? 147  'X-RAY DIFFRACTION' ? 
# 
loop_
_refine_ls_shell.pdbx_refine_id 
_refine_ls_shell.pdbx_total_number_of_bins_used 
_refine_ls_shell.d_res_high 
_refine_ls_shell.d_res_low 
_refine_ls_shell.number_reflns_R_work 
_refine_ls_shell.R_factor_R_work 
_refine_ls_shell.percent_reflns_obs 
_refine_ls_shell.R_factor_R_free 
_refine_ls_shell.R_factor_R_free_error 
_refine_ls_shell.percent_reflns_R_free 
_refine_ls_shell.number_reflns_R_free 
_refine_ls_shell.number_reflns_all 
_refine_ls_shell.R_factor_all 
'X-RAY DIFFRACTION' . 1.6999 1.8312  2510 0.1977 99.00 0.2565 . . 109 . . 
'X-RAY DIFFRACTION' . 1.8312 2.0154  2498 0.1983 99.00 0.2417 . . 136 . . 
'X-RAY DIFFRACTION' . 2.0154 2.3070  2551 0.1917 99.00 0.2264 . . 116 . . 
'X-RAY DIFFRACTION' . 2.3070 2.9064  2534 0.2156 99.00 0.2006 . . 139 . . 
'X-RAY DIFFRACTION' . 2.9064 35.1982 2620 0.1745 97.00 0.2083 . . 152 . . 
# 
_struct.entry_id                     5KAZ 
_struct.title                        'Human SH2D1B structure' 
_struct.pdbx_model_details           ? 
_struct.pdbx_formula_weight          ? 
_struct.pdbx_formula_weight_method   ? 
_struct.pdbx_model_type_details      ? 
_struct.pdbx_CASP_flag               N 
# 
_struct_keywords.entry_id        5KAZ 
_struct_keywords.text            'SH2D1B, EAT2, SLAM, SAP, SIGNALING PROTEIN' 
_struct_keywords.pdbx_keywords   'SIGNALING PROTEIN' 
# 
loop_
_struct_asym.id 
_struct_asym.pdbx_blank_PDB_chainid_flag 
_struct_asym.pdbx_modified 
_struct_asym.entity_id 
_struct_asym.details 
A N N 1 ? 
B N N 2 ? 
C N N 3 ? 
# 
_struct_ref.id                         1 
_struct_ref.db_name                    UNP 
_struct_ref.db_code                    SH21B_HUMAN 
_struct_ref.pdbx_db_accession          O14796 
_struct_ref.pdbx_db_isoform            ? 
_struct_ref.entity_id                  1 
_struct_ref.pdbx_seq_one_letter_code   
;MDLPYYHGRLTKQDCETLLLKEGVDGNFLLRDSESIPGVLCLCVSFKNIVYTYRIFREKHGYYRIQTAEGSPKQVFPSLK
ELISKFEKPNQGMVVHLLKPIKRT
;
_struct_ref.pdbx_align_begin           1 
# 
_struct_ref_seq.align_id                      1 
_struct_ref_seq.ref_id                        1 
_struct_ref_seq.pdbx_PDB_id_code              5KAZ 
_struct_ref_seq.pdbx_strand_id                A 
_struct_ref_seq.seq_align_beg                 1 
_struct_ref_seq.pdbx_seq_align_beg_ins_code   ? 
_struct_ref_seq.seq_align_end                 104 
_struct_ref_seq.pdbx_seq_align_end_ins_code   ? 
_struct_ref_seq.pdbx_db_accession             O14796 
_struct_ref_seq.db_align_beg                  1 
_struct_ref_seq.pdbx_db_align_beg_ins_code    ? 
_struct_ref_seq.db_align_end                  104 
_struct_ref_seq.pdbx_db_align_end_ins_code    ? 
_struct_ref_seq.pdbx_auth_seq_align_beg       1 
_struct_ref_seq.pdbx_auth_seq_align_end       104 
# 
_pdbx_struct_assembly.id                   1 
_pdbx_struct_assembly.details              author_defined_assembly 
_pdbx_struct_assembly.method_details       ? 
_pdbx_struct_assembly.oligomeric_details   monomeric 
_pdbx_struct_assembly.oligomeric_count     1 
# 
_pdbx_struct_assembly_gen.assembly_id       1 
_pdbx_struct_assembly_gen.oper_expression   1 
_pdbx_struct_assembly_gen.asym_id_list      A,B,C 
# 
_pdbx_struct_oper_list.id                   1 
_pdbx_struct_oper_list.type                 'identity operation' 
_pdbx_struct_oper_list.name                 1_555 
_pdbx_struct_oper_list.symmetry_operation   x,y,z 
_pdbx_struct_oper_list.matrix[1][1]         1.0000000000 
_pdbx_struct_oper_list.matrix[1][2]         0.0000000000 
_pdbx_struct_oper_list.matrix[1][3]         0.0000000000 
_pdbx_struct_oper_list.vector[1]            0.0000000000 
_pdbx_struct_oper_list.matrix[2][1]         0.0000000000 
_pdbx_struct_oper_list.matrix[2][2]         1.0000000000 
_pdbx_struct_oper_list.matrix[2][3]         0.0000000000 
_pdbx_struct_oper_list.vector[2]            0.0000000000 
_pdbx_struct_oper_list.matrix[3][1]         0.0000000000 
_pdbx_struct_oper_list.matrix[3][2]         0.0000000000 
_pdbx_struct_oper_list.matrix[3][3]         1.0000000000 
_pdbx_struct_oper_list.vector[3]            0.0000000000 
# 
loop_
_struct_conf.conf_type_id 
_struct_conf.id 
_struct_conf.pdbx_PDB_helix_id 
_struct_conf.beg_label_comp_id 
_struct_conf.beg_label_asym_id 
_struct_conf.beg_label_seq_id 
_struct_conf.pdbx_beg_PDB_ins_code 
_struct_conf.end_label_comp_id 
_struct_conf.end_label_asym_id 
_struct_conf.end_label_seq_id 
_struct_conf.pdbx_end_PDB_ins_code 
_struct_conf.beg_auth_comp_id 
_struct_conf.beg_auth_asym_id 
_struct_conf.beg_auth_seq_id 
_struct_conf.end_auth_comp_id 
_struct_conf.end_auth_asym_id 
_struct_conf.end_auth_seq_id 
_struct_conf.pdbx_PDB_helix_class 
_struct_conf.details 
_struct_conf.pdbx_PDB_helix_length 
HELX_P HELX_P1 AA1 THR A 11 ? LYS A 21 ? THR A 11 LYS A 21 1 ? 11 
HELX_P HELX_P2 AA2 SER A 78 ? LYS A 88 ? SER A 78 LYS A 88 1 ? 11 
# 
_struct_conf_type.id          HELX_P 
_struct_conf_type.criteria    ? 
_struct_conf_type.reference   ? 
# 
_struct_mon_prot_cis.pdbx_id                1 
_struct_mon_prot_cis.label_comp_id          GLU 
_struct_mon_prot_cis.label_seq_id           58 
_struct_mon_prot_cis.label_asym_id          A 
_struct_mon_prot_cis.label_alt_id           . 
_struct_mon_prot_cis.pdbx_PDB_ins_code      ? 
_struct_mon_prot_cis.auth_comp_id           GLU 
_struct_mon_prot_cis.auth_seq_id            58 
_struct_mon_prot_cis.auth_asym_id           A 
_struct_mon_prot_cis.pdbx_label_comp_id_2   LYS 
_struct_mon_prot_cis.pdbx_label_seq_id_2    59 
_struct_mon_prot_cis.pdbx_label_asym_id_2   A 
_struct_mon_prot_cis.pdbx_PDB_ins_code_2    ? 
_struct_mon_prot_cis.pdbx_auth_comp_id_2    LYS 
_struct_mon_prot_cis.pdbx_auth_seq_id_2     59 
_struct_mon_prot_cis.pdbx_auth_asym_id_2    A 
_struct_mon_prot_cis.pdbx_PDB_model_num     1 
_struct_mon_prot_cis.pdbx_omega_angle       -9.15 
# 
_struct_sheet.id               AA1 
_struct_sheet.type             ? 
_struct_sheet.number_strands   6 
_struct_sheet.details          ? 
# 
loop_
_struct_sheet_order.sheet_id 
_struct_sheet_order.range_id_1 
_struct_sheet_order.range_id_2 
_struct_sheet_order.offset 
_struct_sheet_order.sense 
AA1 1 2 ? anti-parallel 
AA1 2 3 ? anti-parallel 
AA1 3 4 ? anti-parallel 
AA1 4 5 ? anti-parallel 
AA1 5 6 ? parallel      
# 
loop_
_struct_sheet_range.sheet_id 
_struct_sheet_range.id 
_struct_sheet_range.beg_label_comp_id 
_struct_sheet_range.beg_label_asym_id 
_struct_sheet_range.beg_label_seq_id 
_struct_sheet_range.pdbx_beg_PDB_ins_code 
_struct_sheet_range.end_label_comp_id 
_struct_sheet_range.end_label_asym_id 
_struct_sheet_range.end_label_seq_id 
_struct_sheet_range.pdbx_end_PDB_ins_code 
_struct_sheet_range.beg_auth_comp_id 
_struct_sheet_range.beg_auth_asym_id 
_struct_sheet_range.beg_auth_seq_id 
_struct_sheet_range.end_auth_comp_id 
_struct_sheet_range.end_auth_asym_id 
_struct_sheet_range.end_auth_seq_id 
AA1 1 GLN A 74 ? PHE A 76  ? GLN A 74 PHE A 76  
AA1 2 TYR A 63 ? ILE A 65  ? TYR A 63 ILE A 65  
AA1 3 ILE A 49 ? ARG A 57  ? ILE A 49 ARG A 57  
AA1 4 LEU A 40 ? PHE A 46  ? LEU A 40 PHE A 46  
AA1 5 ASN A 27 ? ASP A 32  ? ASN A 27 ASP A 32  
AA1 6 LYS A 99 ? PRO A 100 ? LYS A 99 PRO A 100 
# 
loop_
_pdbx_struct_sheet_hbond.sheet_id 
_pdbx_struct_sheet_hbond.range_id_1 
_pdbx_struct_sheet_hbond.range_id_2 
_pdbx_struct_sheet_hbond.range_1_label_atom_id 
_pdbx_struct_sheet_hbond.range_1_label_comp_id 
_pdbx_struct_sheet_hbond.range_1_label_asym_id 
_pdbx_struct_sheet_hbond.range_1_label_seq_id 
_pdbx_struct_sheet_hbond.range_1_PDB_ins_code 
_pdbx_struct_sheet_hbond.range_1_auth_atom_id 
_pdbx_struct_sheet_hbond.range_1_auth_comp_id 
_pdbx_struct_sheet_hbond.range_1_auth_asym_id 
_pdbx_struct_sheet_hbond.range_1_auth_seq_id 
_pdbx_struct_sheet_hbond.range_2_label_atom_id 
_pdbx_struct_sheet_hbond.range_2_label_comp_id 
_pdbx_struct_sheet_hbond.range_2_label_asym_id 
_pdbx_struct_sheet_hbond.range_2_label_seq_id 
_pdbx_struct_sheet_hbond.range_2_PDB_ins_code 
_pdbx_struct_sheet_hbond.range_2_auth_atom_id 
_pdbx_struct_sheet_hbond.range_2_auth_comp_id 
_pdbx_struct_sheet_hbond.range_2_auth_asym_id 
_pdbx_struct_sheet_hbond.range_2_auth_seq_id 
AA1 1 2 O GLN A 74 ? O GLN A 74 N ILE A 65 ? N ILE A 65 
AA1 2 3 O ARG A 64 ? O ARG A 64 N PHE A 56 ? N PHE A 56 
AA1 3 4 O ILE A 55 ? O ILE A 55 N LEU A 40 ? N LEU A 40 
AA1 4 5 O CYS A 41 ? O CYS A 41 N ARG A 31 ? N ARG A 31 
AA1 5 6 N PHE A 28 ? N PHE A 28 O LYS A 99 ? O LYS A 99 
# 
_struct_site.id                   AC1 
_struct_site.pdbx_evidence_code   Software 
_struct_site.pdbx_auth_asym_id    A 
_struct_site.pdbx_auth_comp_id    SO4 
_struct_site.pdbx_auth_seq_id     201 
_struct_site.pdbx_auth_ins_code   ? 
_struct_site.pdbx_num_residues    8 
_struct_site.details              'binding site for residue SO4 A 201' 
# 
loop_
_struct_site_gen.id 
_struct_site_gen.site_id 
_struct_site_gen.pdbx_num_res 
_struct_site_gen.label_comp_id 
_struct_site_gen.label_asym_id 
_struct_site_gen.label_seq_id 
_struct_site_gen.pdbx_auth_ins_code 
_struct_site_gen.auth_comp_id 
_struct_site_gen.auth_asym_id 
_struct_site_gen.auth_seq_id 
_struct_site_gen.label_atom_id 
_struct_site_gen.label_alt_id 
_struct_site_gen.symmetry 
_struct_site_gen.details 
1 AC1 8 LYS A 12 ? LYS A 12  . ? 1_555 ? 
2 AC1 8 ARG A 31 ? ARG A 31  . ? 1_555 ? 
3 AC1 8 SER A 33 ? SER A 33  . ? 1_555 ? 
4 AC1 8 GLU A 34 ? GLU A 34  . ? 1_555 ? 
5 AC1 8 CYS A 41 ? CYS A 41  . ? 1_555 ? 
6 AC1 8 ARG A 54 ? ARG A 54  . ? 1_555 ? 
7 AC1 8 HOH C .  ? HOH A 303 . ? 1_555 ? 
8 AC1 8 HOH C .  ? HOH A 329 . ? 1_555 ? 
# 
loop_
_pdbx_validate_close_contact.id 
_pdbx_validate_close_contact.PDB_model_num 
_pdbx_validate_close_contact.auth_atom_id_1 
_pdbx_validate_close_contact.auth_asym_id_1 
_pdbx_validate_close_contact.auth_comp_id_1 
_pdbx_validate_close_contact.auth_seq_id_1 
_pdbx_validate_close_contact.PDB_ins_code_1 
_pdbx_validate_close_contact.label_alt_id_1 
_pdbx_validate_close_contact.auth_atom_id_2 
_pdbx_validate_close_contact.auth_asym_id_2 
_pdbx_validate_close_contact.auth_comp_id_2 
_pdbx_validate_close_contact.auth_seq_id_2 
_pdbx_validate_close_contact.PDB_ins_code_2 
_pdbx_validate_close_contact.label_alt_id_2 
_pdbx_validate_close_contact.dist 
1  1 O   A HOH 360 ? ? O A HOH 401 ? ? 1.86 
2  1 O   A HOH 387 ? ? O A HOH 430 ? ? 2.04 
3  1 O   A HOH 420 ? ? O A HOH 448 ? ? 2.05 
4  1 O   A HOH 381 ? ? O A HOH 416 ? ? 2.06 
5  1 O   A HOH 415 ? ? O A HOH 439 ? ? 2.06 
6  1 O   A HOH 312 ? ? O A HOH 399 ? ? 2.06 
7  1 O   A HOH 384 ? ? O A HOH 431 ? ? 2.08 
8  1 O   A HOH 410 ? ? O A HOH 429 ? ? 2.17 
9  1 O   A HOH 436 ? ? O A HOH 442 ? ? 2.18 
10 1 NH2 A ARG 64  ? ? O A HOH 301 ? ? 2.18 
11 1 O   A GLU 69  ? ? O A HOH 302 ? ? 2.18 
# 
loop_
_pdbx_validate_torsion.id 
_pdbx_validate_torsion.PDB_model_num 
_pdbx_validate_torsion.auth_comp_id 
_pdbx_validate_torsion.auth_asym_id 
_pdbx_validate_torsion.auth_seq_id 
_pdbx_validate_torsion.PDB_ins_code 
_pdbx_validate_torsion.label_alt_id 
_pdbx_validate_torsion.phi 
_pdbx_validate_torsion.psi 
1 1 LYS A 59 ? ? -70.22  -78.82 
2 1 HIS A 60 ? ? 57.83   9.46   
3 1 LEU A 98 ? ? -122.09 -69.80 
# 
loop_
_pdbx_struct_special_symmetry.id 
_pdbx_struct_special_symmetry.PDB_model_num 
_pdbx_struct_special_symmetry.auth_asym_id 
_pdbx_struct_special_symmetry.auth_comp_id 
_pdbx_struct_special_symmetry.auth_seq_id 
_pdbx_struct_special_symmetry.PDB_ins_code 
_pdbx_struct_special_symmetry.label_asym_id 
_pdbx_struct_special_symmetry.label_comp_id 
_pdbx_struct_special_symmetry.label_seq_id 
1 1 A HOH 406 ? C HOH . 
2 1 A HOH 425 ? C HOH . 
3 1 A HOH 433 ? C HOH . 
4 1 A HOH 444 ? C HOH . 
# 
_pdbx_unobs_or_zero_occ_residues.id               1 
_pdbx_unobs_or_zero_occ_residues.PDB_model_num    1 
_pdbx_unobs_or_zero_occ_residues.polymer_flag     Y 
_pdbx_unobs_or_zero_occ_residues.occupancy_flag   1 
_pdbx_unobs_or_zero_occ_residues.auth_asym_id     A 
_pdbx_unobs_or_zero_occ_residues.auth_comp_id     THR 
_pdbx_unobs_or_zero_occ_residues.auth_seq_id      104 
_pdbx_unobs_or_zero_occ_residues.PDB_ins_code     ? 
_pdbx_unobs_or_zero_occ_residues.label_asym_id    A 
_pdbx_unobs_or_zero_occ_residues.label_comp_id    THR 
_pdbx_unobs_or_zero_occ_residues.label_seq_id     104 
# 
loop_
_chem_comp_atom.comp_id 
_chem_comp_atom.atom_id 
_chem_comp_atom.type_symbol 
_chem_comp_atom.pdbx_aromatic_flag 
_chem_comp_atom.pdbx_stereo_config 
_chem_comp_atom.pdbx_ordinal 
ALA N    N N N 1   
ALA CA   C N S 2   
ALA C    C N N 3   
ALA O    O N N 4   
ALA CB   C N N 5   
ALA OXT  O N N 6   
ALA H    H N N 7   
ALA H2   H N N 8   
ALA HA   H N N 9   
ALA HB1  H N N 10  
ALA HB2  H N N 11  
ALA HB3  H N N 12  
ALA HXT  H N N 13  
ARG N    N N N 14  
ARG CA   C N S 15  
ARG C    C N N 16  
ARG O    O N N 17  
ARG CB   C N N 18  
ARG CG   C N N 19  
ARG CD   C N N 20  
ARG NE   N N N 21  
ARG CZ   C N N 22  
ARG NH1  N N N 23  
ARG NH2  N N N 24  
ARG OXT  O N N 25  
ARG H    H N N 26  
ARG H2   H N N 27  
ARG HA   H N N 28  
ARG HB2  H N N 29  
ARG HB3  H N N 30  
ARG HG2  H N N 31  
ARG HG3  H N N 32  
ARG HD2  H N N 33  
ARG HD3  H N N 34  
ARG HE   H N N 35  
ARG HH11 H N N 36  
ARG HH12 H N N 37  
ARG HH21 H N N 38  
ARG HH22 H N N 39  
ARG HXT  H N N 40  
ASN N    N N N 41  
ASN CA   C N S 42  
ASN C    C N N 43  
ASN O    O N N 44  
ASN CB   C N N 45  
ASN CG   C N N 46  
ASN OD1  O N N 47  
ASN ND2  N N N 48  
ASN OXT  O N N 49  
ASN H    H N N 50  
ASN H2   H N N 51  
ASN HA   H N N 52  
ASN HB2  H N N 53  
ASN HB3  H N N 54  
ASN HD21 H N N 55  
ASN HD22 H N N 56  
ASN HXT  H N N 57  
ASP N    N N N 58  
ASP CA   C N S 59  
ASP C    C N N 60  
ASP O    O N N 61  
ASP CB   C N N 62  
ASP CG   C N N 63  
ASP OD1  O N N 64  
ASP OD2  O N N 65  
ASP OXT  O N N 66  
ASP H    H N N 67  
ASP H2   H N N 68  
ASP HA   H N N 69  
ASP HB2  H N N 70  
ASP HB3  H N N 71  
ASP HD2  H N N 72  
ASP HXT  H N N 73  
CYS N    N N N 74  
CYS CA   C N R 75  
CYS C    C N N 76  
CYS O    O N N 77  
CYS CB   C N N 78  
CYS SG   S N N 79  
CYS OXT  O N N 80  
CYS H    H N N 81  
CYS H2   H N N 82  
CYS HA   H N N 83  
CYS HB2  H N N 84  
CYS HB3  H N N 85  
CYS HG   H N N 86  
CYS HXT  H N N 87  
GLN N    N N N 88  
GLN CA   C N S 89  
GLN C    C N N 90  
GLN O    O N N 91  
GLN CB   C N N 92  
GLN CG   C N N 93  
GLN CD   C N N 94  
GLN OE1  O N N 95  
GLN NE2  N N N 96  
GLN OXT  O N N 97  
GLN H    H N N 98  
GLN H2   H N N 99  
GLN HA   H N N 100 
GLN HB2  H N N 101 
GLN HB3  H N N 102 
GLN HG2  H N N 103 
GLN HG3  H N N 104 
GLN HE21 H N N 105 
GLN HE22 H N N 106 
GLN HXT  H N N 107 
GLU N    N N N 108 
GLU CA   C N S 109 
GLU C    C N N 110 
GLU O    O N N 111 
GLU CB   C N N 112 
GLU CG   C N N 113 
GLU CD   C N N 114 
GLU OE1  O N N 115 
GLU OE2  O N N 116 
GLU OXT  O N N 117 
GLU H    H N N 118 
GLU H2   H N N 119 
GLU HA   H N N 120 
GLU HB2  H N N 121 
GLU HB3  H N N 122 
GLU HG2  H N N 123 
GLU HG3  H N N 124 
GLU HE2  H N N 125 
GLU HXT  H N N 126 
GLY N    N N N 127 
GLY CA   C N N 128 
GLY C    C N N 129 
GLY O    O N N 130 
GLY OXT  O N N 131 
GLY H    H N N 132 
GLY H2   H N N 133 
GLY HA2  H N N 134 
GLY HA3  H N N 135 
GLY HXT  H N N 136 
HIS N    N N N 137 
HIS CA   C N S 138 
HIS C    C N N 139 
HIS O    O N N 140 
HIS CB   C N N 141 
HIS CG   C Y N 142 
HIS ND1  N Y N 143 
HIS CD2  C Y N 144 
HIS CE1  C Y N 145 
HIS NE2  N Y N 146 
HIS OXT  O N N 147 
HIS H    H N N 148 
HIS H2   H N N 149 
HIS HA   H N N 150 
HIS HB2  H N N 151 
HIS HB3  H N N 152 
HIS HD1  H N N 153 
HIS HD2  H N N 154 
HIS HE1  H N N 155 
HIS HE2  H N N 156 
HIS HXT  H N N 157 
HOH O    O N N 158 
HOH H1   H N N 159 
HOH H2   H N N 160 
ILE N    N N N 161 
ILE CA   C N S 162 
ILE C    C N N 163 
ILE O    O N N 164 
ILE CB   C N S 165 
ILE CG1  C N N 166 
ILE CG2  C N N 167 
ILE CD1  C N N 168 
ILE OXT  O N N 169 
ILE H    H N N 170 
ILE H2   H N N 171 
ILE HA   H N N 172 
ILE HB   H N N 173 
ILE HG12 H N N 174 
ILE HG13 H N N 175 
ILE HG21 H N N 176 
ILE HG22 H N N 177 
ILE HG23 H N N 178 
ILE HD11 H N N 179 
ILE HD12 H N N 180 
ILE HD13 H N N 181 
ILE HXT  H N N 182 
LEU N    N N N 183 
LEU CA   C N S 184 
LEU C    C N N 185 
LEU O    O N N 186 
LEU CB   C N N 187 
LEU CG   C N N 188 
LEU CD1  C N N 189 
LEU CD2  C N N 190 
LEU OXT  O N N 191 
LEU H    H N N 192 
LEU H2   H N N 193 
LEU HA   H N N 194 
LEU HB2  H N N 195 
LEU HB3  H N N 196 
LEU HG   H N N 197 
LEU HD11 H N N 198 
LEU HD12 H N N 199 
LEU HD13 H N N 200 
LEU HD21 H N N 201 
LEU HD22 H N N 202 
LEU HD23 H N N 203 
LEU HXT  H N N 204 
LYS N    N N N 205 
LYS CA   C N S 206 
LYS C    C N N 207 
LYS O    O N N 208 
LYS CB   C N N 209 
LYS CG   C N N 210 
LYS CD   C N N 211 
LYS CE   C N N 212 
LYS NZ   N N N 213 
LYS OXT  O N N 214 
LYS H    H N N 215 
LYS H2   H N N 216 
LYS HA   H N N 217 
LYS HB2  H N N 218 
LYS HB3  H N N 219 
LYS HG2  H N N 220 
LYS HG3  H N N 221 
LYS HD2  H N N 222 
LYS HD3  H N N 223 
LYS HE2  H N N 224 
LYS HE3  H N N 225 
LYS HZ1  H N N 226 
LYS HZ2  H N N 227 
LYS HZ3  H N N 228 
LYS HXT  H N N 229 
MET N    N N N 230 
MET CA   C N S 231 
MET C    C N N 232 
MET O    O N N 233 
MET CB   C N N 234 
MET CG   C N N 235 
MET SD   S N N 236 
MET CE   C N N 237 
MET OXT  O N N 238 
MET H    H N N 239 
MET H2   H N N 240 
MET HA   H N N 241 
MET HB2  H N N 242 
MET HB3  H N N 243 
MET HG2  H N N 244 
MET HG3  H N N 245 
MET HE1  H N N 246 
MET HE2  H N N 247 
MET HE3  H N N 248 
MET HXT  H N N 249 
PHE N    N N N 250 
PHE CA   C N S 251 
PHE C    C N N 252 
PHE O    O N N 253 
PHE CB   C N N 254 
PHE CG   C Y N 255 
PHE CD1  C Y N 256 
PHE CD2  C Y N 257 
PHE CE1  C Y N 258 
PHE CE2  C Y N 259 
PHE CZ   C Y N 260 
PHE OXT  O N N 261 
PHE H    H N N 262 
PHE H2   H N N 263 
PHE HA   H N N 264 
PHE HB2  H N N 265 
PHE HB3  H N N 266 
PHE HD1  H N N 267 
PHE HD2  H N N 268 
PHE HE1  H N N 269 
PHE HE2  H N N 270 
PHE HZ   H N N 271 
PHE HXT  H N N 272 
PRO N    N N N 273 
PRO CA   C N S 274 
PRO C    C N N 275 
PRO O    O N N 276 
PRO CB   C N N 277 
PRO CG   C N N 278 
PRO CD   C N N 279 
PRO OXT  O N N 280 
PRO H    H N N 281 
PRO HA   H N N 282 
PRO HB2  H N N 283 
PRO HB3  H N N 284 
PRO HG2  H N N 285 
PRO HG3  H N N 286 
PRO HD2  H N N 287 
PRO HD3  H N N 288 
PRO HXT  H N N 289 
SER N    N N N 290 
SER CA   C N S 291 
SER C    C N N 292 
SER O    O N N 293 
SER CB   C N N 294 
SER OG   O N N 295 
SER OXT  O N N 296 
SER H    H N N 297 
SER H2   H N N 298 
SER HA   H N N 299 
SER HB2  H N N 300 
SER HB3  H N N 301 
SER HG   H N N 302 
SER HXT  H N N 303 
SO4 S    S N N 304 
SO4 O1   O N N 305 
SO4 O2   O N N 306 
SO4 O3   O N N 307 
SO4 O4   O N N 308 
THR N    N N N 309 
THR CA   C N S 310 
THR C    C N N 311 
THR O    O N N 312 
THR CB   C N R 313 
THR OG1  O N N 314 
THR CG2  C N N 315 
THR OXT  O N N 316 
THR H    H N N 317 
THR H2   H N N 318 
THR HA   H N N 319 
THR HB   H N N 320 
THR HG1  H N N 321 
THR HG21 H N N 322 
THR HG22 H N N 323 
THR HG23 H N N 324 
THR HXT  H N N 325 
TYR N    N N N 326 
TYR CA   C N S 327 
TYR C    C N N 328 
TYR O    O N N 329 
TYR CB   C N N 330 
TYR CG   C Y N 331 
TYR CD1  C Y N 332 
TYR CD2  C Y N 333 
TYR CE1  C Y N 334 
TYR CE2  C Y N 335 
TYR CZ   C Y N 336 
TYR OH   O N N 337 
TYR OXT  O N N 338 
TYR H    H N N 339 
TYR H2   H N N 340 
TYR HA   H N N 341 
TYR HB2  H N N 342 
TYR HB3  H N N 343 
TYR HD1  H N N 344 
TYR HD2  H N N 345 
TYR HE1  H N N 346 
TYR HE2  H N N 347 
TYR HH   H N N 348 
TYR HXT  H N N 349 
VAL N    N N N 350 
VAL CA   C N S 351 
VAL C    C N N 352 
VAL O    O N N 353 
VAL CB   C N N 354 
VAL CG1  C N N 355 
VAL CG2  C N N 356 
VAL OXT  O N N 357 
VAL H    H N N 358 
VAL H2   H N N 359 
VAL HA   H N N 360 
VAL HB   H N N 361 
VAL HG11 H N N 362 
VAL HG12 H N N 363 
VAL HG13 H N N 364 
VAL HG21 H N N 365 
VAL HG22 H N N 366 
VAL HG23 H N N 367 
VAL HXT  H N N 368 
# 
loop_
_chem_comp_bond.comp_id 
_chem_comp_bond.atom_id_1 
_chem_comp_bond.atom_id_2 
_chem_comp_bond.value_order 
_chem_comp_bond.pdbx_aromatic_flag 
_chem_comp_bond.pdbx_stereo_config 
_chem_comp_bond.pdbx_ordinal 
ALA N   CA   sing N N 1   
ALA N   H    sing N N 2   
ALA N   H2   sing N N 3   
ALA CA  C    sing N N 4   
ALA CA  CB   sing N N 5   
ALA CA  HA   sing N N 6   
ALA C   O    doub N N 7   
ALA C   OXT  sing N N 8   
ALA CB  HB1  sing N N 9   
ALA CB  HB2  sing N N 10  
ALA CB  HB3  sing N N 11  
ALA OXT HXT  sing N N 12  
ARG N   CA   sing N N 13  
ARG N   H    sing N N 14  
ARG N   H2   sing N N 15  
ARG CA  C    sing N N 16  
ARG CA  CB   sing N N 17  
ARG CA  HA   sing N N 18  
ARG C   O    doub N N 19  
ARG C   OXT  sing N N 20  
ARG CB  CG   sing N N 21  
ARG CB  HB2  sing N N 22  
ARG CB  HB3  sing N N 23  
ARG CG  CD   sing N N 24  
ARG CG  HG2  sing N N 25  
ARG CG  HG3  sing N N 26  
ARG CD  NE   sing N N 27  
ARG CD  HD2  sing N N 28  
ARG CD  HD3  sing N N 29  
ARG NE  CZ   sing N N 30  
ARG NE  HE   sing N N 31  
ARG CZ  NH1  sing N N 32  
ARG CZ  NH2  doub N N 33  
ARG NH1 HH11 sing N N 34  
ARG NH1 HH12 sing N N 35  
ARG NH2 HH21 sing N N 36  
ARG NH2 HH22 sing N N 37  
ARG OXT HXT  sing N N 38  
ASN N   CA   sing N N 39  
ASN N   H    sing N N 40  
ASN N   H2   sing N N 41  
ASN CA  C    sing N N 42  
ASN CA  CB   sing N N 43  
ASN CA  HA   sing N N 44  
ASN C   O    doub N N 45  
ASN C   OXT  sing N N 46  
ASN CB  CG   sing N N 47  
ASN CB  HB2  sing N N 48  
ASN CB  HB3  sing N N 49  
ASN CG  OD1  doub N N 50  
ASN CG  ND2  sing N N 51  
ASN ND2 HD21 sing N N 52  
ASN ND2 HD22 sing N N 53  
ASN OXT HXT  sing N N 54  
ASP N   CA   sing N N 55  
ASP N   H    sing N N 56  
ASP N   H2   sing N N 57  
ASP CA  C    sing N N 58  
ASP CA  CB   sing N N 59  
ASP CA  HA   sing N N 60  
ASP C   O    doub N N 61  
ASP C   OXT  sing N N 62  
ASP CB  CG   sing N N 63  
ASP CB  HB2  sing N N 64  
ASP CB  HB3  sing N N 65  
ASP CG  OD1  doub N N 66  
ASP CG  OD2  sing N N 67  
ASP OD2 HD2  sing N N 68  
ASP OXT HXT  sing N N 69  
CYS N   CA   sing N N 70  
CYS N   H    sing N N 71  
CYS N   H2   sing N N 72  
CYS CA  C    sing N N 73  
CYS CA  CB   sing N N 74  
CYS CA  HA   sing N N 75  
CYS C   O    doub N N 76  
CYS C   OXT  sing N N 77  
CYS CB  SG   sing N N 78  
CYS CB  HB2  sing N N 79  
CYS CB  HB3  sing N N 80  
CYS SG  HG   sing N N 81  
CYS OXT HXT  sing N N 82  
GLN N   CA   sing N N 83  
GLN N   H    sing N N 84  
GLN N   H2   sing N N 85  
GLN CA  C    sing N N 86  
GLN CA  CB   sing N N 87  
GLN CA  HA   sing N N 88  
GLN C   O    doub N N 89  
GLN C   OXT  sing N N 90  
GLN CB  CG   sing N N 91  
GLN CB  HB2  sing N N 92  
GLN CB  HB3  sing N N 93  
GLN CG  CD   sing N N 94  
GLN CG  HG2  sing N N 95  
GLN CG  HG3  sing N N 96  
GLN CD  OE1  doub N N 97  
GLN CD  NE2  sing N N 98  
GLN NE2 HE21 sing N N 99  
GLN NE2 HE22 sing N N 100 
GLN OXT HXT  sing N N 101 
GLU N   CA   sing N N 102 
GLU N   H    sing N N 103 
GLU N   H2   sing N N 104 
GLU CA  C    sing N N 105 
GLU CA  CB   sing N N 106 
GLU CA  HA   sing N N 107 
GLU C   O    doub N N 108 
GLU C   OXT  sing N N 109 
GLU CB  CG   sing N N 110 
GLU CB  HB2  sing N N 111 
GLU CB  HB3  sing N N 112 
GLU CG  CD   sing N N 113 
GLU CG  HG2  sing N N 114 
GLU CG  HG3  sing N N 115 
GLU CD  OE1  doub N N 116 
GLU CD  OE2  sing N N 117 
GLU OE2 HE2  sing N N 118 
GLU OXT HXT  sing N N 119 
GLY N   CA   sing N N 120 
GLY N   H    sing N N 121 
GLY N   H2   sing N N 122 
GLY CA  C    sing N N 123 
GLY CA  HA2  sing N N 124 
GLY CA  HA3  sing N N 125 
GLY C   O    doub N N 126 
GLY C   OXT  sing N N 127 
GLY OXT HXT  sing N N 128 
HIS N   CA   sing N N 129 
HIS N   H    sing N N 130 
HIS N   H2   sing N N 131 
HIS CA  C    sing N N 132 
HIS CA  CB   sing N N 133 
HIS CA  HA   sing N N 134 
HIS C   O    doub N N 135 
HIS C   OXT  sing N N 136 
HIS CB  CG   sing N N 137 
HIS CB  HB2  sing N N 138 
HIS CB  HB3  sing N N 139 
HIS CG  ND1  sing Y N 140 
HIS CG  CD2  doub Y N 141 
HIS ND1 CE1  doub Y N 142 
HIS ND1 HD1  sing N N 143 
HIS CD2 NE2  sing Y N 144 
HIS CD2 HD2  sing N N 145 
HIS CE1 NE2  sing Y N 146 
HIS CE1 HE1  sing N N 147 
HIS NE2 HE2  sing N N 148 
HIS OXT HXT  sing N N 149 
HOH O   H1   sing N N 150 
HOH O   H2   sing N N 151 
ILE N   CA   sing N N 152 
ILE N   H    sing N N 153 
ILE N   H2   sing N N 154 
ILE CA  C    sing N N 155 
ILE CA  CB   sing N N 156 
ILE CA  HA   sing N N 157 
ILE C   O    doub N N 158 
ILE C   OXT  sing N N 159 
ILE CB  CG1  sing N N 160 
ILE CB  CG2  sing N N 161 
ILE CB  HB   sing N N 162 
ILE CG1 CD1  sing N N 163 
ILE CG1 HG12 sing N N 164 
ILE CG1 HG13 sing N N 165 
ILE CG2 HG21 sing N N 166 
ILE CG2 HG22 sing N N 167 
ILE CG2 HG23 sing N N 168 
ILE CD1 HD11 sing N N 169 
ILE CD1 HD12 sing N N 170 
ILE CD1 HD13 sing N N 171 
ILE OXT HXT  sing N N 172 
LEU N   CA   sing N N 173 
LEU N   H    sing N N 174 
LEU N   H2   sing N N 175 
LEU CA  C    sing N N 176 
LEU CA  CB   sing N N 177 
LEU CA  HA   sing N N 178 
LEU C   O    doub N N 179 
LEU C   OXT  sing N N 180 
LEU CB  CG   sing N N 181 
LEU CB  HB2  sing N N 182 
LEU CB  HB3  sing N N 183 
LEU CG  CD1  sing N N 184 
LEU CG  CD2  sing N N 185 
LEU CG  HG   sing N N 186 
LEU CD1 HD11 sing N N 187 
LEU CD1 HD12 sing N N 188 
LEU CD1 HD13 sing N N 189 
LEU CD2 HD21 sing N N 190 
LEU CD2 HD22 sing N N 191 
LEU CD2 HD23 sing N N 192 
LEU OXT HXT  sing N N 193 
LYS N   CA   sing N N 194 
LYS N   H    sing N N 195 
LYS N   H2   sing N N 196 
LYS CA  C    sing N N 197 
LYS CA  CB   sing N N 198 
LYS CA  HA   sing N N 199 
LYS C   O    doub N N 200 
LYS C   OXT  sing N N 201 
LYS CB  CG   sing N N 202 
LYS CB  HB2  sing N N 203 
LYS CB  HB3  sing N N 204 
LYS CG  CD   sing N N 205 
LYS CG  HG2  sing N N 206 
LYS CG  HG3  sing N N 207 
LYS CD  CE   sing N N 208 
LYS CD  HD2  sing N N 209 
LYS CD  HD3  sing N N 210 
LYS CE  NZ   sing N N 211 
LYS CE  HE2  sing N N 212 
LYS CE  HE3  sing N N 213 
LYS NZ  HZ1  sing N N 214 
LYS NZ  HZ2  sing N N 215 
LYS NZ  HZ3  sing N N 216 
LYS OXT HXT  sing N N 217 
MET N   CA   sing N N 218 
MET N   H    sing N N 219 
MET N   H2   sing N N 220 
MET CA  C    sing N N 221 
MET CA  CB   sing N N 222 
MET CA  HA   sing N N 223 
MET C   O    doub N N 224 
MET C   OXT  sing N N 225 
MET CB  CG   sing N N 226 
MET CB  HB2  sing N N 227 
MET CB  HB3  sing N N 228 
MET CG  SD   sing N N 229 
MET CG  HG2  sing N N 230 
MET CG  HG3  sing N N 231 
MET SD  CE   sing N N 232 
MET CE  HE1  sing N N 233 
MET CE  HE2  sing N N 234 
MET CE  HE3  sing N N 235 
MET OXT HXT  sing N N 236 
PHE N   CA   sing N N 237 
PHE N   H    sing N N 238 
PHE N   H2   sing N N 239 
PHE CA  C    sing N N 240 
PHE CA  CB   sing N N 241 
PHE CA  HA   sing N N 242 
PHE C   O    doub N N 243 
PHE C   OXT  sing N N 244 
PHE CB  CG   sing N N 245 
PHE CB  HB2  sing N N 246 
PHE CB  HB3  sing N N 247 
PHE CG  CD1  doub Y N 248 
PHE CG  CD2  sing Y N 249 
PHE CD1 CE1  sing Y N 250 
PHE CD1 HD1  sing N N 251 
PHE CD2 CE2  doub Y N 252 
PHE CD2 HD2  sing N N 253 
PHE CE1 CZ   doub Y N 254 
PHE CE1 HE1  sing N N 255 
PHE CE2 CZ   sing Y N 256 
PHE CE2 HE2  sing N N 257 
PHE CZ  HZ   sing N N 258 
PHE OXT HXT  sing N N 259 
PRO N   CA   sing N N 260 
PRO N   CD   sing N N 261 
PRO N   H    sing N N 262 
PRO CA  C    sing N N 263 
PRO CA  CB   sing N N 264 
PRO CA  HA   sing N N 265 
PRO C   O    doub N N 266 
PRO C   OXT  sing N N 267 
PRO CB  CG   sing N N 268 
PRO CB  HB2  sing N N 269 
PRO CB  HB3  sing N N 270 
PRO CG  CD   sing N N 271 
PRO CG  HG2  sing N N 272 
PRO CG  HG3  sing N N 273 
PRO CD  HD2  sing N N 274 
PRO CD  HD3  sing N N 275 
PRO OXT HXT  sing N N 276 
SER N   CA   sing N N 277 
SER N   H    sing N N 278 
SER N   H2   sing N N 279 
SER CA  C    sing N N 280 
SER CA  CB   sing N N 281 
SER CA  HA   sing N N 282 
SER C   O    doub N N 283 
SER C   OXT  sing N N 284 
SER CB  OG   sing N N 285 
SER CB  HB2  sing N N 286 
SER CB  HB3  sing N N 287 
SER OG  HG   sing N N 288 
SER OXT HXT  sing N N 289 
SO4 S   O1   doub N N 290 
SO4 S   O2   doub N N 291 
SO4 S   O3   sing N N 292 
SO4 S   O4   sing N N 293 
THR N   CA   sing N N 294 
THR N   H    sing N N 295 
THR N   H2   sing N N 296 
THR CA  C    sing N N 297 
THR CA  CB   sing N N 298 
THR CA  HA   sing N N 299 
THR C   O    doub N N 300 
THR C   OXT  sing N N 301 
THR CB  OG1  sing N N 302 
THR CB  CG2  sing N N 303 
THR CB  HB   sing N N 304 
THR OG1 HG1  sing N N 305 
THR CG2 HG21 sing N N 306 
THR CG2 HG22 sing N N 307 
THR CG2 HG23 sing N N 308 
THR OXT HXT  sing N N 309 
TYR N   CA   sing N N 310 
TYR N   H    sing N N 311 
TYR N   H2   sing N N 312 
TYR CA  C    sing N N 313 
TYR CA  CB   sing N N 314 
TYR CA  HA   sing N N 315 
TYR C   O    doub N N 316 
TYR C   OXT  sing N N 317 
TYR CB  CG   sing N N 318 
TYR CB  HB2  sing N N 319 
TYR CB  HB3  sing N N 320 
TYR CG  CD1  doub Y N 321 
TYR CG  CD2  sing Y N 322 
TYR CD1 CE1  sing Y N 323 
TYR CD1 HD1  sing N N 324 
TYR CD2 CE2  doub Y N 325 
TYR CD2 HD2  sing N N 326 
TYR CE1 CZ   doub Y N 327 
TYR CE1 HE1  sing N N 328 
TYR CE2 CZ   sing Y N 329 
TYR CE2 HE2  sing N N 330 
TYR CZ  OH   sing N N 331 
TYR OH  HH   sing N N 332 
TYR OXT HXT  sing N N 333 
VAL N   CA   sing N N 334 
VAL N   H    sing N N 335 
VAL N   H2   sing N N 336 
VAL CA  C    sing N N 337 
VAL CA  CB   sing N N 338 
VAL CA  HA   sing N N 339 
VAL C   O    doub N N 340 
VAL C   OXT  sing N N 341 
VAL CB  CG1  sing N N 342 
VAL CB  CG2  sing N N 343 
VAL CB  HB   sing N N 344 
VAL CG1 HG11 sing N N 345 
VAL CG1 HG12 sing N N 346 
VAL CG1 HG13 sing N N 347 
VAL CG2 HG21 sing N N 348 
VAL CG2 HG22 sing N N 349 
VAL CG2 HG23 sing N N 350 
VAL OXT HXT  sing N N 351 
# 
_atom_sites.entry_id                    5KAZ 
_atom_sites.fract_transf_matrix[1][1]   -0.00882205 
_atom_sites.fract_transf_matrix[1][2]   0.00175912 
_atom_sites.fract_transf_matrix[1][3]   0.01191436 
_atom_sites.fract_transf_matrix[2][1]   0.01157619 
_atom_sites.fract_transf_matrix[2][2]   0.00531278 
_atom_sites.fract_transf_matrix[2][3]   0.00778724 
_atom_sites.fract_transf_matrix[3][1]   -0.00211640 
_atom_sites.fract_transf_matrix[3][2]   0.00881651 
_atom_sites.fract_transf_matrix[3][3]   -0.00286883 
_atom_sites.fract_transf_vector[1]      1.192791 
_atom_sites.fract_transf_vector[2]      0.353191 
_atom_sites.fract_transf_vector[3]      0.145820 
# 
loop_
_atom_type.symbol 
C 
N 
O 
S 
# 
loop_
_atom_site.group_PDB 
_atom_site.id 
_atom_site.type_symbol 
_atom_site.label_atom_id 
_atom_site.label_alt_id 
_atom_site.label_comp_id 
_atom_site.label_asym_id 
_atom_site.label_entity_id 
_atom_site.label_seq_id 
_atom_site.pdbx_PDB_ins_code 
_atom_site.Cartn_x 
_atom_site.Cartn_y 
_atom_site.Cartn_z 
_atom_site.occupancy 
_atom_site.B_iso_or_equiv 
_atom_site.pdbx_formal_charge 
_atom_site.auth_seq_id 
_atom_site.auth_comp_id 
_atom_site.auth_asym_id 
_atom_site.auth_atom_id 
_atom_site.pdbx_PDB_model_num 
ATOM   1   N N   . MET A 1 1   ? -4.782  -12.596 5.835   1.00 46.94 ? 1   MET A N   1 
ATOM   2   C CA  . MET A 1 1   ? -3.426  -13.124 5.748   1.00 40.88 ? 1   MET A CA  1 
ATOM   3   C C   . MET A 1 1   ? -2.662  -13.103 7.050   1.00 49.91 ? 1   MET A C   1 
ATOM   4   O O   . MET A 1 1   ? -3.179  -13.384 8.134   1.00 51.66 ? 1   MET A O   1 
ATOM   5   C CB  . MET A 1 1   ? -2.549  -12.333 4.769   1.00 46.74 ? 1   MET A CB  1 
ATOM   6   C CG  . MET A 1 1   ? -2.882  -12.323 3.309   1.00 46.50 ? 1   MET A CG  1 
ATOM   7   S SD  . MET A 1 1   ? -1.500  -11.495 2.479   1.00 57.09 ? 1   MET A SD  1 
ATOM   8   C CE  . MET A 1 1   ? -0.896  -10.387 3.770   1.00 34.66 ? 1   MET A CE  1 
ATOM   9   N N   . ASP A 1 2   ? -1.404  -12.710 6.881   1.00 46.38 ? 2   ASP A N   1 
ATOM   10  C CA  . ASP A 1 2   ? -0.379  -12.775 7.891   1.00 45.00 ? 2   ASP A CA  1 
ATOM   11  C C   . ASP A 1 2   ? -0.098  -11.386 8.416   1.00 33.37 ? 2   ASP A C   1 
ATOM   12  O O   . ASP A 1 2   ? -0.174  -11.147 9.618   1.00 41.24 ? 2   ASP A O   1 
ATOM   13  C CB  . ASP A 1 2   ? 0.890   -13.389 7.300   1.00 47.26 ? 2   ASP A CB  1 
ATOM   14  C CG  . ASP A 1 2   ? 0.591   -14.543 6.376   1.00 49.21 ? 2   ASP A CG  1 
ATOM   15  O OD1 . ASP A 1 2   ? 0.626   -15.706 6.839   1.00 51.33 ? 2   ASP A OD1 1 
ATOM   16  O OD2 . ASP A 1 2   ? 0.299   -14.280 5.189   1.00 51.17 ? 2   ASP A OD2 1 
ATOM   17  N N   . LEU A 1 3   ? 0.216   -10.457 7.511   1.00 37.53 ? 3   LEU A N   1 
ATOM   18  C CA  . LEU A 1 3   ? 0.656   -9.135  7.943   1.00 28.02 ? 3   LEU A CA  1 
ATOM   19  C C   . LEU A 1 3   ? -0.436  -8.445  8.740   1.00 28.38 ? 3   LEU A C   1 
ATOM   20  O O   . LEU A 1 3   ? -1.602  -8.437  8.334   1.00 26.88 ? 3   LEU A O   1 
ATOM   21  C CB  . LEU A 1 3   ? 1.080   -8.278  6.750   1.00 28.31 ? 3   LEU A CB  1 
ATOM   22  C CG  . LEU A 1 3   ? 2.385   -8.720  6.085   1.00 30.04 ? 3   LEU A CG  1 
ATOM   23  C CD1 . LEU A 1 3   ? 2.617   -7.943  4.791   1.00 29.29 ? 3   LEU A CD1 1 
ATOM   24  C CD2 . LEU A 1 3   ? 3.562   -8.553  7.039   1.00 29.45 ? 3   LEU A CD2 1 
ATOM   25  N N   . PRO A 1 4   ? -0.059  -7.885  9.897   1.00 31.01 ? 4   PRO A N   1 
ATOM   26  C CA  . PRO A 1 4   ? -0.977  -7.244  10.844  1.00 29.33 ? 4   PRO A CA  1 
ATOM   27  C C   . PRO A 1 4   ? -1.718  -6.067  10.219  1.00 29.57 ? 4   PRO A C   1 
ATOM   28  O O   . PRO A 1 4   ? -2.817  -5.731  10.655  1.00 30.28 ? 4   PRO A O   1 
ATOM   29  C CB  . PRO A 1 4   ? -0.056  -6.753  11.966  1.00 30.55 ? 4   PRO A CB  1 
ATOM   30  C CG  . PRO A 1 4   ? 1.208   -7.509  11.807  1.00 31.15 ? 4   PRO A CG  1 
ATOM   31  C CD  . PRO A 1 4   ? 1.339   -7.823  10.353  1.00 31.72 ? 4   PRO A CD  1 
ATOM   32  N N   . TYR A 1 5   ? -1.114  -5.445  9.211   1.00 26.98 ? 5   TYR A N   1 
ATOM   33  C CA  . TYR A 1 5   ? -1.714  -4.279  8.578   1.00 24.34 ? 5   TYR A CA  1 
ATOM   34  C C   . TYR A 1 5   ? -2.370  -4.627  7.244   1.00 23.54 ? 5   TYR A C   1 
ATOM   35  O O   . TYR A 1 5   ? -2.646  -3.748  6.427   1.00 22.63 ? 5   TYR A O   1 
ATOM   36  C CB  . TYR A 1 5   ? -0.662  -3.181  8.384   1.00 21.22 ? 5   TYR A CB  1 
ATOM   37  C CG  . TYR A 1 5   ? 0.630   -3.674  7.763   1.00 24.87 ? 5   TYR A CG  1 
ATOM   38  C CD1 . TYR A 1 5   ? 0.765   -3.763  6.393   1.00 21.20 ? 5   TYR A CD1 1 
ATOM   39  C CD2 . TYR A 1 5   ? 1.714   -4.046  8.556   1.00 25.90 ? 5   TYR A CD2 1 
ATOM   40  C CE1 . TYR A 1 5   ? 1.943   -4.212  5.813   1.00 21.78 ? 5   TYR A CE1 1 
ATOM   41  C CE2 . TYR A 1 5   ? 2.891   -4.501  7.990   1.00 25.44 ? 5   TYR A CE2 1 
ATOM   42  C CZ  . TYR A 1 5   ? 2.998   -4.580  6.612   1.00 23.58 ? 5   TYR A CZ  1 
ATOM   43  O OH  . TYR A 1 5   ? 4.162   -5.017  6.018   1.00 24.51 ? 5   TYR A OH  1 
ATOM   44  N N   . TYR A 1 6   ? -2.619  -5.915  7.023   1.00 26.31 ? 6   TYR A N   1 
ATOM   45  C CA  . TYR A 1 6   ? -3.457  -6.344  5.906   1.00 23.44 ? 6   TYR A CA  1 
ATOM   46  C C   . TYR A 1 6   ? -4.891  -6.502  6.405   1.00 26.90 ? 6   TYR A C   1 
ATOM   47  O O   . TYR A 1 6   ? -5.126  -7.199  7.390   1.00 27.28 ? 6   TYR A O   1 
ATOM   48  C CB  . TYR A 1 6   ? -2.941  -7.656  5.303   1.00 24.37 ? 6   TYR A CB  1 
ATOM   49  C CG  . TYR A 1 6   ? -3.919  -8.327  4.363   1.00 26.69 ? 6   TYR A CG  1 
ATOM   50  C CD1 . TYR A 1 6   ? -4.184  -7.796  3.109   1.00 23.32 ? 6   TYR A CD1 1 
ATOM   51  C CD2 . TYR A 1 6   ? -4.565  -9.498  4.727   1.00 29.85 ? 6   TYR A CD2 1 
ATOM   52  C CE1 . TYR A 1 6   ? -5.081  -8.402  2.241   1.00 22.99 ? 6   TYR A CE1 1 
ATOM   53  C CE2 . TYR A 1 6   ? -5.455  -10.117 3.875   1.00 31.25 ? 6   TYR A CE2 1 
ATOM   54  C CZ  . TYR A 1 6   ? -5.707  -9.577  2.635   1.00 27.83 ? 6   TYR A CZ  1 
ATOM   55  O OH  . TYR A 1 6   ? -6.594  -10.207 1.797   1.00 26.67 ? 6   TYR A OH  1 
ATOM   56  N N   . HIS A 1 7   ? -5.839  -5.856  5.729   1.00 21.59 ? 7   HIS A N   1 
ATOM   57  C CA  . HIS A 1 7   ? -7.225  -5.799  6.202   1.00 24.37 ? 7   HIS A CA  1 
ATOM   58  C C   . HIS A 1 7   ? -8.210  -6.602  5.360   1.00 25.10 ? 7   HIS A C   1 
ATOM   59  O O   . HIS A 1 7   ? -9.419  -6.536  5.590   1.00 29.25 ? 7   HIS A O   1 
ATOM   60  C CB  . HIS A 1 7   ? -7.707  -4.351  6.251   1.00 22.74 ? 7   HIS A CB  1 
ATOM   61  C CG  . HIS A 1 7   ? -7.050  -3.529  7.311   1.00 24.76 ? 7   HIS A CG  1 
ATOM   62  N ND1 . HIS A 1 7   ? -7.762  -2.894  8.308   1.00 24.78 ? 7   HIS A ND1 1 
ATOM   63  C CD2 . HIS A 1 7   ? -5.748  -3.225  7.528   1.00 22.44 ? 7   HIS A CD2 1 
ATOM   64  C CE1 . HIS A 1 7   ? -6.926  -2.245  9.096   1.00 25.49 ? 7   HIS A CE1 1 
ATOM   65  N NE2 . HIS A 1 7   ? -5.696  -2.426  8.642   1.00 25.65 ? 7   HIS A NE2 1 
ATOM   66  N N   . GLY A 1 8   ? -7.709  -7.346  4.381   1.00 24.69 ? 8   GLY A N   1 
ATOM   67  C CA  . GLY A 1 8   ? -8.581  -8.116  3.518   1.00 27.68 ? 8   GLY A CA  1 
ATOM   68  C C   . GLY A 1 8   ? -9.607  -7.275  2.791   1.00 30.69 ? 8   GLY A C   1 
ATOM   69  O O   . GLY A 1 8   ? -9.266  -6.297  2.117   1.00 25.94 ? 8   GLY A O   1 
ATOM   70  N N   . ARG A 1 9   ? -10.876 -7.650  2.927   1.00 27.63 ? 9   ARG A N   1 
ATOM   71  C CA  . ARG A 1 9   ? -11.932 -6.937  2.230   1.00 26.96 ? 9   ARG A CA  1 
ATOM   72  C C   . ARG A 1 9   ? -12.362 -5.723  3.042   1.00 32.41 ? 9   ARG A C   1 
ATOM   73  O O   . ARG A 1 9   ? -13.225 -5.793  3.908   1.00 37.64 ? 9   ARG A O   1 
ATOM   74  C CB  . ARG A 1 9   ? -13.113 -7.870  1.938   1.00 37.23 ? 9   ARG A CB  1 
ATOM   75  C CG  . ARG A 1 9   ? -12.952 -8.636  0.635   1.00 41.85 ? 9   ARG A CG  1 
ATOM   76  C CD  . ARG A 1 9   ? -13.949 -9.785  0.502   1.00 47.28 ? 9   ARG A CD  1 
ATOM   77  N NE  . ARG A 1 9   ? -13.779 -10.804 1.538   1.00 48.50 ? 9   ARG A NE  1 
ATOM   78  C CZ  . ARG A 1 9   ? -14.652 -11.022 2.516   1.00 55.83 ? 9   ARG A CZ  1 
ATOM   79  N NH1 . ARG A 1 9   ? -15.752 -10.282 2.593   1.00 60.63 ? 9   ARG A NH1 1 
ATOM   80  N NH2 . ARG A 1 9   ? -14.428 -11.970 3.421   1.00 54.19 ? 9   ARG A NH2 1 
ATOM   81  N N   . LEU A 1 10  ? -11.719 -4.608  2.743   1.00 26.56 ? 10  LEU A N   1 
ATOM   82  C CA  . LEU A 1 10  ? -11.956 -3.352  3.426   1.00 22.60 ? 10  LEU A CA  1 
ATOM   83  C C   . LEU A 1 10  ? -12.387 -2.345  2.380   1.00 24.39 ? 10  LEU A C   1 
ATOM   84  O O   . LEU A 1 10  ? -11.687 -2.165  1.378   1.00 23.46 ? 10  LEU A O   1 
ATOM   85  C CB  . LEU A 1 10  ? -10.684 -2.887  4.140   1.00 22.10 ? 10  LEU A CB  1 
ATOM   86  C CG  . LEU A 1 10  ? -10.713 -1.536  4.858   1.00 21.00 ? 10  LEU A CG  1 
ATOM   87  C CD1 . LEU A 1 10  ? -11.498 -1.612  6.168   1.00 22.04 ? 10  LEU A CD1 1 
ATOM   88  C CD2 . LEU A 1 10  ? -9.277  -1.054  5.115   1.00 22.31 ? 10  LEU A CD2 1 
ATOM   89  N N   . THR A 1 11  ? -13.531 -1.697  2.587   1.00 20.83 ? 11  THR A N   1 
ATOM   90  C CA  . THR A 1 11  ? -14.034 -0.761  1.584   1.00 21.28 ? 11  THR A CA  1 
ATOM   91  C C   . THR A 1 11  ? -13.095 0.428   1.462   1.00 22.95 ? 11  THR A C   1 
ATOM   92  O O   . THR A 1 11  ? -12.348 0.737   2.390   1.00 19.86 ? 11  THR A O   1 
ATOM   93  C CB  . THR A 1 11  ? -15.445 -0.239  1.906   1.00 23.76 ? 11  THR A CB  1 
ATOM   94  O OG1 . THR A 1 11  ? -15.415 0.559   3.099   1.00 20.42 ? 11  THR A OG1 1 
ATOM   95  C CG2 . THR A 1 11  ? -16.422 -1.398  2.076   1.00 22.67 ? 11  THR A CG2 1 
ATOM   96  N N   . LYS A 1 12  ? -13.120 1.073   0.301   1.00 23.88 ? 12  LYS A N   1 
ATOM   97  C CA  . LYS A 1 12  ? -12.342 2.289   0.099   1.00 22.78 ? 12  LYS A CA  1 
ATOM   98  C C   . LYS A 1 12  ? -12.692 3.329   1.143   1.00 23.25 ? 12  LYS A C   1 
ATOM   99  O O   . LYS A 1 12  ? -11.814 4.035   1.652   1.00 22.91 ? 12  LYS A O   1 
ATOM   100 C CB  . LYS A 1 12  ? -12.590 2.852   -1.293  1.00 28.13 ? 12  LYS A CB  1 
ATOM   101 C CG  . LYS A 1 12  ? -11.926 2.050   -2.370  1.00 25.38 ? 12  LYS A CG  1 
ATOM   102 C CD  . LYS A 1 12  ? -12.289 2.568   -3.752  1.00 27.60 ? 12  LYS A CD  1 
ATOM   103 C CE  . LYS A 1 12  ? -11.442 1.864   -4.810  1.00 32.32 ? 12  LYS A CE  1 
ATOM   104 N NZ  . LYS A 1 12  ? -11.780 2.237   -6.215  1.00 27.64 ? 12  LYS A NZ  1 
ATOM   105 N N   . GLN A 1 13  ? -13.982 3.412   1.460   1.00 19.52 ? 13  GLN A N   1 
ATOM   106 C CA  . GLN A 1 13  ? -14.462 4.342   2.461   1.00 23.52 ? 13  GLN A CA  1 
ATOM   107 C C   . GLN A 1 13  ? -13.862 4.074   3.836   1.00 22.32 ? 13  GLN A C   1 
ATOM   108 O O   . GLN A 1 13  ? -13.342 4.992   4.472   1.00 21.58 ? 13  GLN A O   1 
ATOM   109 C CB  . GLN A 1 13  ? -15.983 4.299   2.557   1.00 23.69 ? 13  GLN A CB  1 
ATOM   110 C CG  . GLN A 1 13  ? -16.489 5.228   3.641   1.00 30.16 ? 13  GLN A CG  1 
ATOM   111 C CD  . GLN A 1 13  ? -17.957 5.071   3.942   1.00 28.61 ? 13  GLN A CD  1 
ATOM   112 O OE1 . GLN A 1 13  ? -18.528 3.991   3.807   1.00 29.73 ? 13  GLN A OE1 1 
ATOM   113 N NE2 . GLN A 1 13  ? -18.578 6.163   4.363   1.00 37.11 ? 13  GLN A NE2 1 
ATOM   114 N N   . ASP A 1 14  ? -13.925 2.828   4.299   1.00 19.40 ? 14  ASP A N   1 
ATOM   115 C CA  . ASP A 1 14  ? -13.420 2.535   5.644   1.00 19.84 ? 14  ASP A CA  1 
ATOM   116 C C   . ASP A 1 14  ? -11.917 2.703   5.652   1.00 17.26 ? 14  ASP A C   1 
ATOM   117 O O   . ASP A 1 14  ? -11.349 3.147   6.652   1.00 18.82 ? 14  ASP A O   1 
ATOM   118 C CB  . ASP A 1 14  ? -13.812 1.129   6.103   1.00 17.48 ? 14  ASP A CB  1 
ATOM   119 C CG  . ASP A 1 14  ? -15.292 1.028   6.458   1.00 20.44 ? 14  ASP A CG  1 
ATOM   120 O OD1 . ASP A 1 14  ? -15.897 2.091   6.730   1.00 21.86 ? 14  ASP A OD1 1 
ATOM   121 O OD2 . ASP A 1 14  ? -15.832 -0.106  6.472   1.00 20.18 ? 14  ASP A OD2 1 
ATOM   122 N N   . CYS A 1 15  ? -11.283 2.337   4.535   1.00 17.97 ? 15  CYS A N   1 
ATOM   123 C CA  . CYS A 1 15  ? -9.847  2.539   4.362   1.00 19.30 ? 15  CYS A CA  1 
ATOM   124 C C   . CYS A 1 15  ? -9.489  3.997   4.623   1.00 21.22 ? 15  CYS A C   1 
ATOM   125 O O   . CYS A 1 15  ? -8.604  4.295   5.438   1.00 20.15 ? 15  CYS A O   1 
ATOM   126 C CB  . CYS A 1 15  ? -9.424  2.141   2.949   1.00 20.52 ? 15  CYS A CB  1 
ATOM   127 S SG  . CYS A 1 15  ? -7.660  2.353   2.656   1.00 22.55 ? 15  CYS A SG  1 
ATOM   128 N N   . GLU A 1 16  ? -10.193 4.902   3.945   1.00 17.62 ? 16  GLU A N   1 
ATOM   129 C CA  . GLU A 1 16  ? -9.912  6.330   4.088   1.00 17.80 ? 16  GLU A CA  1 
ATOM   130 C C   . GLU A 1 16  ? -10.100 6.785   5.530   1.00 19.54 ? 16  GLU A C   1 
ATOM   131 O O   . GLU A 1 16  ? -9.258  7.492   6.074   1.00 19.35 ? 16  GLU A O   1 
ATOM   132 C CB  . GLU A 1 16  ? -10.790 7.165   3.157   1.00 22.62 ? 16  GLU A CB  1 
ATOM   133 C CG  . GLU A 1 16  ? -10.622 8.673   3.407   1.00 19.73 ? 16  GLU A CG  1 
ATOM   134 C CD  . GLU A 1 16  ? -11.123 9.551   2.283   1.00 29.45 ? 16  GLU A CD  1 
ATOM   135 O OE1 . GLU A 1 16  ? -11.928 10.476  2.564   1.00 27.34 ? 16  GLU A OE1 1 
ATOM   136 O OE2 . GLU A 1 16  ? -10.685 9.348   1.132   1.00 25.17 ? 16  GLU A OE2 1 
ATOM   137 N N   . THR A 1 17  ? -11.197 6.370   6.156   1.00 19.54 ? 17  THR A N   1 
ATOM   138 C CA  . THR A 1 17  ? -11.449 6.773   7.541   1.00 18.72 ? 17  THR A CA  1 
ATOM   139 C C   . THR A 1 17  ? -10.318 6.316   8.460   1.00 17.83 ? 17  THR A C   1 
ATOM   140 O O   . THR A 1 17  ? -9.808  7.101   9.278   1.00 20.07 ? 17  THR A O   1 
ATOM   141 C CB  . THR A 1 17  ? -12.792 6.215   8.037   1.00 21.20 ? 17  THR A CB  1 
ATOM   142 O OG1 . THR A 1 17  ? -13.841 6.717   7.200   1.00 21.27 ? 17  THR A OG1 1 
ATOM   143 C CG2 . THR A 1 17  ? -13.052 6.640   9.491   1.00 21.02 ? 17  THR A CG2 1 
ATOM   144 N N   . LEU A 1 18  ? -9.893  5.067   8.307   1.00 18.90 ? 18  LEU A N   1 
ATOM   145 C CA  . LEU A 1 18  ? -8.839  4.528   9.157   1.00 16.96 ? 18  LEU A CA  1 
ATOM   146 C C   . LEU A 1 18  ? -7.500  5.214   8.907   1.00 17.72 ? 18  LEU A C   1 
ATOM   147 O O   . LEU A 1 18  ? -6.715  5.409   9.841   1.00 20.64 ? 18  LEU A O   1 
ATOM   148 C CB  . LEU A 1 18  ? -8.687  3.015   8.946   1.00 20.81 ? 18  LEU A CB  1 
ATOM   149 C CG  . LEU A 1 18  ? -9.857  2.129   9.374   1.00 20.59 ? 18  LEU A CG  1 
ATOM   150 C CD1 . LEU A 1 18  ? -9.549  0.672   9.075   1.00 21.23 ? 18  LEU A CD1 1 
ATOM   151 C CD2 . LEU A 1 18  ? -10.152 2.335   10.862  1.00 24.78 ? 18  LEU A CD2 1 
ATOM   152 N N   . LEU A 1 19  ? -7.225  5.572   7.655   1.00 18.08 ? 19  LEU A N   1 
ATOM   153 C CA  . LEU A 1 19  ? -5.925  6.156   7.343   1.00 16.17 ? 19  LEU A CA  1 
ATOM   154 C C   . LEU A 1 19  ? -5.846  7.632   7.717   1.00 17.32 ? 19  LEU A C   1 
ATOM   155 O O   . LEU A 1 19  ? -4.792  8.100   8.141   1.00 20.36 ? 19  LEU A O   1 
ATOM   156 C CB  . LEU A 1 19  ? -5.579  5.979   5.854   1.00 16.59 ? 19  LEU A CB  1 
ATOM   157 C CG  . LEU A 1 19  ? -5.255  4.559   5.386   1.00 18.83 ? 19  LEU A CG  1 
ATOM   158 C CD1 . LEU A 1 19  ? -4.954  4.574   3.897   1.00 20.00 ? 19  LEU A CD1 1 
ATOM   159 C CD2 . LEU A 1 19  ? -4.104  3.967   6.188   1.00 18.54 ? 19  LEU A CD2 1 
ATOM   160 N N   . LEU A 1 20  ? -6.947  8.366   7.570   1.00 17.75 ? 20  LEU A N   1 
ATOM   161 C CA  . LEU A 1 20  ? -6.890  9.826   7.670   1.00 16.66 ? 20  LEU A CA  1 
ATOM   162 C C   . LEU A 1 20  ? -7.270  10.374  9.047   1.00 18.71 ? 20  LEU A C   1 
ATOM   163 O O   . LEU A 1 20  ? -7.002  11.549  9.337   1.00 20.90 ? 20  LEU A O   1 
ATOM   164 C CB  . LEU A 1 20  ? -7.808  10.469  6.622   1.00 17.86 ? 20  LEU A CB  1 
ATOM   165 C CG  . LEU A 1 20  ? -7.430  10.305  5.148   1.00 17.17 ? 20  LEU A CG  1 
ATOM   166 C CD1 . LEU A 1 20  ? -8.311  11.171  4.270   1.00 16.44 ? 20  LEU A CD1 1 
ATOM   167 C CD2 . LEU A 1 20  ? -5.970  10.656  4.943   1.00 18.91 ? 20  LEU A CD2 1 
ATOM   168 N N   . LYS A 1 21  ? -7.904  9.563   9.888   1.00 20.71 ? 21  LYS A N   1 
ATOM   169 C CA  . LYS A 1 21  ? -8.496  10.143  11.095  1.00 21.25 ? 21  LYS A CA  1 
ATOM   170 C C   . LYS A 1 21  ? -7.447  10.720  12.054  1.00 23.86 ? 21  LYS A C   1 
ATOM   171 O O   . LYS A 1 21  ? -7.715  11.716  12.739  1.00 23.86 ? 21  LYS A O   1 
ATOM   172 C CB  . LYS A 1 21  ? -9.388  9.117   11.815  1.00 22.49 ? 21  LYS A CB  1 
ATOM   173 C CG  . LYS A 1 21  ? -8.726  7.853   12.303  1.00 21.21 ? 21  LYS A CG  1 
ATOM   174 C CD  . LYS A 1 21  ? -9.786  6.986   13.014  1.00 22.30 ? 21  LYS A CD  1 
ATOM   175 C CE  . LYS A 1 21  ? -9.191  5.808   13.721  1.00 27.49 ? 21  LYS A CE  1 
ATOM   176 N NZ  . LYS A 1 21  ? -10.227 5.153   14.577  1.00 26.08 ? 21  LYS A NZ  1 
ATOM   177 N N   . GLU A 1 22  ? -6.250  10.132  12.085  1.00 22.36 ? 22  GLU A N   1 
ATOM   178 C CA  . GLU A 1 22  ? -5.201  10.625  12.980  1.00 22.10 ? 22  GLU A CA  1 
ATOM   179 C C   . GLU A 1 22  ? -4.661  11.990  12.543  1.00 24.01 ? 22  GLU A C   1 
ATOM   180 O O   . GLU A 1 22  ? -4.232  12.794  13.376  1.00 25.67 ? 22  GLU A O   1 
ATOM   181 C CB  . GLU A 1 22  ? -4.059  9.614   13.071  1.00 22.83 ? 22  GLU A CB  1 
ATOM   182 C CG  . GLU A 1 22  ? -2.998  9.964   14.117  1.00 22.83 ? 22  GLU A CG  1 
ATOM   183 C CD  . GLU A 1 22  ? -2.020  8.837   14.359  1.00 25.20 ? 22  GLU A CD  1 
ATOM   184 O OE1 . GLU A 1 22  ? -2.155  7.783   13.696  1.00 27.48 ? 22  GLU A OE1 1 
ATOM   185 O OE2 . GLU A 1 22  ? -1.114  9.004   15.214  1.00 27.30 ? 22  GLU A OE2 1 
ATOM   186 N N   . GLY A 1 23  ? -4.686  12.259  11.240  1.00 22.17 ? 23  GLY A N   1 
ATOM   187 C CA  . GLY A 1 23  ? -4.227  13.537  10.721  1.00 22.62 ? 23  GLY A CA  1 
ATOM   188 C C   . GLY A 1 23  ? -2.725  13.645  10.520  1.00 23.76 ? 23  GLY A C   1 
ATOM   189 O O   . GLY A 1 23  ? -2.175  14.753  10.500  1.00 26.31 ? 23  GLY A O   1 
ATOM   190 N N   . VAL A 1 24  ? -2.067  12.499  10.367  1.00 20.49 ? 24  VAL A N   1 
ATOM   191 C CA  . VAL A 1 24  ? -0.612  12.420  10.234  1.00 18.00 ? 24  VAL A CA  1 
ATOM   192 C C   . VAL A 1 24  ? -0.247  11.773  8.891   1.00 21.01 ? 24  VAL A C   1 
ATOM   193 O O   . VAL A 1 24  ? -0.983  10.919  8.384   1.00 21.29 ? 24  VAL A O   1 
ATOM   194 C CB  . VAL A 1 24  ? 0.016   11.609  11.410  1.00 21.47 ? 24  VAL A CB  1 
ATOM   195 C CG1 . VAL A 1 24  ? -0.531  10.204  11.455  1.00 22.95 ? 24  VAL A CG1 1 
ATOM   196 C CG2 . VAL A 1 24  ? 1.533   11.553  11.328  1.00 26.01 ? 24  VAL A CG2 1 
ATOM   197 N N   . ASP A 1 25  ? 0.866   12.197  8.300   1.00 20.21 ? 25  ASP A N   1 
ATOM   198 C CA  . ASP A 1 25  ? 1.336   11.581  7.050   1.00 18.73 ? 25  ASP A CA  1 
ATOM   199 C C   . ASP A 1 25  ? 1.916   10.207  7.295   1.00 20.92 ? 25  ASP A C   1 
ATOM   200 O O   . ASP A 1 25  ? 2.502   9.960   8.344   1.00 18.39 ? 25  ASP A O   1 
ATOM   201 C CB  . ASP A 1 25  ? 2.405   12.442  6.383   1.00 19.66 ? 25  ASP A CB  1 
ATOM   202 C CG  . ASP A 1 25  ? 1.885   13.788  5.949   1.00 21.09 ? 25  ASP A CG  1 
ATOM   203 O OD1 . ASP A 1 25  ? 0.650   13.944  5.783   1.00 18.33 ? 25  ASP A OD1 1 
ATOM   204 O OD2 . ASP A 1 25  ? 2.723   14.696  5.754   1.00 25.09 ? 25  ASP A OD2 1 
ATOM   205 N N   . GLY A 1 26  ? 1.795   9.322   6.309   1.00 14.76 ? 26  GLY A N   1 
ATOM   206 C CA  . GLY A 1 26  ? 2.515   8.059   6.354   1.00 16.14 ? 26  GLY A CA  1 
ATOM   207 C C   . GLY A 1 26  ? 1.813   6.904   7.045   1.00 15.23 ? 26  GLY A C   1 
ATOM   208 O O   . GLY A 1 26  ? 2.406   5.849   7.221   1.00 17.56 ? 26  GLY A O   1 
ATOM   209 N N   . ASN A 1 27  ? 0.570   7.097   7.473   1.00 16.91 ? 27  ASN A N   1 
ATOM   210 C CA  . ASN A 1 27  ? -0.231  5.961   7.934   1.00 16.99 ? 27  ASN A CA  1 
ATOM   211 C C   . ASN A 1 27  ? -0.553  5.095   6.736   1.00 18.60 ? 27  ASN A C   1 
ATOM   212 O O   . ASN A 1 27  ? -0.929  5.619   5.694   1.00 16.73 ? 27  ASN A O   1 
ATOM   213 C CB  . ASN A 1 27  ? -1.534  6.420   8.601   1.00 18.10 ? 27  ASN A CB  1 
ATOM   214 C CG  . ASN A 1 27  ? -1.323  6.931   10.004  1.00 18.93 ? 27  ASN A CG  1 
ATOM   215 O OD1 . ASN A 1 27  ? -0.191  7.021   10.488  1.00 17.99 ? 27  ASN A OD1 1 
ATOM   216 N ND2 . ASN A 1 27  ? -2.421  7.297   10.664  1.00 20.19 ? 27  ASN A ND2 1 
ATOM   217 N N   . PHE A 1 28  ? -0.430  3.777   6.867   1.00 16.73 ? 28  PHE A N   1 
ATOM   218 C CA  . PHE A 1 28  ? -0.647  2.930   5.700   1.00 16.53 ? 28  PHE A CA  1 
ATOM   219 C C   . PHE A 1 28  ? -1.262  1.584   6.032   1.00 18.12 ? 28  PHE A C   1 
ATOM   220 O O   . PHE A 1 28  ? -1.156  1.093   7.159   1.00 17.17 ? 28  PHE A O   1 
ATOM   221 C CB  . PHE A 1 28  ? 0.671   2.721   4.928   1.00 16.29 ? 28  PHE A CB  1 
ATOM   222 C CG  . PHE A 1 28  ? 1.646   1.807   5.615   1.00 16.41 ? 28  PHE A CG  1 
ATOM   223 C CD1 . PHE A 1 28  ? 2.539   2.299   6.551   1.00 17.00 ? 28  PHE A CD1 1 
ATOM   224 C CD2 . PHE A 1 28  ? 1.675   0.457   5.308   1.00 18.95 ? 28  PHE A CD2 1 
ATOM   225 C CE1 . PHE A 1 28  ? 3.439   1.456   7.188   1.00 19.18 ? 28  PHE A CE1 1 
ATOM   226 C CE2 . PHE A 1 28  ? 2.579   -0.391  5.940   1.00 20.20 ? 28  PHE A CE2 1 
ATOM   227 C CZ  . PHE A 1 28  ? 3.457   0.114   6.875   1.00 21.03 ? 28  PHE A CZ  1 
ATOM   228 N N   . LEU A 1 29  ? -1.901  0.991   5.031   1.00 16.98 ? 29  LEU A N   1 
ATOM   229 C CA  . LEU A 1 29  ? -2.366  -0.388  5.160   1.00 16.79 ? 29  LEU A CA  1 
ATOM   230 C C   . LEU A 1 29  ? -2.394  -1.089  3.815   1.00 16.85 ? 29  LEU A C   1 
ATOM   231 O O   . LEU A 1 29  ? -2.260  -0.447  2.770   1.00 17.39 ? 29  LEU A O   1 
ATOM   232 C CB  . LEU A 1 29  ? -3.761  -0.423  5.800   1.00 17.81 ? 29  LEU A CB  1 
ATOM   233 C CG  . LEU A 1 29  ? -4.933  0.290   5.120   1.00 19.10 ? 29  LEU A CG  1 
ATOM   234 C CD1 . LEU A 1 29  ? -5.535  -0.517  3.963   1.00 19.95 ? 29  LEU A CD1 1 
ATOM   235 C CD2 . LEU A 1 29  ? -6.015  0.602   6.152   1.00 23.43 ? 29  LEU A CD2 1 
ATOM   236 N N   . LEU A 1 30  ? -2.535  -2.418  3.861   1.00 18.27 ? 30  LEU A N   1 
ATOM   237 C CA  . LEU A 1 30  ? -2.826  -3.222  2.683   1.00 21.45 ? 30  LEU A CA  1 
ATOM   238 C C   . LEU A 1 30  ? -4.266  -3.705  2.735   1.00 19.51 ? 30  LEU A C   1 
ATOM   239 O O   . LEU A 1 30  ? -4.759  -4.042  3.799   1.00 20.97 ? 30  LEU A O   1 
ATOM   240 C CB  . LEU A 1 30  ? -1.904  -4.436  2.586   1.00 22.41 ? 30  LEU A CB  1 
ATOM   241 C CG  . LEU A 1 30  ? -0.431  -4.155  2.295   1.00 20.81 ? 30  LEU A CG  1 
ATOM   242 C CD1 . LEU A 1 30  ? 0.405   -5.437  2.490   1.00 21.44 ? 30  LEU A CD1 1 
ATOM   243 C CD2 . LEU A 1 30  ? -0.274  -3.629  0.883   1.00 19.07 ? 30  LEU A CD2 1 
ATOM   244 N N   . ARG A 1 31  ? -4.931  -3.714  1.590   1.00 18.84 ? 31  ARG A N   1 
ATOM   245 C CA  . ARG A 1 31  ? -6.278  -4.272  1.494   1.00 21.30 ? 31  ARG A CA  1 
ATOM   246 C C   . ARG A 1 31  ? -6.480  -4.953  0.146   1.00 20.60 ? 31  ARG A C   1 
ATOM   247 O O   . ARG A 1 31  ? -5.673  -4.808  -0.771  1.00 20.31 ? 31  ARG A O   1 
ATOM   248 C CB  . ARG A 1 31  ? -7.326  -3.176  1.702   1.00 19.07 ? 31  ARG A CB  1 
ATOM   249 C CG  . ARG A 1 31  ? -7.306  -2.120  0.624   1.00 19.46 ? 31  ARG A CG  1 
ATOM   250 C CD  . ARG A 1 31  ? -8.481  -1.141  0.732   1.00 18.62 ? 31  ARG A CD  1 
ATOM   251 N NE  . ARG A 1 31  ? -8.317  -0.055  -0.233  1.00 20.86 ? 31  ARG A NE  1 
ATOM   252 C CZ  . ARG A 1 31  ? -8.650  -0.127  -1.516  1.00 22.22 ? 31  ARG A CZ  1 
ATOM   253 N NH1 . ARG A 1 31  ? -9.201  -1.233  -2.014  1.00 24.37 ? 31  ARG A NH1 1 
ATOM   254 N NH2 . ARG A 1 31  ? -8.434  0.914   -2.309  1.00 21.27 ? 31  ARG A NH2 1 
ATOM   255 N N   . ASP A 1 32  ? -7.552  -5.725  0.014   1.00 22.37 ? 32  ASP A N   1 
ATOM   256 C CA  . ASP A 1 32  ? -7.882  -6.293  -1.286  1.00 25.48 ? 32  ASP A CA  1 
ATOM   257 C C   . ASP A 1 32  ? -8.398  -5.208  -2.206  1.00 21.84 ? 32  ASP A C   1 
ATOM   258 O O   . ASP A 1 32  ? -9.045  -4.272  -1.743  1.00 23.56 ? 32  ASP A O   1 
ATOM   259 C CB  . ASP A 1 32  ? -8.952  -7.386  -1.168  1.00 23.83 ? 32  ASP A CB  1 
ATOM   260 C CG  . ASP A 1 32  ? -8.496  -8.576  -0.343  1.00 27.49 ? 32  ASP A CG  1 
ATOM   261 O OD1 . ASP A 1 32  ? -7.278  -8.781  -0.185  1.00 26.58 ? 32  ASP A OD1 1 
ATOM   262 O OD2 . ASP A 1 32  ? -9.374  -9.326  0.133   1.00 30.02 ? 32  ASP A OD2 1 
ATOM   263 N N   . SER A 1 33  ? -8.130  -5.332  -3.502  1.00 20.61 ? 33  SER A N   1 
ATOM   264 C CA  . SER A 1 33  ? -8.797  -4.497  -4.492  1.00 21.25 ? 33  SER A CA  1 
ATOM   265 C C   . SER A 1 33  ? -10.299 -4.761  -4.454  1.00 26.63 ? 33  SER A C   1 
ATOM   266 O O   . SER A 1 33  ? -10.732 -5.894  -4.215  1.00 26.17 ? 33  SER A O   1 
ATOM   267 C CB  . SER A 1 33  ? -8.253  -4.752  -5.902  1.00 21.92 ? 33  SER A CB  1 
ATOM   268 O OG  . SER A 1 33  ? -9.040  -4.068  -6.874  1.00 23.66 ? 33  SER A OG  1 
ATOM   269 N N   . GLU A 1 34  ? -11.091 -3.714  -4.663  1.00 27.59 ? 34  GLU A N   1 
ATOM   270 C CA  . GLU A 1 34  ? -12.539 -3.866  -4.659  1.00 29.26 ? 34  GLU A CA  1 
ATOM   271 C C   . GLU A 1 34  ? -13.012 -4.514  -5.955  1.00 34.88 ? 34  GLU A C   1 
ATOM   272 O O   . GLU A 1 34  ? -14.044 -5.187  -5.973  1.00 39.19 ? 34  GLU A O   1 
ATOM   273 C CB  . GLU A 1 34  ? -13.236 -2.514  -4.468  1.00 27.81 ? 34  GLU A CB  1 
ATOM   274 C CG  . GLU A 1 34  ? -13.165 -1.948  -3.049  1.00 28.86 ? 34  GLU A CG  1 
ATOM   275 C CD  . GLU A 1 34  ? -14.097 -0.755  -2.853  1.00 35.37 ? 34  GLU A CD  1 
ATOM   276 O OE1 . GLU A 1 34  ? -14.554 -0.190  -3.875  1.00 36.43 ? 34  GLU A OE1 1 
ATOM   277 O OE2 . GLU A 1 34  ? -14.379 -0.387  -1.686  1.00 31.15 ? 34  GLU A OE2 1 
ATOM   278 N N   . SER A 1 35  ? -12.262 -4.326  -7.040  1.00 34.15 ? 35  SER A N   1 
ATOM   279 C CA  . SER A 1 35  ? -12.732 -4.800  -8.341  1.00 37.48 ? 35  SER A CA  1 
ATOM   280 C C   . SER A 1 35  ? -11.901 -5.925  -8.971  1.00 36.74 ? 35  SER A C   1 
ATOM   281 O O   . SER A 1 35  ? -12.474 -6.826  -9.583  1.00 38.14 ? 35  SER A O   1 
ATOM   282 C CB  . SER A 1 35  ? -12.833 -3.628  -9.326  1.00 35.89 ? 35  SER A CB  1 
ATOM   283 O OG  . SER A 1 35  ? -11.609 -2.927  -9.462  1.00 40.53 ? 35  SER A OG  1 
ATOM   284 N N   . ILE A 1 36  ? -10.577 -5.894  -8.832  1.00 34.24 ? 36  ILE A N   1 
ATOM   285 C CA  . ILE A 1 36  ? -9.749  -6.916  -9.476  1.00 31.03 ? 36  ILE A CA  1 
ATOM   286 C C   . ILE A 1 36  ? -9.335  -8.043  -8.522  1.00 31.45 ? 36  ILE A C   1 
ATOM   287 O O   . ILE A 1 36  ? -8.558  -7.834  -7.592  1.00 27.35 ? 36  ILE A O   1 
ATOM   288 C CB  . ILE A 1 36  ? -8.471  -6.313  -10.094 1.00 29.49 ? 36  ILE A CB  1 
ATOM   289 C CG1 . ILE A 1 36  ? -8.753  -4.956  -10.730 1.00 32.98 ? 36  ILE A CG1 1 
ATOM   290 C CG2 . ILE A 1 36  ? -7.875  -7.258  -11.122 1.00 34.55 ? 36  ILE A CG2 1 
ATOM   291 C CD1 . ILE A 1 36  ? -7.542  -4.379  -11.439 1.00 32.65 ? 36  ILE A CD1 1 
ATOM   292 N N   . PRO A 1 37  ? -9.843  -9.262  -8.766  1.00 32.70 ? 37  PRO A N   1 
ATOM   293 C CA  . PRO A 1 37  ? -9.469  -10.432 -7.959  1.00 31.67 ? 37  PRO A CA  1 
ATOM   294 C C   . PRO A 1 37  ? -7.958  -10.661 -7.897  1.00 27.37 ? 37  PRO A C   1 
ATOM   295 O O   . PRO A 1 37  ? -7.282  -10.604 -8.922  1.00 30.83 ? 37  PRO A O   1 
ATOM   296 C CB  . PRO A 1 37  ? -10.155 -11.596 -8.692  1.00 33.44 ? 37  PRO A CB  1 
ATOM   297 C CG  . PRO A 1 37  ? -11.299 -10.960 -9.414  1.00 34.15 ? 37  PRO A CG  1 
ATOM   298 C CD  . PRO A 1 37  ? -10.822 -9.594  -9.815  1.00 31.48 ? 37  PRO A CD  1 
ATOM   299 N N   . GLY A 1 38  ? -7.439  -10.904 -6.701  1.00 29.27 ? 38  GLY A N   1 
ATOM   300 C CA  . GLY A 1 38  ? -6.041  -11.264 -6.534  1.00 30.05 ? 38  GLY A CA  1 
ATOM   301 C C   . GLY A 1 38  ? -5.097  -10.078 -6.486  1.00 30.72 ? 38  GLY A C   1 
ATOM   302 O O   . GLY A 1 38  ? -3.889  -10.239 -6.332  1.00 34.47 ? 38  GLY A O   1 
ATOM   303 N N   . VAL A 1 39  ? -5.653  -8.881  -6.619  1.00 25.71 ? 39  VAL A N   1 
ATOM   304 C CA  . VAL A 1 39  ? -4.850  -7.663  -6.571  1.00 25.57 ? 39  VAL A CA  1 
ATOM   305 C C   . VAL A 1 39  ? -4.916  -7.053  -5.168  1.00 23.41 ? 39  VAL A C   1 
ATOM   306 O O   . VAL A 1 39  ? -5.961  -7.073  -4.530  1.00 21.96 ? 39  VAL A O   1 
ATOM   307 C CB  . VAL A 1 39  ? -5.329  -6.631  -7.619  1.00 22.69 ? 39  VAL A CB  1 
ATOM   308 C CG1 . VAL A 1 39  ? -4.611  -5.304  -7.435  1.00 25.09 ? 39  VAL A CG1 1 
ATOM   309 C CG2 . VAL A 1 39  ? -5.077  -7.137  -9.033  1.00 27.80 ? 39  VAL A CG2 1 
ATOM   310 N N   . LEU A 1 40  ? -3.788  -6.534  -4.687  1.00 21.12 ? 40  LEU A N   1 
ATOM   311 C CA  . LEU A 1 40  ? -3.745  -5.835  -3.411  1.00 20.10 ? 40  LEU A CA  1 
ATOM   312 C C   . LEU A 1 40  ? -3.615  -4.340  -3.638  1.00 20.38 ? 40  LEU A C   1 
ATOM   313 O O   . LEU A 1 40  ? -3.168  -3.903  -4.697  1.00 20.59 ? 40  LEU A O   1 
ATOM   314 C CB  . LEU A 1 40  ? -2.578  -6.329  -2.561  1.00 21.38 ? 40  LEU A CB  1 
ATOM   315 C CG  . LEU A 1 40  ? -2.637  -7.808  -2.193  1.00 24.34 ? 40  LEU A CG  1 
ATOM   316 C CD1 . LEU A 1 40  ? -1.256  -8.251  -1.755  1.00 30.49 ? 40  LEU A CD1 1 
ATOM   317 C CD2 . LEU A 1 40  ? -3.651  -8.040  -1.088  1.00 27.56 ? 40  LEU A CD2 1 
ATOM   318 N N   . CYS A 1 41  ? -3.999  -3.564  -2.631  1.00 18.67 ? 41  CYS A N   1 
ATOM   319 C CA  . CYS A 1 41  ? -3.794  -2.120  -2.674  1.00 15.61 ? 41  CYS A CA  1 
ATOM   320 C C   . CYS A 1 41  ? -3.030  -1.645  -1.455  1.00 17.46 ? 41  CYS A C   1 
ATOM   321 O O   . CYS A 1 41  ? -3.383  -1.951  -0.318  1.00 19.35 ? 41  CYS A O   1 
ATOM   322 C CB  . CYS A 1 41  ? -5.132  -1.389  -2.763  1.00 17.86 ? 41  CYS A CB  1 
ATOM   323 S SG  . CYS A 1 41  ? -6.087  -1.846  -4.216  1.00 20.89 ? 41  CYS A SG  1 
ATOM   324 N N   . LEU A 1 42  ? -1.964  -0.893  -1.709  1.00 15.12 ? 42  LEU A N   1 
ATOM   325 C CA  . LEU A 1 42  ? -1.230  -0.203  -0.661  1.00 13.87 ? 42  LEU A CA  1 
ATOM   326 C C   . LEU A 1 42  ? -1.772  1.210   -0.626  1.00 15.91 ? 42  LEU A C   1 
ATOM   327 O O   . LEU A 1 42  ? -1.761  1.905   -1.632  1.00 15.72 ? 42  LEU A O   1 
ATOM   328 C CB  . LEU A 1 42  ? 0.277   -0.211  -0.932  1.00 16.75 ? 42  LEU A CB  1 
ATOM   329 C CG  . LEU A 1 42  ? 1.150   0.673   -0.039  1.00 17.82 ? 42  LEU A CG  1 
ATOM   330 C CD1 . LEU A 1 42  ? 1.132   0.235   1.412   1.00 16.42 ? 42  LEU A CD1 1 
ATOM   331 C CD2 . LEU A 1 42  ? 2.588   0.684   -0.597  1.00 18.08 ? 42  LEU A CD2 1 
ATOM   332 N N   . CYS A 1 43  ? -2.273  1.607   0.531   1.00 15.82 ? 43  CYS A N   1 
ATOM   333 C CA  . CYS A 1 43  ? -2.934  2.893   0.671   1.00 16.22 ? 43  CYS A CA  1 
ATOM   334 C C   . CYS A 1 43  ? -2.252  3.651   1.785   1.00 14.50 ? 43  CYS A C   1 
ATOM   335 O O   . CYS A 1 43  ? -1.979  3.084   2.840   1.00 14.70 ? 43  CYS A O   1 
ATOM   336 C CB  . CYS A 1 43  ? -4.421  2.693   0.967   1.00 17.04 ? 43  CYS A CB  1 
ATOM   337 S SG  . CYS A 1 43  ? -5.228  1.582   -0.209  1.00 22.60 ? 43  CYS A SG  1 
ATOM   338 N N   . VAL A 1 44  ? -1.951  4.926   1.547   1.00 14.62 ? 44  VAL A N   1 
ATOM   339 C CA  . VAL A 1 44  ? -1.138  5.692   2.479   1.00 14.55 ? 44  VAL A CA  1 
ATOM   340 C C   . VAL A 1 44  ? -1.586  7.161   2.516   1.00 16.03 ? 44  VAL A C   1 
ATOM   341 O O   . VAL A 1 44  ? -2.067  7.709   1.518   1.00 14.43 ? 44  VAL A O   1 
ATOM   342 C CB  . VAL A 1 44  ? 0.369   5.582   2.112   1.00 15.63 ? 44  VAL A CB  1 
ATOM   343 C CG1 . VAL A 1 44  ? 0.617   6.106   0.710   1.00 16.59 ? 44  VAL A CG1 1 
ATOM   344 C CG2 . VAL A 1 44  ? 1.241   6.275   3.174   1.00 18.33 ? 44  VAL A CG2 1 
ATOM   345 N N   . SER A 1 45  ? -1.460  7.786   3.681   1.00 16.91 ? 45  SER A N   1 
ATOM   346 C CA  . SER A 1 45  ? -1.943  9.157   3.870   1.00 13.69 ? 45  SER A CA  1 
ATOM   347 C C   . SER A 1 45  ? -0.844  10.182  3.601   1.00 14.26 ? 45  SER A C   1 
ATOM   348 O O   . SER A 1 45  ? 0.314   9.982   3.997   1.00 15.84 ? 45  SER A O   1 
ATOM   349 C CB  . SER A 1 45  ? -2.489  9.339   5.298   1.00 16.07 ? 45  SER A CB  1 
ATOM   350 O OG  . SER A 1 45  ? -1.482  9.127   6.293   1.00 16.16 ? 45  SER A OG  1 
ATOM   351 N N   . PHE A 1 46  ? -1.217  11.281  2.945   1.00 15.55 ? 46  PHE A N   1 
ATOM   352 C CA  . PHE A 1 46  ? -0.312  12.418  2.766   1.00 15.60 ? 46  PHE A CA  1 
ATOM   353 C C   . PHE A 1 46  ? -1.119  13.698  2.636   1.00 16.99 ? 46  PHE A C   1 
ATOM   354 O O   . PHE A 1 46  ? -1.957  13.813  1.745   1.00 15.96 ? 46  PHE A O   1 
ATOM   355 C CB  . PHE A 1 46  ? 0.582   12.234  1.539   1.00 15.67 ? 46  PHE A CB  1 
ATOM   356 C CG  . PHE A 1 46  ? 1.535   13.384  1.315   1.00 16.20 ? 46  PHE A CG  1 
ATOM   357 C CD1 . PHE A 1 46  ? 2.555   13.627  2.213   1.00 18.90 ? 46  PHE A CD1 1 
ATOM   358 C CD2 . PHE A 1 46  ? 1.395   14.214  0.214   1.00 18.05 ? 46  PHE A CD2 1 
ATOM   359 C CE1 . PHE A 1 46  ? 3.429   14.699  2.009   1.00 21.19 ? 46  PHE A CE1 1 
ATOM   360 C CE2 . PHE A 1 46  ? 2.271   15.287  0.007   1.00 19.31 ? 46  PHE A CE2 1 
ATOM   361 C CZ  . PHE A 1 46  ? 3.282   15.511  0.910   1.00 20.12 ? 46  PHE A CZ  1 
ATOM   362 N N   . LYS A 1 47  ? -0.862  14.651  3.526   1.00 16.95 ? 47  LYS A N   1 
ATOM   363 C CA  . LYS A 1 47  ? -1.575  15.921  3.532   1.00 17.20 ? 47  LYS A CA  1 
ATOM   364 C C   . LYS A 1 47  ? -3.087  15.750  3.376   1.00 17.47 ? 47  LYS A C   1 
ATOM   365 O O   . LYS A 1 47  ? -3.707  16.398  2.540   1.00 18.94 ? 47  LYS A O   1 
ATOM   366 C CB  . LYS A 1 47  ? -1.020  16.834  2.436   1.00 19.45 ? 47  LYS A CB  1 
ATOM   367 C CG  . LYS A 1 47  ? 0.483   17.055  2.548   1.00 21.73 ? 47  LYS A CG  1 
ATOM   368 C CD  . LYS A 1 47  ? 0.876   17.635  3.902   1.00 26.96 ? 47  LYS A CD  1 
ATOM   369 C CE  . LYS A 1 47  ? 2.359   17.978  3.953   1.00 30.08 ? 47  LYS A CE  1 
ATOM   370 N NZ  . LYS A 1 47  ? 2.991   17.587  5.234   1.00 32.69 ? 47  LYS A NZ  1 
ATOM   371 N N   . ASN A 1 48  ? -3.658  14.862  4.197   1.00 18.47 ? 48  ASN A N   1 
ATOM   372 C CA  . ASN A 1 48  ? -5.103  14.654  4.306   1.00 18.97 ? 48  ASN A CA  1 
ATOM   373 C C   . ASN A 1 48  ? -5.742  13.991  3.096   1.00 19.39 ? 48  ASN A C   1 
ATOM   374 O O   . ASN A 1 48  ? -6.962  14.032  2.928   1.00 18.88 ? 48  ASN A O   1 
ATOM   375 C CB  . ASN A 1 48  ? -5.809  15.987  4.586   1.00 19.44 ? 48  ASN A CB  1 
ATOM   376 C CG  . ASN A 1 48  ? -5.194  16.730  5.751   1.00 28.53 ? 48  ASN A CG  1 
ATOM   377 O OD1 . ASN A 1 48  ? -4.774  17.891  5.626   1.00 31.23 ? 48  ASN A OD1 1 
ATOM   378 N ND2 . ASN A 1 48  ? -5.130  16.067  6.892   1.00 22.93 ? 48  ASN A ND2 1 
ATOM   379 N N   . ILE A 1 49  ? -4.921  13.340  2.276   1.00 15.99 ? 49  ILE A N   1 
ATOM   380 C CA  . ILE A 1 49  ? -5.412  12.624  1.103   1.00 16.74 ? 49  ILE A CA  1 
ATOM   381 C C   . ILE A 1 49  ? -4.845  11.212  1.121   1.00 15.35 ? 49  ILE A C   1 
ATOM   382 O O   . ILE A 1 49  ? -3.683  11.013  1.489   1.00 15.77 ? 49  ILE A O   1 
ATOM   383 C CB  . ILE A 1 49  ? -5.014  13.350  -0.203  1.00 16.17 ? 49  ILE A CB  1 
ATOM   384 C CG1 . ILE A 1 49  ? -5.649  14.738  -0.246  1.00 17.50 ? 49  ILE A CG1 1 
ATOM   385 C CG2 . ILE A 1 49  ? -5.415  12.538  -1.459  1.00 17.13 ? 49  ILE A CG2 1 
ATOM   386 C CD1 . ILE A 1 49  ? -5.239  15.533  -1.458  1.00 18.76 ? 49  ILE A CD1 1 
ATOM   387 N N   . VAL A 1 50  ? -5.662  10.231  0.736   1.00 15.72 ? 50  VAL A N   1 
ATOM   388 C CA  . VAL A 1 50  ? -5.182  8.856   0.584   1.00 14.30 ? 50  VAL A CA  1 
ATOM   389 C C   . VAL A 1 50  ? -4.651  8.643   -0.820  1.00 14.57 ? 50  VAL A C   1 
ATOM   390 O O   . VAL A 1 50  ? -5.320  9.016   -1.780  1.00 14.99 ? 50  VAL A O   1 
ATOM   391 C CB  . VAL A 1 50  ? -6.295  7.822   0.845   1.00 18.51 ? 50  VAL A CB  1 
ATOM   392 C CG1 . VAL A 1 50  ? -5.785  6.390   0.555   1.00 17.71 ? 50  VAL A CG1 1 
ATOM   393 C CG2 . VAL A 1 50  ? -6.801  7.940   2.266   1.00 19.02 ? 50  VAL A CG2 1 
ATOM   394 N N   . TYR A 1 51  ? -3.444  8.075   -0.921  1.00 14.12 ? 51  TYR A N   1 
ATOM   395 C CA  . TYR A 1 51  ? -2.841  7.700   -2.207  1.00 14.27 ? 51  TYR A CA  1 
ATOM   396 C C   . TYR A 1 51  ? -2.829  6.174   -2.285  1.00 13.01 ? 51  TYR A C   1 
ATOM   397 O O   . TYR A 1 51  ? -2.441  5.506   -1.332  1.00 14.91 ? 51  TYR A O   1 
ATOM   398 C CB  . TYR A 1 51  ? -1.437  8.300   -2.350  1.00 13.80 ? 51  TYR A CB  1 
ATOM   399 C CG  . TYR A 1 51  ? -1.557  9.786   -2.488  1.00 14.87 ? 51  TYR A CG  1 
ATOM   400 C CD1 . TYR A 1 51  ? -1.620  10.600  -1.356  1.00 16.54 ? 51  TYR A CD1 1 
ATOM   401 C CD2 . TYR A 1 51  ? -1.729  10.368  -3.733  1.00 15.19 ? 51  TYR A CD2 1 
ATOM   402 C CE1 . TYR A 1 51  ? -1.807  11.966  -1.471  1.00 15.31 ? 51  TYR A CE1 1 
ATOM   403 C CE2 . TYR A 1 51  ? -1.913  11.735  -3.861  1.00 15.53 ? 51  TYR A CE2 1 
ATOM   404 C CZ  . TYR A 1 51  ? -1.945  12.526  -2.727  1.00 15.42 ? 51  TYR A CZ  1 
ATOM   405 O OH  . TYR A 1 51  ? -2.133  13.893  -2.827  1.00 17.94 ? 51  TYR A OH  1 
ATOM   406 N N   . THR A 1 52  ? -3.318  5.651   -3.403  1.00 14.29 ? 52  THR A N   1 
ATOM   407 C CA  . THR A 1 52  ? -3.514  4.216   -3.575  1.00 15.70 ? 52  THR A CA  1 
ATOM   408 C C   . THR A 1 52  ? -2.640  3.681   -4.705  1.00 14.10 ? 52  THR A C   1 
ATOM   409 O O   . THR A 1 52  ? -2.546  4.294   -5.749  1.00 15.58 ? 52  THR A O   1 
ATOM   410 C CB  . THR A 1 52  ? -4.982  3.888   -3.862  1.00 18.73 ? 52  THR A CB  1 
ATOM   411 O OG1 . THR A 1 52  ? -5.782  4.370   -2.770  1.00 18.34 ? 52  THR A OG1 1 
ATOM   412 C CG2 . THR A 1 52  ? -5.178  2.382   -3.960  1.00 19.24 ? 52  THR A CG2 1 
ATOM   413 N N   . TYR A 1 53  ? -1.966  2.568   -4.442  1.00 15.17 ? 53  TYR A N   1 
ATOM   414 C CA  . TYR A 1 53  ? -1.167  1.874   -5.438  1.00 17.37 ? 53  TYR A CA  1 
ATOM   415 C C   . TYR A 1 53  ? -1.599  0.420   -5.503  1.00 15.38 ? 53  TYR A C   1 
ATOM   416 O O   . TYR A 1 53  ? -1.621  -0.265  -4.487  1.00 17.67 ? 53  TYR A O   1 
ATOM   417 C CB  . TYR A 1 53  ? 0.320   1.955   -5.080  1.00 17.05 ? 53  TYR A CB  1 
ATOM   418 C CG  . TYR A 1 53  ? 0.835   3.364   -4.929  1.00 17.42 ? 53  TYR A CG  1 
ATOM   419 C CD1 . TYR A 1 53  ? 0.790   4.024   -3.700  1.00 14.99 ? 53  TYR A CD1 1 
ATOM   420 C CD2 . TYR A 1 53  ? 1.348   4.049   -6.026  1.00 17.61 ? 53  TYR A CD2 1 
ATOM   421 C CE1 . TYR A 1 53  ? 1.260   5.319   -3.576  1.00 17.05 ? 53  TYR A CE1 1 
ATOM   422 C CE2 . TYR A 1 53  ? 1.822   5.338   -5.909  1.00 18.94 ? 53  TYR A CE2 1 
ATOM   423 C CZ  . TYR A 1 53  ? 1.772   5.967   -4.675  1.00 20.82 ? 53  TYR A CZ  1 
ATOM   424 O OH  . TYR A 1 53  ? 2.248   7.253   -4.566  1.00 21.26 ? 53  TYR A OH  1 
ATOM   425 N N   . ARG A 1 54  ? -1.940  -0.067  -6.690  1.00 16.42 ? 54  ARG A N   1 
ATOM   426 C CA  . ARG A 1 54  ? -2.251  -1.487  -6.812  1.00 16.93 ? 54  ARG A CA  1 
ATOM   427 C C   . ARG A 1 54  ? -0.966  -2.305  -6.860  1.00 16.44 ? 54  ARG A C   1 
ATOM   428 O O   . ARG A 1 54  ? 0.037   -1.886  -7.450  1.00 16.66 ? 54  ARG A O   1 
ATOM   429 C CB  . ARG A 1 54  ? -3.102  -1.742  -8.045  1.00 18.10 ? 54  ARG A CB  1 
ATOM   430 C CG  . ARG A 1 54  ? -4.547  -1.308  -7.842  1.00 19.44 ? 54  ARG A CG  1 
ATOM   431 C CD  . ARG A 1 54  ? -5.313  -1.364  -9.146  1.00 18.00 ? 54  ARG A CD  1 
ATOM   432 N NE  . ARG A 1 54  ? -6.707  -0.992  -8.928  1.00 20.16 ? 54  ARG A NE  1 
ATOM   433 C CZ  . ARG A 1 54  ? -7.573  -0.712  -9.896  1.00 24.18 ? 54  ARG A CZ  1 
ATOM   434 N NH1 . ARG A 1 54  ? -7.198  -0.740  -11.172 1.00 24.19 ? 54  ARG A NH1 1 
ATOM   435 N NH2 . ARG A 1 54  ? -8.818  -0.387  -9.584  1.00 24.51 ? 54  ARG A NH2 1 
ATOM   436 N N   . ILE A 1 55  ? -1.010  -3.463  -6.208  1.00 17.31 ? 55  ILE A N   1 
ATOM   437 C CA  . ILE A 1 55  ? 0.100   -4.400  -6.200  1.00 17.57 ? 55  ILE A CA  1 
ATOM   438 C C   . ILE A 1 55  ? -0.366  -5.686  -6.867  1.00 19.11 ? 55  ILE A C   1 
ATOM   439 O O   . ILE A 1 55  ? -1.355  -6.292  -6.439  1.00 21.64 ? 55  ILE A O   1 
ATOM   440 C CB  . ILE A 1 55  ? 0.574   -4.697  -4.783  1.00 17.19 ? 55  ILE A CB  1 
ATOM   441 C CG1 . ILE A 1 55  ? 1.142   -3.427  -4.137  1.00 17.92 ? 55  ILE A CG1 1 
ATOM   442 C CG2 . ILE A 1 55  ? 1.601   -5.853  -4.790  1.00 19.80 ? 55  ILE A CG2 1 
ATOM   443 C CD1 . ILE A 1 55  ? 1.396   -3.557  -2.638  1.00 18.59 ? 55  ILE A CD1 1 
ATOM   444 N N   . PHE A 1 56  ? 0.344   -6.080  -7.916  1.00 19.71 ? 56  PHE A N   1 
ATOM   445 C CA  . PHE A 1 56  ? -0.035  -7.248  -8.697  1.00 22.25 ? 56  PHE A CA  1 
ATOM   446 C C   . PHE A 1 56  ? 0.839   -8.452  -8.390  1.00 20.74 ? 56  PHE A C   1 
ATOM   447 O O   . PHE A 1 56  ? 2.014   -8.310  -8.078  1.00 23.40 ? 56  PHE A O   1 
ATOM   448 C CB  . PHE A 1 56  ? 0.043   -6.921  -10.183 1.00 22.84 ? 56  PHE A CB  1 
ATOM   449 C CG  . PHE A 1 56  ? -0.891  -5.824  -10.598 1.00 24.19 ? 56  PHE A CG  1 
ATOM   450 C CD1 . PHE A 1 56  ? -2.185  -6.119  -10.966 1.00 24.04 ? 56  PHE A CD1 1 
ATOM   451 C CD2 . PHE A 1 56  ? -0.475  -4.496  -10.594 1.00 24.63 ? 56  PHE A CD2 1 
ATOM   452 C CE1 . PHE A 1 56  ? -3.060  -5.123  -11.336 1.00 25.53 ? 56  PHE A CE1 1 
ATOM   453 C CE2 . PHE A 1 56  ? -1.343  -3.495  -10.968 1.00 24.76 ? 56  PHE A CE2 1 
ATOM   454 C CZ  . PHE A 1 56  ? -2.637  -3.813  -11.342 1.00 22.63 ? 56  PHE A CZ  1 
ATOM   455 N N   . ARG A 1 57  ? 0.241   -9.636  -8.466  1.00 24.08 ? 57  ARG A N   1 
ATOM   456 C CA  . ARG A 1 57  ? 0.979   -10.892 -8.416  1.00 29.69 ? 57  ARG A CA  1 
ATOM   457 C C   . ARG A 1 57  ? 1.309   -11.312 -9.842  1.00 32.51 ? 57  ARG A C   1 
ATOM   458 O O   . ARG A 1 57  ? 0.420   -11.426 -10.675 1.00 33.12 ? 57  ARG A O   1 
ATOM   459 C CB  . ARG A 1 57  ? 0.153   -11.980 -7.722  1.00 29.81 ? 57  ARG A CB  1 
ATOM   460 C CG  . ARG A 1 57  ? -0.141  -11.737 -6.260  1.00 32.02 ? 57  ARG A CG  1 
ATOM   461 C CD  . ARG A 1 57  ? -1.448  -12.424 -5.857  1.00 42.73 ? 57  ARG A CD  1 
ATOM   462 N NE  . ARG A 1 57  ? -1.875  -13.433 -6.830  1.00 45.88 ? 57  ARG A NE  1 
ATOM   463 C CZ  . ARG A 1 57  ? -3.012  -14.120 -6.749  1.00 48.64 ? 57  ARG A CZ  1 
ATOM   464 N NH1 . ARG A 1 57  ? -3.841  -13.927 -5.728  1.00 51.65 ? 57  ARG A NH1 1 
ATOM   465 N NH2 . ARG A 1 57  ? -3.319  -15.009 -7.684  1.00 50.87 ? 57  ARG A NH2 1 
ATOM   466 N N   . GLU A 1 58  ? 2.576   -11.581 -10.131 1.00 40.04 ? 58  GLU A N   1 
ATOM   467 C CA  . GLU A 1 58  ? 2.959   -11.903 -11.517 1.00 44.93 ? 58  GLU A CA  1 
ATOM   468 C C   . GLU A 1 58  ? 2.318   -13.167 -12.220 1.00 55.65 ? 58  GLU A C   1 
ATOM   469 O O   . GLU A 1 58  ? 2.273   -13.188 -13.459 1.00 54.44 ? 58  GLU A O   1 
ATOM   470 C CB  . GLU A 1 58  ? 4.483   -12.000 -11.581 1.00 44.92 ? 58  GLU A CB  1 
ATOM   471 C CG  . GLU A 1 58  ? 5.186   -10.720 -11.159 1.00 38.14 ? 58  GLU A CG  1 
ATOM   472 C CD  . GLU A 1 58  ? 5.874   -10.021 -12.311 1.00 42.73 ? 58  GLU A CD  1 
ATOM   473 O OE1 . GLU A 1 58  ? 6.992   -10.445 -12.667 1.00 39.22 ? 58  GLU A OE1 1 
ATOM   474 O OE2 . GLU A 1 58  ? 5.305   -9.051  -12.860 1.00 39.80 ? 58  GLU A OE2 1 
ATOM   475 N N   . LYS A 1 59  ? 1.842   -14.206 -11.509 1.00 55.51 ? 59  LYS A N   1 
ATOM   476 C CA  . LYS A 1 59  ? 2.019   -14.391 -10.074 1.00 49.74 ? 59  LYS A CA  1 
ATOM   477 C C   . LYS A 1 59  ? 3.485   -14.721 -9.799  1.00 48.85 ? 59  LYS A C   1 
ATOM   478 O O   . LYS A 1 59  ? 4.251   -13.843 -9.377  1.00 39.92 ? 59  LYS A O   1 
ATOM   479 C CB  . LYS A 1 59  ? 1.048   -15.451 -9.499  1.00 46.40 ? 59  LYS A CB  1 
ATOM   480 C CG  . LYS A 1 59  ? 1.111   -16.861 -10.079 1.00 50.69 ? 59  LYS A CG  1 
ATOM   481 C CD  . LYS A 1 59  ? 0.157   -17.780 -9.361  1.00 51.31 ? 59  LYS A CD  1 
ATOM   482 C CE  . LYS A 1 59  ? 0.303   -19.213 -9.857  1.00 52.28 ? 59  LYS A CE  1 
ATOM   483 N NZ  . LYS A 1 59  ? -0.041  -19.353 -11.303 1.00 51.57 ? 59  LYS A NZ  1 
ATOM   484 N N   . HIS A 1 60  ? 3.882   -15.971 -10.031 1.00 46.82 ? 60  HIS A N   1 
ATOM   485 C CA  . HIS A 1 60  ? 5.232   -16.433 -9.733  1.00 50.44 ? 60  HIS A CA  1 
ATOM   486 C C   . HIS A 1 60  ? 5.497   -16.201 -8.225  1.00 48.12 ? 60  HIS A C   1 
ATOM   487 O O   . HIS A 1 60  ? 6.609   -16.369 -7.738  1.00 47.83 ? 60  HIS A O   1 
ATOM   488 C CB  . HIS A 1 60  ? 6.229   -15.704 -10.658 1.00 46.26 ? 60  HIS A CB  1 
ATOM   489 C CG  . HIS A 1 60  ? 7.672   -15.904 -10.320 1.00 43.60 ? 60  HIS A CG  1 
ATOM   490 N ND1 . HIS A 1 60  ? 8.303   -15.210 -9.301  1.00 48.33 ? 60  HIS A ND1 1 
ATOM   491 C CD2 . HIS A 1 60  ? 8.637   -16.624 -10.926 1.00 45.46 ? 60  HIS A CD2 1 
ATOM   492 C CE1 . HIS A 1 60  ? 9.574   -15.560 -9.254  1.00 44.03 ? 60  HIS A CE1 1 
ATOM   493 N NE2 . HIS A 1 60  ? 9.802   -16.421 -10.236 1.00 50.31 ? 60  HIS A NE2 1 
ATOM   494 N N   . GLY A 1 61  ? 4.437   -15.839 -7.496  1.00 49.33 ? 61  GLY A N   1 
ATOM   495 C CA  . GLY A 1 61  ? 4.502   -15.468 -6.097  1.00 35.74 ? 61  GLY A CA  1 
ATOM   496 C C   . GLY A 1 61  ? 5.246   -14.178 -5.779  1.00 29.69 ? 61  GLY A C   1 
ATOM   497 O O   . GLY A 1 61  ? 5.600   -13.957 -4.623  1.00 31.47 ? 61  GLY A O   1 
ATOM   498 N N   . TYR A 1 62  ? 5.516   -13.337 -6.774  1.00 25.20 ? 62  TYR A N   1 
ATOM   499 C CA  . TYR A 1 62  ? 6.150   -12.043 -6.487  1.00 26.73 ? 62  TYR A CA  1 
ATOM   500 C C   . TYR A 1 62  ? 5.135   -10.910 -6.530  1.00 24.15 ? 62  TYR A C   1 
ATOM   501 O O   . TYR A 1 62  ? 4.006   -11.100 -6.979  1.00 25.96 ? 62  TYR A O   1 
ATOM   502 C CB  . TYR A 1 62  ? 7.291   -11.736 -7.460  1.00 30.25 ? 62  TYR A CB  1 
ATOM   503 C CG  . TYR A 1 62  ? 8.607   -12.385 -7.094  1.00 34.03 ? 62  TYR A CG  1 
ATOM   504 C CD1 . TYR A 1 62  ? 8.637   -13.558 -6.349  1.00 34.21 ? 62  TYR A CD1 1 
ATOM   505 C CD2 . TYR A 1 62  ? 9.818   -11.811 -7.463  1.00 33.30 ? 62  TYR A CD2 1 
ATOM   506 C CE1 . TYR A 1 62  ? 9.843   -14.157 -6.005  1.00 38.57 ? 62  TYR A CE1 1 
ATOM   507 C CE2 . TYR A 1 62  ? 11.022  -12.403 -7.126  1.00 37.44 ? 62  TYR A CE2 1 
ATOM   508 C CZ  . TYR A 1 62  ? 11.028  -13.572 -6.396  1.00 36.59 ? 62  TYR A CZ  1 
ATOM   509 O OH  . TYR A 1 62  ? 12.230  -14.159 -6.060  1.00 39.57 ? 62  TYR A OH  1 
ATOM   510 N N   . TYR A 1 63  ? 5.543   -9.732  -6.062  1.00 23.38 ? 63  TYR A N   1 
ATOM   511 C CA  . TYR A 1 63  ? 4.631   -8.596  -5.941  1.00 21.82 ? 63  TYR A CA  1 
ATOM   512 C C   . TYR A 1 63  ? 5.149   -7.395  -6.722  1.00 19.16 ? 63  TYR A C   1 
ATOM   513 O O   . TYR A 1 63  ? 6.263   -6.947  -6.496  1.00 23.67 ? 63  TYR A O   1 
ATOM   514 C CB  . TYR A 1 63  ? 4.428   -8.248  -4.468  1.00 20.26 ? 63  TYR A CB  1 
ATOM   515 C CG  . TYR A 1 63  ? 3.827   -9.407  -3.714  1.00 26.55 ? 63  TYR A CG  1 
ATOM   516 C CD1 . TYR A 1 63  ? 2.449   -9.584  -3.663  1.00 27.15 ? 63  TYR A CD1 1 
ATOM   517 C CD2 . TYR A 1 63  ? 4.642   -10.347 -3.090  1.00 25.77 ? 63  TYR A CD2 1 
ATOM   518 C CE1 . TYR A 1 63  ? 1.892   -10.656 -2.986  1.00 30.58 ? 63  TYR A CE1 1 
ATOM   519 C CE2 . TYR A 1 63  ? 4.100   -11.421 -2.412  1.00 29.49 ? 63  TYR A CE2 1 
ATOM   520 C CZ  . TYR A 1 63  ? 2.723   -11.573 -2.366  1.00 33.05 ? 63  TYR A CZ  1 
ATOM   521 O OH  . TYR A 1 63  ? 2.181   -12.649 -1.686  1.00 42.06 ? 63  TYR A OH  1 
ATOM   522 N N   . ARG A 1 64  ? 4.323   -6.891  -7.636  1.00 21.56 ? 64  ARG A N   1 
ATOM   523 C CA  . ARG A 1 64  ? 4.711   -5.847  -8.576  1.00 18.77 ? 64  ARG A CA  1 
ATOM   524 C C   . ARG A 1 64  ? 3.972   -4.539  -8.327  1.00 19.52 ? 64  ARG A C   1 
ATOM   525 O O   . ARG A 1 64  ? 2.751   -4.533  -8.158  1.00 20.20 ? 64  ARG A O   1 
ATOM   526 C CB  . ARG A 1 64  ? 4.441   -6.309  -10.005 1.00 22.29 ? 64  ARG A CB  1 
ATOM   527 C CG  . ARG A 1 64  ? 4.843   -5.302  -11.063 1.00 22.14 ? 64  ARG A CG  1 
ATOM   528 C CD  . ARG A 1 64  ? 4.532   -5.826  -12.466 1.00 29.67 ? 64  ARG A CD  1 
ATOM   529 N NE  . ARG A 1 64  ? 3.112   -5.713  -12.804 1.00 32.71 ? 64  ARG A NE  1 
ATOM   530 C CZ  . ARG A 1 64  ? 2.303   -6.745  -13.020 1.00 33.99 ? 64  ARG A CZ  1 
ATOM   531 N NH1 . ARG A 1 64  ? 2.763   -7.990  -12.933 1.00 37.07 ? 64  ARG A NH1 1 
ATOM   532 N NH2 . ARG A 1 64  ? 1.031   -6.534  -13.328 1.00 36.44 ? 64  ARG A NH2 1 
ATOM   533 N N   . ILE A 1 65  ? 4.712   -3.438  -8.330  1.00 18.18 ? 65  ILE A N   1 
ATOM   534 C CA  . ILE A 1 65  ? 4.115   -2.125  -8.094  1.00 18.48 ? 65  ILE A CA  1 
ATOM   535 C C   . ILE A 1 65  ? 4.746   -1.112  -9.042  1.00 18.71 ? 65  ILE A C   1 
ATOM   536 O O   . ILE A 1 65  ? 5.918   -1.234  -9.405  1.00 21.84 ? 65  ILE A O   1 
ATOM   537 C CB  . ILE A 1 65  ? 4.289   -1.705  -6.604  1.00 18.01 ? 65  ILE A CB  1 
ATOM   538 C CG1 . ILE A 1 65  ? 3.535   -0.409  -6.285  1.00 18.34 ? 65  ILE A CG1 1 
ATOM   539 C CG2 . ILE A 1 65  ? 5.770   -1.552  -6.239  1.00 18.89 ? 65  ILE A CG2 1 
ATOM   540 C CD1 . ILE A 1 65  ? 3.568   -0.065  -4.787  1.00 17.21 ? 65  ILE A CD1 1 
ATOM   541 N N   . GLN A 1 66  ? 3.972   -0.125  -9.480  1.00 18.89 ? 66  GLN A N   1 
ATOM   542 C CA  . GLN A 1 66  ? 4.562   0.975   -10.233 1.00 17.33 ? 66  GLN A CA  1 
ATOM   543 C C   . GLN A 1 66  ? 4.110   2.271   -9.592  1.00 19.22 ? 66  GLN A C   1 
ATOM   544 O O   . GLN A 1 66  ? 2.923   2.580   -9.591  1.00 20.40 ? 66  GLN A O   1 
ATOM   545 C CB  . GLN A 1 66  ? 4.174   0.955   -11.707 1.00 20.50 ? 66  GLN A CB  1 
ATOM   546 C CG  . GLN A 1 66  ? 4.922   2.016   -12.491 1.00 20.33 ? 66  GLN A CG  1 
ATOM   547 C CD  . GLN A 1 66  ? 4.571   2.041   -13.964 1.00 24.58 ? 66  GLN A CD  1 
ATOM   548 O OE1 . GLN A 1 66  ? 3.893   1.146   -14.484 1.00 24.58 ? 66  GLN A OE1 1 
ATOM   549 N NE2 . GLN A 1 66  ? 5.039   3.074   -14.651 1.00 22.03 ? 66  GLN A NE2 1 
ATOM   550 N N   . THR A 1 67  ? 5.060   3.029   -9.059  1.00 18.86 ? 67  THR A N   1 
ATOM   551 C CA  . THR A 1 67  ? 4.703   4.190   -8.245  1.00 17.20 ? 67  THR A CA  1 
ATOM   552 C C   . THR A 1 67  ? 4.454   5.468   -9.033  1.00 18.68 ? 67  THR A C   1 
ATOM   553 O O   . THR A 1 67  ? 3.817   6.390   -8.528  1.00 18.85 ? 67  THR A O   1 
ATOM   554 C CB  . THR A 1 67  ? 5.801   4.480   -7.218  1.00 17.14 ? 67  THR A CB  1 
ATOM   555 O OG1 . THR A 1 67  ? 7.049   4.610   -7.908  1.00 21.91 ? 67  THR A OG1 1 
ATOM   556 C CG2 . THR A 1 67  ? 5.892   3.351   -6.203  1.00 21.34 ? 67  THR A CG2 1 
ATOM   557 N N   . ALA A 1 68  ? 4.965   5.538   -10.256 1.00 18.26 ? 68  ALA A N   1 
ATOM   558 C CA  . ALA A 1 68  ? 4.840   6.740   -11.059 1.00 20.11 ? 68  ALA A CA  1 
ATOM   559 C C   . ALA A 1 68  ? 5.166   6.459   -12.508 1.00 21.78 ? 68  ALA A C   1 
ATOM   560 O O   . ALA A 1 68  ? 5.821   5.475   -12.832 1.00 20.76 ? 68  ALA A O   1 
ATOM   561 C CB  . ALA A 1 68  ? 5.756   7.852   -10.526 1.00 21.26 ? 68  ALA A CB  1 
ATOM   562 N N   . GLU A 1 69  ? 4.686   7.342   -13.369 1.00 17.57 ? 69  GLU A N   1 
ATOM   563 C CA  . GLU A 1 69  ? 5.008   7.310   -14.774 1.00 18.75 ? 69  GLU A CA  1 
ATOM   564 C C   . GLU A 1 69  ? 6.523   7.454   -14.930 1.00 26.02 ? 69  GLU A C   1 
ATOM   565 O O   . GLU A 1 69  ? 7.144   8.248   -14.237 1.00 32.08 ? 69  GLU A O   1 
ATOM   566 C CB  . GLU A 1 69  ? 4.257   8.438   -15.468 1.00 23.08 ? 69  GLU A CB  1 
ATOM   567 C CG  . GLU A 1 69  ? 4.184   8.364   -16.960 1.00 22.95 ? 69  GLU A CG  1 
ATOM   568 C CD  . GLU A 1 69  ? 3.387   9.525   -17.496 1.00 24.80 ? 69  GLU A CD  1 
ATOM   569 O OE1 . GLU A 1 69  ? 3.672   10.668  -17.054 1.00 23.60 ? 69  GLU A OE1 1 
ATOM   570 O OE2 . GLU A 1 69  ? 2.488   9.299   -18.339 1.00 31.10 ? 69  GLU A OE2 1 
ATOM   571 N N   . GLY A 1 70  ? 7.133   6.666   -15.800 1.00 34.02 ? 70  GLY A N   1 
ATOM   572 C CA  . GLY A 1 70  ? 8.578   6.773   -15.956 1.00 33.42 ? 70  GLY A CA  1 
ATOM   573 C C   . GLY A 1 70  ? 9.385   6.206   -14.796 1.00 31.97 ? 70  GLY A C   1 
ATOM   574 O O   . GLY A 1 70  ? 10.615  6.289   -14.791 1.00 34.12 ? 70  GLY A O   1 
ATOM   575 N N   . SER A 1 71  ? 8.703   5.650   -13.799 1.00 26.70 ? 71  SER A N   1 
ATOM   576 C CA  . SER A 1 71  ? 9.362   4.783   -12.832 1.00 28.56 ? 71  SER A CA  1 
ATOM   577 C C   . SER A 1 71  ? 9.169   3.351   -13.301 1.00 28.17 ? 71  SER A C   1 
ATOM   578 O O   . SER A 1 71  ? 8.053   2.961   -13.629 1.00 28.43 ? 71  SER A O   1 
ATOM   579 C CB  . SER A 1 71  ? 8.784   4.970   -11.433 1.00 29.86 ? 71  SER A CB  1 
ATOM   580 O OG  . SER A 1 71  ? 9.437   4.124   -10.510 1.00 34.43 ? 71  SER A OG  1 
ATOM   581 N N   . PRO A 1 72  ? 10.252  2.559   -13.357 1.00 23.92 ? 72  PRO A N   1 
ATOM   582 C CA  . PRO A 1 72  ? 10.041  1.186   -13.823 1.00 25.83 ? 72  PRO A CA  1 
ATOM   583 C C   . PRO A 1 72  ? 9.163   0.400   -12.861 1.00 23.75 ? 72  PRO A C   1 
ATOM   584 O O   . PRO A 1 72  ? 9.213   0.658   -11.660 1.00 23.14 ? 72  PRO A O   1 
ATOM   585 C CB  . PRO A 1 72  ? 11.461  0.603   -13.872 1.00 26.70 ? 72  PRO A CB  1 
ATOM   586 C CG  . PRO A 1 72  ? 12.283  1.491   -12.998 1.00 29.45 ? 72  PRO A CG  1 
ATOM   587 C CD  . PRO A 1 72  ? 11.676  2.855   -13.106 1.00 23.42 ? 72  PRO A CD  1 
ATOM   588 N N   . LYS A 1 73  ? 8.355   -0.518  -13.390 1.00 23.11 ? 73  LYS A N   1 
ATOM   589 C CA  . LYS A 1 73  ? 7.657   -1.470  -12.542 1.00 21.37 ? 73  LYS A CA  1 
ATOM   590 C C   . LYS A 1 73  ? 8.682   -2.161  -11.666 1.00 23.34 ? 73  LYS A C   1 
ATOM   591 O O   . LYS A 1 73  ? 9.755   -2.547  -12.139 1.00 29.52 ? 73  LYS A O   1 
ATOM   592 C CB  . LYS A 1 73  ? 6.887   -2.504  -13.373 1.00 23.18 ? 73  LYS A CB  1 
ATOM   593 C CG  . LYS A 1 73  ? 5.759   -1.946  -14.222 1.00 29.85 ? 73  LYS A CG  1 
ATOM   594 C CD  . LYS A 1 73  ? 5.157   -3.045  -15.105 1.00 31.21 ? 73  LYS A CD  1 
ATOM   595 C CE  . LYS A 1 73  ? 3.982   -2.524  -15.926 1.00 40.41 ? 73  LYS A CE  1 
ATOM   596 N NZ  . LYS A 1 73  ? 3.402   -3.572  -16.832 1.00 43.37 ? 73  LYS A NZ  1 
ATOM   597 N N   . GLN A 1 74  ? 8.374   -2.323  -10.389 1.00 20.53 ? 74  GLN A N   1 
ATOM   598 C CA  . GLN A 1 74  ? 9.324   -2.959  -9.506  1.00 20.35 ? 74  GLN A CA  1 
ATOM   599 C C   . GLN A 1 74  ? 8.717   -4.199  -8.901  1.00 23.44 ? 74  GLN A C   1 
ATOM   600 O O   . GLN A 1 74  ? 7.562   -4.191  -8.489  1.00 21.50 ? 74  GLN A O   1 
ATOM   601 C CB  . GLN A 1 74  ? 9.790   -2.007  -8.408  1.00 23.17 ? 74  GLN A CB  1 
ATOM   602 C CG  . GLN A 1 74  ? 10.999  -2.557  -7.678  1.00 26.61 ? 74  GLN A CG  1 
ATOM   603 C CD  . GLN A 1 74  ? 11.718  -1.513  -6.863  1.00 28.81 ? 74  GLN A CD  1 
ATOM   604 O OE1 . GLN A 1 74  ? 11.277  -0.363  -6.783  1.00 27.26 ? 74  GLN A OE1 1 
ATOM   605 N NE2 . GLN A 1 74  ? 12.837  -1.904  -6.251  1.00 26.63 ? 74  GLN A NE2 1 
ATOM   606 N N   . VAL A 1 75  ? 9.507   -5.265  -8.854  1.00 21.10 ? 75  VAL A N   1 
ATOM   607 C CA  . VAL A 1 75  ? 9.024   -6.546  -8.371  1.00 21.21 ? 75  VAL A CA  1 
ATOM   608 C C   . VAL A 1 75  ? 9.779   -6.977  -7.117  1.00 22.65 ? 75  VAL A C   1 
ATOM   609 O O   . VAL A 1 75  ? 11.006  -6.833  -7.044  1.00 26.38 ? 75  VAL A O   1 
ATOM   610 C CB  . VAL A 1 75  ? 9.154   -7.608  -9.474  1.00 23.59 ? 75  VAL A CB  1 
ATOM   611 C CG1 . VAL A 1 75  ? 8.550   -8.904  -9.030  1.00 30.28 ? 75  VAL A CG1 1 
ATOM   612 C CG2 . VAL A 1 75  ? 8.471   -7.116  -10.748 1.00 27.14 ? 75  VAL A CG2 1 
ATOM   613 N N   . PHE A 1 76  ? 9.038   -7.491  -6.134  1.00 23.12 ? 76  PHE A N   1 
ATOM   614 C CA  . PHE A 1 76  ? 9.585   -7.907  -4.838  1.00 23.63 ? 76  PHE A CA  1 
ATOM   615 C C   . PHE A 1 76  ? 9.252   -9.369  -4.534  1.00 23.62 ? 76  PHE A C   1 
ATOM   616 O O   . PHE A 1 76  ? 8.170   -9.853  -4.879  1.00 25.42 ? 76  PHE A O   1 
ATOM   617 C CB  . PHE A 1 76  ? 9.041   -7.026  -3.702  1.00 23.30 ? 76  PHE A CB  1 
ATOM   618 C CG  . PHE A 1 76  ? 9.368   -5.572  -3.854  1.00 21.82 ? 76  PHE A CG  1 
ATOM   619 C CD1 . PHE A 1 76  ? 10.487  -5.034  -3.239  1.00 23.52 ? 76  PHE A CD1 1 
ATOM   620 C CD2 . PHE A 1 76  ? 8.569   -4.744  -4.629  1.00 22.78 ? 76  PHE A CD2 1 
ATOM   621 C CE1 . PHE A 1 76  ? 10.800  -3.693  -3.380  1.00 22.80 ? 76  PHE A CE1 1 
ATOM   622 C CE2 . PHE A 1 76  ? 8.881   -3.399  -4.781  1.00 21.47 ? 76  PHE A CE2 1 
ATOM   623 C CZ  . PHE A 1 76  ? 9.994   -2.873  -4.147  1.00 21.72 ? 76  PHE A CZ  1 
ATOM   624 N N   . PRO A 1 77  ? 10.177  -10.079 -3.869  1.00 27.54 ? 77  PRO A N   1 
ATOM   625 C CA  . PRO A 1 77  ? 9.971   -11.477 -3.477  1.00 30.05 ? 77  PRO A CA  1 
ATOM   626 C C   . PRO A 1 77  ? 8.872   -11.660 -2.442  1.00 26.52 ? 77  PRO A C   1 
ATOM   627 O O   . PRO A 1 77  ? 8.355   -12.762 -2.266  1.00 29.58 ? 77  PRO A O   1 
ATOM   628 C CB  . PRO A 1 77  ? 11.323  -11.873 -2.865  1.00 32.42 ? 77  PRO A CB  1 
ATOM   629 C CG  . PRO A 1 77  ? 12.294  -10.931 -3.447  1.00 35.86 ? 77  PRO A CG  1 
ATOM   630 C CD  . PRO A 1 77  ? 11.562  -9.641  -3.621  1.00 30.28 ? 77  PRO A CD  1 
ATOM   631 N N   . SER A 1 78  ? 8.529   -10.581 -1.750  1.00 28.02 ? 78  SER A N   1 
ATOM   632 C CA  . SER A 1 78  ? 7.599   -10.653 -0.641  1.00 24.24 ? 78  SER A CA  1 
ATOM   633 C C   . SER A 1 78  ? 7.007   -9.284  -0.373  1.00 25.24 ? 78  SER A C   1 
ATOM   634 O O   . SER A 1 78  ? 7.611   -8.266  -0.713  1.00 23.23 ? 78  SER A O   1 
ATOM   635 C CB  . SER A 1 78  ? 8.297   -11.161 0.617   1.00 27.49 ? 78  SER A CB  1 
ATOM   636 O OG  . SER A 1 78  ? 9.275   -10.240 1.061   1.00 26.42 ? 78  SER A OG  1 
ATOM   637 N N   . LEU A 1 79  ? 5.838   -9.261  0.248   1.00 24.90 ? 79  LEU A N   1 
ATOM   638 C CA  . LEU A 1 79  ? 5.222   -7.984  0.581   1.00 22.60 ? 79  LEU A CA  1 
ATOM   639 C C   . LEU A 1 79  ? 6.055   -7.243  1.622   1.00 26.44 ? 79  LEU A C   1 
ATOM   640 O O   . LEU A 1 79  ? 6.155   -6.020  1.579   1.00 23.38 ? 79  LEU A O   1 
ATOM   641 C CB  . LEU A 1 79  ? 3.793   -8.195  1.082   1.00 24.44 ? 79  LEU A CB  1 
ATOM   642 C CG  . LEU A 1 79  ? 2.750   -8.583  0.038   1.00 25.23 ? 79  LEU A CG  1 
ATOM   643 C CD1 . LEU A 1 79  ? 1.471   -9.009  0.744   1.00 27.54 ? 79  LEU A CD1 1 
ATOM   644 C CD2 . LEU A 1 79  ? 2.457   -7.428  -0.915  1.00 25.69 ? 79  LEU A CD2 1 
ATOM   645 N N   . LYS A 1 80  ? 6.668   -7.970  2.551   1.00 25.39 ? 80  LYS A N   1 
ATOM   646 C CA  . LYS A 1 80  ? 7.488   -7.313  3.568   1.00 24.55 ? 80  LYS A CA  1 
ATOM   647 C C   . LYS A 1 80  ? 8.664   -6.567  2.947   1.00 24.18 ? 80  LYS A C   1 
ATOM   648 O O   . LYS A 1 80  ? 9.029   -5.489  3.418   1.00 24.84 ? 80  LYS A O   1 
ATOM   649 C CB  . LYS A 1 80  ? 7.993   -8.313  4.614   1.00 34.31 ? 80  LYS A CB  1 
ATOM   650 C CG  . LYS A 1 80  ? 6.862   -8.955  5.406   1.00 37.57 ? 80  LYS A CG  1 
ATOM   651 C CD  . LYS A 1 80  ? 7.280   -9.478  6.788   1.00 43.21 ? 80  LYS A CD  1 
ATOM   652 C CE  . LYS A 1 80  ? 8.580   -8.879  7.294   1.00 44.04 ? 80  LYS A CE  1 
ATOM   653 N NZ  . LYS A 1 80  ? 8.989   -9.549  8.561   1.00 55.36 ? 80  LYS A NZ  1 
ATOM   654 N N   . GLU A 1 81  ? 9.250   -7.113  1.891   1.00 24.31 ? 81  GLU A N   1 
ATOM   655 C CA  . GLU A 1 81  ? 10.352  -6.412  1.240   1.00 24.51 ? 81  GLU A CA  1 
ATOM   656 C C   . GLU A 1 81  ? 9.851   -5.182  0.500   1.00 22.94 ? 81  GLU A C   1 
ATOM   657 O O   . GLU A 1 81  ? 10.553  -4.172  0.423   1.00 22.70 ? 81  GLU A O   1 
ATOM   658 C CB  . GLU A 1 81  ? 11.102  -7.336  0.278   1.00 27.67 ? 81  GLU A CB  1 
ATOM   659 C CG  . GLU A 1 81  ? 11.888  -8.419  0.991   1.00 31.36 ? 81  GLU A CG  1 
ATOM   660 C CD  . GLU A 1 81  ? 12.916  -9.081  0.099   1.00 40.10 ? 81  GLU A CD  1 
ATOM   661 O OE1 . GLU A 1 81  ? 13.123  -8.600  -1.036  1.00 45.92 ? 81  GLU A OE1 1 
ATOM   662 O OE2 . GLU A 1 81  ? 13.528  -10.072 0.537   1.00 41.86 ? 81  GLU A OE2 1 
ATOM   663 N N   . LEU A 1 82  ? 8.645   -5.278  -0.056  1.00 22.68 ? 82  LEU A N   1 
ATOM   664 C CA  . LEU A 1 82  ? 8.031   -4.138  -0.733  1.00 20.66 ? 82  LEU A CA  1 
ATOM   665 C C   . LEU A 1 82  ? 7.803   -3.017  0.280   1.00 19.64 ? 82  LEU A C   1 
ATOM   666 O O   . LEU A 1 82  ? 8.201   -1.880  0.059   1.00 20.95 ? 82  LEU A O   1 
ATOM   667 C CB  . LEU A 1 82  ? 6.718   -4.555  -1.410  1.00 19.13 ? 82  LEU A CB  1 
ATOM   668 C CG  . LEU A 1 82  ? 5.987   -3.533  -2.291  1.00 19.16 ? 82  LEU A CG  1 
ATOM   669 C CD1 . LEU A 1 82  ? 5.073   -4.236  -3.295  1.00 21.47 ? 82  LEU A CD1 1 
ATOM   670 C CD2 . LEU A 1 82  ? 5.182   -2.527  -1.459  1.00 20.46 ? 82  LEU A CD2 1 
ATOM   671 N N   . ILE A 1 83  ? 7.172   -3.354  1.398   1.00 20.14 ? 83  ILE A N   1 
ATOM   672 C CA  . ILE A 1 83  ? 6.897   -2.365  2.438   1.00 19.21 ? 83  ILE A CA  1 
ATOM   673 C C   . ILE A 1 83  ? 8.182   -1.756  2.983   1.00 20.58 ? 83  ILE A C   1 
ATOM   674 O O   . ILE A 1 83  ? 8.272   -0.545  3.191   1.00 21.93 ? 83  ILE A O   1 
ATOM   675 C CB  . ILE A 1 83  ? 6.084   -2.998  3.587   1.00 21.01 ? 83  ILE A CB  1 
ATOM   676 C CG1 . ILE A 1 83  ? 4.706   -3.433  3.078   1.00 21.98 ? 83  ILE A CG1 1 
ATOM   677 C CG2 . ILE A 1 83  ? 5.981   -2.061  4.780   1.00 21.35 ? 83  ILE A CG2 1 
ATOM   678 C CD1 . ILE A 1 83  ? 3.884   -2.327  2.448   1.00 23.44 ? 83  ILE A CD1 1 
ATOM   679 N N   . SER A 1 84  ? 9.192   -2.595  3.190   1.00 22.63 ? 84  SER A N   1 
ATOM   680 C CA  . SER A 1 84  ? 10.465  -2.121  3.712   1.00 21.65 ? 84  SER A CA  1 
ATOM   681 C C   . SER A 1 84  ? 11.106  -1.081  2.800   1.00 20.28 ? 84  SER A C   1 
ATOM   682 O O   . SER A 1 84  ? 11.665  -0.083  3.282   1.00 22.77 ? 84  SER A O   1 
ATOM   683 C CB  . SER A 1 84  ? 11.420  -3.298  3.925   1.00 26.85 ? 84  SER A CB  1 
ATOM   684 O OG  . SER A 1 84  ? 12.508  -2.895  4.735   1.00 39.05 ? 84  SER A OG  1 
ATOM   685 N N   . LYS A 1 85  ? 11.020  -1.293  1.491   1.00 21.11 ? 85  LYS A N   1 
ATOM   686 C CA  . LYS A 1 85  ? 11.582  -0.320  0.565   1.00 21.72 ? 85  LYS A CA  1 
ATOM   687 C C   . LYS A 1 85  ? 10.900  1.036   0.726   1.00 21.73 ? 85  LYS A C   1 
ATOM   688 O O   . LYS A 1 85  ? 11.561  2.075   0.811   1.00 20.53 ? 85  LYS A O   1 
ATOM   689 C CB  . LYS A 1 85  ? 11.462  -0.791  -0.886  1.00 24.47 ? 85  LYS A CB  1 
ATOM   690 C CG  . LYS A 1 85  ? 11.695  0.335   -1.888  1.00 28.72 ? 85  LYS A CG  1 
ATOM   691 C CD  . LYS A 1 85  ? 12.769  -0.001  -2.910  1.00 36.91 ? 85  LYS A CD  1 
ATOM   692 C CE  . LYS A 1 85  ? 12.978  1.198   -3.836  1.00 33.41 ? 85  LYS A CE  1 
ATOM   693 N NZ  . LYS A 1 85  ? 11.637  1.629   -4.313  1.00 35.11 ? 85  LYS A NZ  1 
ATOM   694 N N   . PHE A 1 86  ? 9.575   1.027   0.815   1.00 19.03 ? 86  PHE A N   1 
ATOM   695 C CA  . PHE A 1 86  ? 8.861   2.295   0.813   1.00 17.37 ? 86  PHE A CA  1 
ATOM   696 C C   . PHE A 1 86  ? 8.714   2.915   2.192   1.00 18.54 ? 86  PHE A C   1 
ATOM   697 O O   . PHE A 1 86  ? 8.108   3.987   2.332   1.00 18.95 ? 86  PHE A O   1 
ATOM   698 C CB  . PHE A 1 86  ? 7.508   2.112   0.141   1.00 16.82 ? 86  PHE A CB  1 
ATOM   699 C CG  . PHE A 1 86  ? 7.645   1.853   -1.324  1.00 17.30 ? 86  PHE A CG  1 
ATOM   700 C CD1 . PHE A 1 86  ? 8.105   2.848   -2.152  1.00 17.36 ? 86  PHE A CD1 1 
ATOM   701 C CD2 . PHE A 1 86  ? 7.392   0.595   -1.850  1.00 18.18 ? 86  PHE A CD2 1 
ATOM   702 C CE1 . PHE A 1 86  ? 8.269   2.625   -3.504  1.00 19.93 ? 86  PHE A CE1 1 
ATOM   703 C CE2 . PHE A 1 86  ? 7.552   0.360   -3.205  1.00 19.97 ? 86  PHE A CE2 1 
ATOM   704 C CZ  . PHE A 1 86  ? 7.993   1.377   -4.029  1.00 19.11 ? 86  PHE A CZ  1 
ATOM   705 N N   . GLU A 1 87  ? 9.320   2.276   3.186   1.00 19.15 ? 87  GLU A N   1 
ATOM   706 C CA  . GLU A 1 87  ? 9.514   2.916   4.491   1.00 20.82 ? 87  GLU A CA  1 
ATOM   707 C C   . GLU A 1 87  ? 10.686  3.909   4.455   1.00 22.06 ? 87  GLU A C   1 
ATOM   708 O O   . GLU A 1 87  ? 10.780  4.800   5.299   1.00 23.46 ? 87  GLU A O   1 
ATOM   709 C CB  . GLU A 1 87  ? 9.732   1.858   5.577   1.00 22.48 ? 87  GLU A CB  1 
ATOM   710 C CG  . GLU A 1 87  ? 8.452   1.111   5.912   1.00 20.91 ? 87  GLU A CG  1 
ATOM   711 C CD  . GLU A 1 87  ? 8.635   0.046   6.979   1.00 32.49 ? 87  GLU A CD  1 
ATOM   712 O OE1 . GLU A 1 87  ? 9.757   -0.470  7.124   1.00 38.47 ? 87  GLU A OE1 1 
ATOM   713 O OE2 . GLU A 1 87  ? 7.644   -0.270  7.670   1.00 39.99 ? 87  GLU A OE2 1 
ATOM   714 N N   . LYS A 1 88  ? 11.569  3.771   3.467   1.00 22.73 ? 88  LYS A N   1 
ATOM   715 C CA  . LYS A 1 88  ? 12.650  4.741   3.281   1.00 23.56 ? 88  LYS A CA  1 
ATOM   716 C C   . LYS A 1 88  ? 12.145  6.012   2.596   1.00 22.14 ? 88  LYS A C   1 
ATOM   717 O O   . LYS A 1 88  ? 11.209  5.955   1.795   1.00 21.98 ? 88  LYS A O   1 
ATOM   718 C CB  . LYS A 1 88  ? 13.786  4.117   2.461   1.00 23.32 ? 88  LYS A CB  1 
ATOM   719 C CG  . LYS A 1 88  ? 14.232  2.749   2.986   1.00 23.25 ? 88  LYS A CG  1 
ATOM   720 C CD  . LYS A 1 88  ? 15.405  2.184   2.181   1.00 29.20 ? 88  LYS A CD  1 
ATOM   721 C CE  . LYS A 1 88  ? 15.024  1.944   0.718   1.00 31.13 ? 88  LYS A CE  1 
ATOM   722 N NZ  . LYS A 1 88  ? 16.136  1.274   -0.039  1.00 35.89 ? 88  LYS A NZ  1 
ATOM   723 N N   . PRO A 1 89  ? 12.752  7.168   2.901   1.00 21.71 ? 89  PRO A N   1 
ATOM   724 C CA  . PRO A 1 89  ? 12.301  8.416   2.268   1.00 19.08 ? 89  PRO A CA  1 
ATOM   725 C C   . PRO A 1 89  ? 12.680  8.543   0.793   1.00 21.10 ? 89  PRO A C   1 
ATOM   726 O O   . PRO A 1 89  ? 13.705  7.991   0.382   1.00 23.88 ? 89  PRO A O   1 
ATOM   727 C CB  . PRO A 1 89  ? 13.018  9.494   3.090   1.00 23.96 ? 89  PRO A CB  1 
ATOM   728 C CG  . PRO A 1 89  ? 14.242  8.833   3.566   1.00 24.93 ? 89  PRO A CG  1 
ATOM   729 C CD  . PRO A 1 89  ? 13.852  7.407   3.850   1.00 25.37 ? 89  PRO A CD  1 
ATOM   730 N N   . ASN A 1 90  ? 11.856  9.254   0.020   1.00 20.42 ? 90  ASN A N   1 
ATOM   731 C CA  . ASN A 1 90  ? 12.175  9.641   -1.364  1.00 23.93 ? 90  ASN A CA  1 
ATOM   732 C C   . ASN A 1 90  ? 12.540  8.454   -2.251  1.00 23.95 ? 90  ASN A C   1 
ATOM   733 O O   . ASN A 1 90  ? 13.613  8.428   -2.871  1.00 25.47 ? 90  ASN A O   1 
ATOM   734 C CB  . ASN A 1 90  ? 13.306  10.675  -1.372  1.00 29.03 ? 90  ASN A CB  1 
ATOM   735 C CG  . ASN A 1 90  ? 12.875  12.012  -0.774  1.00 37.04 ? 90  ASN A CG  1 
ATOM   736 O OD1 . ASN A 1 90  ? 11.688  12.348  -0.773  1.00 39.08 ? 90  ASN A OD1 1 
ATOM   737 N ND2 . ASN A 1 90  ? 13.834  12.779  -0.261  1.00 37.91 ? 90  ASN A ND2 1 
ATOM   738 N N   . GLN A 1 91  ? 11.629  7.482   -2.306  1.00 20.02 ? 91  GLN A N   1 
ATOM   739 C CA  . GLN A 1 91  ? 11.780  6.267   -3.105  1.00 20.07 ? 91  GLN A CA  1 
ATOM   740 C C   . GLN A 1 91  ? 10.806  6.225   -4.270  1.00 20.92 ? 91  GLN A C   1 
ATOM   741 O O   . GLN A 1 91  ? 10.563  5.156   -4.848  1.00 21.35 ? 91  GLN A O   1 
ATOM   742 C CB  . GLN A 1 91  ? 11.558  5.026   -2.238  1.00 20.17 ? 91  GLN A CB  1 
ATOM   743 C CG  . GLN A 1 91  ? 12.503  4.938   -1.064  1.00 22.21 ? 91  GLN A CG  1 
ATOM   744 C CD  . GLN A 1 91  ? 13.945  4.744   -1.486  1.00 26.02 ? 91  GLN A CD  1 
ATOM   745 O OE1 . GLN A 1 91  ? 14.267  3.840   -2.263  1.00 25.83 ? 91  GLN A OE1 1 
ATOM   746 N NE2 . GLN A 1 91  ? 14.824  5.609   -0.982  1.00 23.87 ? 91  GLN A NE2 1 
ATOM   747 N N   . GLY A 1 92  ? 10.242  7.381   -4.605  1.00 19.86 ? 92  GLY A N   1 
ATOM   748 C CA  . GLY A 1 92  ? 9.374   7.485   -5.762  1.00 20.16 ? 92  GLY A CA  1 
ATOM   749 C C   . GLY A 1 92  ? 7.895   7.420   -5.444  1.00 21.63 ? 92  GLY A C   1 
ATOM   750 O O   . GLY A 1 92  ? 7.070   7.541   -6.341  1.00 20.79 ? 92  GLY A O   1 
ATOM   751 N N   . MET A 1 93  ? 7.563   7.231   -4.171  1.00 19.31 ? 93  MET A N   1 
ATOM   752 C CA  . MET A 1 93  ? 6.166   7.263   -3.724  1.00 19.59 ? 93  MET A CA  1 
ATOM   753 C C   . MET A 1 93  ? 5.788   8.700   -3.316  1.00 20.78 ? 93  MET A C   1 
ATOM   754 O O   . MET A 1 93  ? 6.661   9.534   -3.120  1.00 20.64 ? 93  MET A O   1 
ATOM   755 C CB  . MET A 1 93  ? 5.990   6.273   -2.567  1.00 20.23 ? 93  MET A CB  1 
ATOM   756 C CG  . MET A 1 93  ? 4.568   5.885   -2.235  1.00 21.69 ? 93  MET A CG  1 
ATOM   757 S SD  . MET A 1 93  ? 4.528   4.341   -1.316  1.00 20.76 ? 93  MET A SD  1 
ATOM   758 C CE  . MET A 1 93  ? 4.538   3.115   -2.624  1.00 18.95 ? 93  MET A CE  1 
ATOM   759 N N   . VAL A 1 94  ? 4.491   9.010   -3.230  1.00 18.57 ? 94  VAL A N   1 
ATOM   760 C CA  . VAL A 1 94  ? 4.074   10.359  -2.863  1.00 16.19 ? 94  VAL A CA  1 
ATOM   761 C C   . VAL A 1 94  ? 4.553   10.680  -1.453  1.00 18.42 ? 94  VAL A C   1 
ATOM   762 O O   . VAL A 1 94  ? 4.884   11.828  -1.140  1.00 19.83 ? 94  VAL A O   1 
ATOM   763 C CB  . VAL A 1 94  ? 2.534   10.526  -2.945  1.00 17.16 ? 94  VAL A CB  1 
ATOM   764 C CG1 . VAL A 1 94  ? 2.096   11.837  -2.357  1.00 18.93 ? 94  VAL A CG1 1 
ATOM   765 C CG2 . VAL A 1 94  ? 2.077   10.451  -4.400  1.00 22.51 ? 94  VAL A CG2 1 
ATOM   766 N N   . VAL A 1 95  ? 4.634   9.643   -0.633  1.00 16.30 ? 95  VAL A N   1 
ATOM   767 C CA  . VAL A 1 95  ? 4.969   9.775   0.783   1.00 17.58 ? 95  VAL A CA  1 
ATOM   768 C C   . VAL A 1 95  ? 5.578   8.449   1.234   1.00 18.78 ? 95  VAL A C   1 
ATOM   769 O O   . VAL A 1 95  ? 5.236   7.393   0.692   1.00 19.19 ? 95  VAL A O   1 
ATOM   770 C CB  . VAL A 1 95  ? 3.701   10.144  1.601   1.00 18.81 ? 95  VAL A CB  1 
ATOM   771 C CG1 . VAL A 1 95  ? 2.596   9.095   1.388   1.00 18.79 ? 95  VAL A CG1 1 
ATOM   772 C CG2 . VAL A 1 95  ? 4.009   10.353  3.073   1.00 22.57 ? 95  VAL A CG2 1 
ATOM   773 N N   . HIS A 1 96  ? 6.481   8.470   2.203   1.00 16.81 ? 96  HIS A N   1 
ATOM   774 C CA  . HIS A 1 96  ? 7.053   7.216   2.655   1.00 16.62 ? 96  HIS A CA  1 
ATOM   775 C C   . HIS A 1 96  ? 6.177   6.626   3.761   1.00 19.44 ? 96  HIS A C   1 
ATOM   776 O O   . HIS A 1 96  ? 5.408   7.344   4.412   1.00 21.22 ? 96  HIS A O   1 
ATOM   777 C CB  . HIS A 1 96  ? 8.507   7.400   3.115   1.00 20.83 ? 96  HIS A CB  1 
ATOM   778 C CG  . HIS A 1 96  ? 8.656   8.030   4.466   1.00 21.16 ? 96  HIS A CG  1 
ATOM   779 N ND1 . HIS A 1 96  ? 8.634   9.397   4.665   1.00 24.32 ? 96  HIS A ND1 1 
ATOM   780 C CD2 . HIS A 1 96  ? 8.884   7.480   5.684   1.00 21.22 ? 96  HIS A CD2 1 
ATOM   781 C CE1 . HIS A 1 96  ? 8.802   9.655   5.950   1.00 25.43 ? 96  HIS A CE1 1 
ATOM   782 N NE2 . HIS A 1 96  ? 8.955   8.507   6.591   1.00 24.72 ? 96  HIS A NE2 1 
ATOM   783 N N   . LEU A 1 97  ? 6.275   5.317   3.938   1.00 18.47 ? 97  LEU A N   1 
ATOM   784 C CA  . LEU A 1 97  ? 5.434   4.620   4.900   1.00 17.19 ? 97  LEU A CA  1 
ATOM   785 C C   . LEU A 1 97  ? 6.023   4.752   6.291   1.00 18.90 ? 97  LEU A C   1 
ATOM   786 O O   . LEU A 1 97  ? 7.219   4.532   6.488   1.00 22.09 ? 97  LEU A O   1 
ATOM   787 C CB  . LEU A 1 97  ? 5.297   3.145   4.535   1.00 19.37 ? 97  LEU A CB  1 
ATOM   788 C CG  . LEU A 1 97  ? 4.903   2.810   3.097   1.00 21.59 ? 97  LEU A CG  1 
ATOM   789 C CD1 . LEU A 1 97  ? 4.796   1.315   2.930   1.00 18.51 ? 97  LEU A CD1 1 
ATOM   790 C CD2 . LEU A 1 97  ? 3.608   3.494   2.682   1.00 21.11 ? 97  LEU A CD2 1 
ATOM   791 N N   . LEU A 1 98  ? 5.184   5.085   7.261   1.00 17.87 ? 98  LEU A N   1 
ATOM   792 C CA  . LEU A 1 98  ? 5.652   5.202   8.643   1.00 18.00 ? 98  LEU A CA  1 
ATOM   793 C C   . LEU A 1 98  ? 4.884   4.268   9.574   1.00 21.60 ? 98  LEU A C   1 
ATOM   794 O O   . LEU A 1 98  ? 5.428   3.280   10.061  1.00 26.63 ? 98  LEU A O   1 
ATOM   795 C CB  . LEU A 1 98  ? 5.525   6.643   9.127   1.00 18.57 ? 98  LEU A CB  1 
ATOM   796 C CG  . LEU A 1 98  ? 6.021   6.906   10.550  1.00 20.80 ? 98  LEU A CG  1 
ATOM   797 C CD1 . LEU A 1 98  ? 7.430   6.366   10.751  1.00 22.89 ? 98  LEU A CD1 1 
ATOM   798 C CD2 . LEU A 1 98  ? 5.970   8.411   10.846  1.00 23.21 ? 98  LEU A CD2 1 
ATOM   799 N N   . LYS A 1 99  ? 3.613   4.575   9.803   1.00 19.72 ? 99  LYS A N   1 
ATOM   800 C CA  . LYS A 1 99  ? 2.804   3.813   10.755  1.00 18.49 ? 99  LYS A CA  1 
ATOM   801 C C   . LYS A 1 99  ? 1.855   2.840   10.076  1.00 19.12 ? 99  LYS A C   1 
ATOM   802 O O   . LYS A 1 99  ? 0.933   3.263   9.374   1.00 19.36 ? 99  LYS A O   1 
ATOM   803 C CB  . LYS A 1 99  ? 1.991   4.762   11.630  1.00 17.94 ? 99  LYS A CB  1 
ATOM   804 C CG  . LYS A 1 99  ? 1.132   4.058   12.671  1.00 22.99 ? 99  LYS A CG  1 
ATOM   805 C CD  . LYS A 1 99  ? 0.337   5.074   13.457  1.00 23.07 ? 99  LYS A CD  1 
ATOM   806 C CE  . LYS A 1 99  ? -0.654  4.393   14.386  1.00 29.82 ? 99  LYS A CE  1 
ATOM   807 N NZ  . LYS A 1 99  ? -1.547  5.398   15.031  1.00 31.04 ? 99  LYS A NZ  1 
ATOM   808 N N   . PRO A 1 100 ? 2.055   1.534   10.309  1.00 18.85 ? 100 PRO A N   1 
ATOM   809 C CA  . PRO A 1 100 ? 1.112   0.534   9.799   1.00 21.29 ? 100 PRO A CA  1 
ATOM   810 C C   . PRO A 1 100 ? -0.181  0.594   10.595  1.00 23.43 ? 100 PRO A C   1 
ATOM   811 O O   . PRO A 1 100 ? -0.112  0.596   11.826  1.00 23.99 ? 100 PRO A O   1 
ATOM   812 C CB  . PRO A 1 100 ? 1.832   -0.807  10.028  1.00 23.55 ? 100 PRO A CB  1 
ATOM   813 C CG  . PRO A 1 100 ? 3.218   -0.446  10.545  1.00 23.47 ? 100 PRO A CG  1 
ATOM   814 C CD  . PRO A 1 100 ? 3.140   0.931   11.094  1.00 21.99 ? 100 PRO A CD  1 
ATOM   815 N N   . ILE A 1 101 ? -1.325  0.691   9.922   1.00 20.43 ? 101 ILE A N   1 
ATOM   816 C CA  . ILE A 1 101 ? -2.607  0.633   10.622  1.00 21.07 ? 101 ILE A CA  1 
ATOM   817 C C   . ILE A 1 101 ? -2.991  -0.823  10.724  1.00 21.85 ? 101 ILE A C   1 
ATOM   818 O O   . ILE A 1 101 ? -3.256  -1.461  9.711   1.00 21.66 ? 101 ILE A O   1 
ATOM   819 C CB  . ILE A 1 101 ? -3.718  1.419   9.900   1.00 20.23 ? 101 ILE A CB  1 
ATOM   820 C CG1 . ILE A 1 101 ? -3.327  2.892   9.762   1.00 20.58 ? 101 ILE A CG1 1 
ATOM   821 C CG2 . ILE A 1 101 ? -5.042  1.281   10.635  1.00 21.94 ? 101 ILE A CG2 1 
ATOM   822 C CD1 . ILE A 1 101 ? -2.876  3.537   11.062  1.00 23.93 ? 101 ILE A CD1 1 
ATOM   823 N N   . LYS A 1 102 ? -2.998  -1.347  11.951  1.00 26.06 ? 102 LYS A N   1 
ATOM   824 C CA  . LYS A 1 102 ? -3.238  -2.774  12.166  1.00 27.44 ? 102 LYS A CA  1 
ATOM   825 C C   . LYS A 1 102 ? -4.715  -3.120  12.133  1.00 32.48 ? 102 LYS A C   1 
ATOM   826 O O   . LYS A 1 102 ? -5.555  -2.328  12.558  1.00 28.86 ? 102 LYS A O   1 
ATOM   827 C CB  . LYS A 1 102 ? -2.637  -3.217  13.499  1.00 31.69 ? 102 LYS A CB  1 
ATOM   828 C CG  . LYS A 1 102 ? -1.132  -3.074  13.575  1.00 34.24 ? 102 LYS A CG  1 
ATOM   829 C CD  . LYS A 1 102 ? -0.635  -3.324  14.988  1.00 43.94 ? 102 LYS A CD  1 
ATOM   830 C CE  . LYS A 1 102 ? -1.053  -4.705  15.487  1.00 49.08 ? 102 LYS A CE  1 
ATOM   831 N NZ  . LYS A 1 102 ? -0.923  -4.814  16.970  1.00 54.64 ? 102 LYS A NZ  1 
ATOM   832 N N   . ARG A 1 103 ? -5.017  -4.313  11.623  1.00 30.19 ? 103 ARG A N   1 
ATOM   833 C CA  . ARG A 1 103 ? -6.385  -4.805  11.545  1.00 32.94 ? 103 ARG A CA  1 
ATOM   834 C C   . ARG A 1 103 ? -6.952  -4.974  12.949  1.00 38.47 ? 103 ARG A C   1 
ATOM   835 O O   . ARG A 1 103 ? -6.219  -5.318  13.879  1.00 39.92 ? 103 ARG A O   1 
ATOM   836 C CB  . ARG A 1 103 ? -6.437  -6.131  10.777  1.00 29.53 ? 103 ARG A CB  1 
ATOM   837 C CG  . ARG A 1 103 ? -7.845  -6.577  10.403  1.00 35.88 ? 103 ARG A CG  1 
ATOM   838 C CD  . ARG A 1 103 ? -7.813  -7.783  9.472   1.00 39.99 ? 103 ARG A CD  1 
ATOM   839 N NE  . ARG A 1 103 ? -9.126  -8.103  8.911   1.00 40.57 ? 103 ARG A NE  1 
ATOM   840 C CZ  . ARG A 1 103 ? -9.328  -9.002  7.949   1.00 41.70 ? 103 ARG A CZ  1 
ATOM   841 N NH1 . ARG A 1 103 ? -8.300  -9.661  7.429   1.00 42.24 ? 103 ARG A NH1 1 
ATOM   842 N NH2 . ARG A 1 103 ? -10.555 -9.232  7.495   1.00 41.57 ? 103 ARG A NH2 1 
HETATM 843 S S   . SO4 B 2 .   ? -9.173  -0.525  -5.923  1.00 26.86 ? 201 SO4 A S   1 
HETATM 844 O O1  . SO4 B 2 .   ? -9.945  -1.104  -4.841  1.00 24.00 ? 201 SO4 A O1  1 
HETATM 845 O O2  . SO4 B 2 .   ? -8.330  -1.517  -6.579  1.00 24.22 ? 201 SO4 A O2  1 
HETATM 846 O O3  . SO4 B 2 .   ? -10.073 0.063   -6.918  1.00 24.75 ? 201 SO4 A O3  1 
HETATM 847 O O4  . SO4 B 2 .   ? -8.334  0.541   -5.334  1.00 25.51 ? 201 SO4 A O4  1 
HETATM 848 O O   . HOH C 3 .   ? 1.295   -4.392  -13.609 1.00 49.72 ? 301 HOH A O   1 
HETATM 849 O O   . HOH C 3 .   ? 7.296   10.170  -13.212 1.00 33.48 ? 302 HOH A O   1 
HETATM 850 O O   . HOH C 3 .   ? -11.983 -1.259  -7.954  1.00 34.32 ? 303 HOH A O   1 
HETATM 851 O O   . HOH C 3 .   ? -6.464  -11.104 7.675   1.00 42.38 ? 304 HOH A O   1 
HETATM 852 O O   . HOH C 3 .   ? -14.274 0.612   -6.127  1.00 37.20 ? 305 HOH A O   1 
HETATM 853 O O   . HOH C 3 .   ? 9.454   1.168   -7.298  1.00 24.68 ? 306 HOH A O   1 
HETATM 854 O O   . HOH C 3 .   ? 6.888   1.426   9.433   1.00 38.90 ? 307 HOH A O   1 
HETATM 855 O O   . HOH C 3 .   ? -1.457  -10.811 11.687  1.00 41.86 ? 308 HOH A O   1 
HETATM 856 O O   . HOH C 3 .   ? 5.680   11.869  -16.256 1.00 29.99 ? 309 HOH A O   1 
HETATM 857 O O   . HOH C 3 .   ? 5.802   -14.809 -2.303  1.00 41.24 ? 310 HOH A O   1 
HETATM 858 O O   . HOH C 3 .   ? 14.469  -13.112 -5.704  1.00 43.30 ? 311 HOH A O   1 
HETATM 859 O O   . HOH C 3 .   ? -10.555 -10.849 5.580   1.00 43.54 ? 312 HOH A O   1 
HETATM 860 O O   . HOH C 3 .   ? -6.416  13.994  7.569   1.00 26.70 ? 313 HOH A O   1 
HETATM 861 O O   . HOH C 3 .   ? -11.867 10.445  -0.826  1.00 32.86 ? 314 HOH A O   1 
HETATM 862 O O   . HOH C 3 .   ? 9.532   3.890   -6.876  1.00 23.91 ? 315 HOH A O   1 
HETATM 863 O O   . HOH C 3 .   ? -9.787  7.377   -0.316  1.00 26.04 ? 316 HOH A O   1 
HETATM 864 O O   . HOH C 3 .   ? -3.709  10.257  9.161   1.00 20.68 ? 317 HOH A O   1 
HETATM 865 O O   . HOH C 3 .   ? 0.771   2.231   -11.052 1.00 26.02 ? 318 HOH A O   1 
HETATM 866 O O   . HOH C 3 .   ? -9.696  -11.520 1.564   1.00 42.68 ? 319 HOH A O   1 
HETATM 867 O O   . HOH C 3 .   ? -18.183 -0.822  5.506   1.00 25.66 ? 320 HOH A O   1 
HETATM 868 O O   . HOH C 3 .   ? 4.000   8.006   -6.402  1.00 23.24 ? 321 HOH A O   1 
HETATM 869 O O   . HOH C 3 .   ? -10.218 -3.488  9.157   1.00 26.90 ? 322 HOH A O   1 
HETATM 870 O O   . HOH C 3 .   ? 6.400   -5.208  7.463   1.00 30.94 ? 323 HOH A O   1 
HETATM 871 O O   . HOH C 3 .   ? -9.530  -8.287  -5.138  1.00 31.67 ? 324 HOH A O   1 
HETATM 872 O O   . HOH C 3 .   ? -17.934 1.333   3.608   1.00 23.60 ? 325 HOH A O   1 
HETATM 873 O O   . HOH C 3 .   ? 10.405  -11.306 3.252   1.00 39.53 ? 326 HOH A O   1 
HETATM 874 O O   . HOH C 3 .   ? 5.387   14.396  5.921   1.00 32.17 ? 327 HOH A O   1 
HETATM 875 O O   . HOH C 3 .   ? 13.216  0.398   5.427   1.00 28.63 ? 328 HOH A O   1 
HETATM 876 O O   . HOH C 3 .   ? -8.533  2.984   -6.442  1.00 27.78 ? 329 HOH A O   1 
HETATM 877 O O   . HOH C 3 .   ? 1.200   -0.744  -9.592  1.00 28.52 ? 330 HOH A O   1 
HETATM 878 O O   . HOH C 3 .   ? 15.392  -1.296  -0.383  1.00 47.65 ? 331 HOH A O   1 
HETATM 879 O O   . HOH C 3 .   ? -15.847 4.913   7.073   1.00 21.00 ? 332 HOH A O   1 
HETATM 880 O O   . HOH C 3 .   ? 16.225  8.909   -3.365  1.00 31.66 ? 333 HOH A O   1 
HETATM 881 O O   . HOH C 3 .   ? 13.249  -3.978  0.472   1.00 28.60 ? 334 HOH A O   1 
HETATM 882 O O   . HOH C 3 .   ? 2.363   7.871   10.227  1.00 19.00 ? 335 HOH A O   1 
HETATM 883 O O   . HOH C 3 .   ? 12.409  -2.566  -11.586 1.00 31.39 ? 336 HOH A O   1 
HETATM 884 O O   . HOH C 3 .   ? 9.015   5.656   0.221   1.00 19.15 ? 337 HOH A O   1 
HETATM 885 O O   . HOH C 3 .   ? -7.812  -0.877  12.133  1.00 30.01 ? 338 HOH A O   1 
HETATM 886 O O   . HOH C 3 .   ? -7.131  -9.366  -3.613  1.00 33.11 ? 339 HOH A O   1 
HETATM 887 O O   . HOH C 3 .   ? -7.986  8.626   -2.247  1.00 28.84 ? 340 HOH A O   1 
HETATM 888 O O   . HOH C 3 .   ? -11.926 2.413   -8.946  1.00 30.75 ? 341 HOH A O   1 
HETATM 889 O O   . HOH C 3 .   ? -14.907 -2.314  5.117   1.00 22.54 ? 342 HOH A O   1 
HETATM 890 O O   . HOH C 3 .   ? -12.628 10.911  5.189   1.00 37.48 ? 343 HOH A O   1 
HETATM 891 O O   . HOH C 3 .   ? -8.352  -5.274  15.891  1.00 48.34 ? 344 HOH A O   1 
HETATM 892 O O   . HOH C 3 .   ? 9.929   -3.076  8.032   1.00 46.45 ? 345 HOH A O   1 
HETATM 893 O O   . HOH C 3 .   ? -6.888  4.116   12.283  1.00 27.37 ? 346 HOH A O   1 
HETATM 894 O O   . HOH C 3 .   ? -2.057  13.935  6.395   1.00 28.83 ? 347 HOH A O   1 
HETATM 895 O O   . HOH C 3 .   ? 10.877  10.065  -4.184  1.00 38.60 ? 348 HOH A O   1 
HETATM 896 O O   . HOH C 3 .   ? -9.368  4.824   0.566   1.00 25.47 ? 349 HOH A O   1 
HETATM 897 O O   . HOH C 3 .   ? -1.681  15.513  -0.584  1.00 21.02 ? 350 HOH A O   1 
HETATM 898 O O   . HOH C 3 .   ? -5.029  -1.440  -12.810 1.00 27.45 ? 351 HOH A O   1 
HETATM 899 O O   . HOH C 3 .   ? -7.805  3.361   -1.083  1.00 29.49 ? 352 HOH A O   1 
HETATM 900 O O   . HOH C 3 .   ? 7.845   1.843   -9.509  1.00 23.45 ? 353 HOH A O   1 
HETATM 901 O O   . HOH C 3 .   ? -8.490  10.804  0.140   1.00 19.74 ? 354 HOH A O   1 
HETATM 902 O O   . HOH C 3 .   ? 0.297   10.985  -18.889 1.00 26.62 ? 355 HOH A O   1 
HETATM 903 O O   . HOH C 3 .   ? -3.540  18.795  1.063   1.00 28.59 ? 356 HOH A O   1 
HETATM 904 O O   . HOH C 3 .   ? 13.061  -5.067  -6.252  1.00 29.24 ? 357 HOH A O   1 
HETATM 905 O O   . HOH C 3 .   ? -1.551  1.226   -9.169  1.00 23.52 ? 358 HOH A O   1 
HETATM 906 O O   . HOH C 3 .   ? 1.833   -0.694  -13.892 1.00 29.65 ? 359 HOH A O   1 
HETATM 907 O O   . HOH C 3 .   ? 12.129  -16.631 -8.642  1.00 42.41 ? 360 HOH A O   1 
HETATM 908 O O   . HOH C 3 .   ? 2.423   14.317  9.346   1.00 25.18 ? 361 HOH A O   1 
HETATM 909 O O   . HOH C 3 .   ? -9.046  13.399  1.112   1.00 22.53 ? 362 HOH A O   1 
HETATM 910 O O   . HOH C 3 .   ? -11.482 -4.602  -0.321  1.00 27.05 ? 363 HOH A O   1 
HETATM 911 O O   . HOH C 3 .   ? -9.047  -1.054  -13.307 1.00 34.52 ? 364 HOH A O   1 
HETATM 912 O O   . HOH C 3 .   ? 9.469   4.811   8.206   1.00 28.10 ? 365 HOH A O   1 
HETATM 913 O O   . HOH C 3 .   ? 14.952  -11.392 -1.546  1.00 43.51 ? 366 HOH A O   1 
HETATM 914 O O   . HOH C 3 .   ? -5.328  7.517   11.160  1.00 23.21 ? 367 HOH A O   1 
HETATM 915 O O   . HOH C 3 .   ? -6.977  6.764   -3.744  1.00 24.08 ? 368 HOH A O   1 
HETATM 916 O O   . HOH C 3 .   ? -12.500 4.261   13.108  1.00 24.59 ? 369 HOH A O   1 
HETATM 917 O O   . HOH C 3 .   ? -15.816 8.526   8.176   1.00 28.97 ? 370 HOH A O   1 
HETATM 918 O O   . HOH C 3 .   ? 17.803  3.593   -0.089  1.00 30.70 ? 371 HOH A O   1 
HETATM 919 O O   . HOH C 3 .   ? 8.173   10.325  -0.823  1.00 30.00 ? 372 HOH A O   1 
HETATM 920 O O   . HOH C 3 .   ? -4.322  -9.176  9.311   1.00 36.08 ? 373 HOH A O   1 
HETATM 921 O O   . HOH C 3 .   ? 1.281   0.455   14.335  1.00 36.91 ? 374 HOH A O   1 
HETATM 922 O O   . HOH C 3 .   ? 8.867   7.745   -1.474  1.00 20.72 ? 375 HOH A O   1 
HETATM 923 O O   . HOH C 3 .   ? -2.528  -9.638  -9.326  1.00 29.79 ? 376 HOH A O   1 
HETATM 924 O O   . HOH C 3 .   ? 8.640   -5.167  6.279   1.00 32.11 ? 377 HOH A O   1 
HETATM 925 O O   . HOH C 3 .   ? 12.708  -9.192  -7.157  1.00 34.21 ? 378 HOH A O   1 
HETATM 926 O O   . HOH C 3 .   ? 11.126  -16.829 -12.798 1.00 41.95 ? 379 HOH A O   1 
HETATM 927 O O   . HOH C 3 .   ? 7.743   2.762   -16.528 1.00 43.09 ? 380 HOH A O   1 
HETATM 928 O O   . HOH C 3 .   ? -7.067  -13.091 1.812   1.00 46.02 ? 381 HOH A O   1 
HETATM 929 O O   . HOH C 3 .   ? 4.799   -11.892 0.988   1.00 32.68 ? 382 HOH A O   1 
HETATM 930 O O   . HOH C 3 .   ? 16.681  3.682   -3.913  1.00 36.04 ? 383 HOH A O   1 
HETATM 931 O O   . HOH C 3 .   ? -4.241  4.297   15.398  1.00 38.44 ? 384 HOH A O   1 
HETATM 932 O O   . HOH C 3 .   ? -2.765  0.471   14.252  1.00 34.25 ? 385 HOH A O   1 
HETATM 933 O O   . HOH C 3 .   ? -3.515  -6.836  13.301  1.00 35.00 ? 386 HOH A O   1 
HETATM 934 O O   . HOH C 3 .   ? 8.789   -12.319 -11.244 1.00 38.41 ? 387 HOH A O   1 
HETATM 935 O O   . HOH C 3 .   ? 8.638   -0.906  -16.312 1.00 35.36 ? 388 HOH A O   1 
HETATM 936 O O   . HOH C 3 .   ? 8.443   7.198   -8.946  1.00 30.03 ? 389 HOH A O   1 
HETATM 937 O O   . HOH C 3 .   ? 12.089  -5.021  -10.293 1.00 31.02 ? 390 HOH A O   1 
HETATM 938 O O   . HOH C 3 .   ? -16.915 8.564   4.882   1.00 38.03 ? 391 HOH A O   1 
HETATM 939 O O   . HOH C 3 .   ? -0.828  -8.711  -14.125 1.00 36.91 ? 392 HOH A O   1 
HETATM 940 O O   . HOH C 3 .   ? -16.151 2.464   -0.344  1.00 26.91 ? 393 HOH A O   1 
HETATM 941 O O   . HOH C 3 .   ? 5.365   10.789  8.246   1.00 24.60 ? 394 HOH A O   1 
HETATM 942 O O   . HOH C 3 .   ? -8.350  3.882   16.532  1.00 37.00 ? 395 HOH A O   1 
HETATM 943 O O   . HOH C 3 .   ? -16.629 -14.014 3.277   1.00 56.86 ? 396 HOH A O   1 
HETATM 944 O O   . HOH C 3 .   ? -14.221 7.935   4.459   1.00 29.71 ? 397 HOH A O   1 
HETATM 945 O O   . HOH C 3 .   ? 6.365   -2.683  8.983   1.00 44.97 ? 398 HOH A O   1 
HETATM 946 O O   . HOH C 3 .   ? -11.828 -10.299 4.054   1.00 44.11 ? 399 HOH A O   1 
HETATM 947 O O   . HOH C 3 .   ? 11.483  1.591   -9.874  1.00 30.34 ? 400 HOH A O   1 
HETATM 948 O O   . HOH C 3 .   ? 12.419  -15.029 -9.548  1.00 44.17 ? 401 HOH A O   1 
HETATM 949 O O   . HOH C 3 .   ? 5.785   -10.807 3.281   1.00 35.22 ? 402 HOH A O   1 
HETATM 950 O O   . HOH C 3 .   ? -4.728  7.675   -5.267  1.00 17.06 ? 403 HOH A O   1 
HETATM 951 O O   . HOH C 3 .   ? -7.865  14.333  10.397  1.00 37.53 ? 404 HOH A O   1 
HETATM 952 O O   . HOH C 3 .   ? 1.093   -1.512  -16.613 1.00 51.98 ? 405 HOH A O   1 
HETATM 953 O O   . HOH C 3 .   ? 14.160  15.579  1.115   0.50 40.21 ? 406 HOH A O   1 
HETATM 954 O O   . HOH C 3 .   ? 18.262  -0.552  1.417   1.00 33.16 ? 407 HOH A O   1 
HETATM 955 O O   . HOH C 3 .   ? 14.159  -5.689  -1.920  1.00 33.35 ? 408 HOH A O   1 
HETATM 956 O O   . HOH C 3 .   ? -13.931 -4.457  6.748   1.00 35.37 ? 409 HOH A O   1 
HETATM 957 O O   . HOH C 3 .   ? -2.439  -11.002 -3.563  1.00 43.36 ? 410 HOH A O   1 
HETATM 958 O O   . HOH C 3 .   ? 2.563   -2.586  -12.177 1.00 32.96 ? 411 HOH A O   1 
HETATM 959 O O   . HOH C 3 .   ? 1.948   -11.815 3.806   1.00 40.22 ? 412 HOH A O   1 
HETATM 960 O O   . HOH C 3 .   ? 11.656  3.596   -8.157  1.00 33.10 ? 413 HOH A O   1 
HETATM 961 O O   . HOH C 3 .   ? -0.918  16.489  7.157   1.00 37.62 ? 414 HOH A O   1 
HETATM 962 O O   . HOH C 3 .   ? -9.719  14.997  4.451   1.00 45.55 ? 415 HOH A O   1 
HETATM 963 O O   . HOH C 3 .   ? -5.387  -13.775 2.782   1.00 43.25 ? 416 HOH A O   1 
HETATM 964 O O   . HOH C 3 .   ? -9.476  1.917   14.909  1.00 35.28 ? 417 HOH A O   1 
HETATM 965 O O   . HOH C 3 .   ? 2.170   -12.798 1.660   1.00 49.71 ? 418 HOH A O   1 
HETATM 966 O O   . HOH C 3 .   ? 6.182   -14.078 -0.061  1.00 37.89 ? 419 HOH A O   1 
HETATM 967 O O   . HOH C 3 .   ? -11.028 10.482  8.873   1.00 39.10 ? 420 HOH A O   1 
HETATM 968 O O   . HOH C 3 .   ? -5.215  6.056   13.647  1.00 31.45 ? 421 HOH A O   1 
HETATM 969 O O   . HOH C 3 .   ? -14.443 -15.559 3.405   1.00 55.15 ? 422 HOH A O   1 
HETATM 970 O O   . HOH C 3 .   ? -4.119  12.490  7.356   1.00 26.75 ? 423 HOH A O   1 
HETATM 971 O O   . HOH C 3 .   ? -0.756  -3.656  -14.693 1.00 42.80 ? 424 HOH A O   1 
HETATM 972 O O   . HOH C 3 .   ? 6.793   11.084  -7.263  0.50 33.07 ? 425 HOH A O   1 
HETATM 973 O O   . HOH C 3 .   ? -14.648 8.176   1.564   1.00 39.22 ? 426 HOH A O   1 
HETATM 974 O O   . HOH C 3 .   ? -18.360 1.610   0.847   1.00 27.62 ? 427 HOH A O   1 
HETATM 975 O O   . HOH C 3 .   ? -20.165 3.490   0.401   1.00 38.42 ? 428 HOH A O   1 
HETATM 976 O O   . HOH C 3 .   ? -4.369  -11.257 -2.601  1.00 38.34 ? 429 HOH A O   1 
HETATM 977 O O   . HOH C 3 .   ? 10.729  -12.460 -10.636 1.00 40.80 ? 430 HOH A O   1 
HETATM 978 O O   . HOH C 3 .   ? -3.959  2.297   14.898  1.00 54.50 ? 431 HOH A O   1 
HETATM 979 O O   . HOH C 3 .   ? -13.922 6.928   -0.309  1.00 35.33 ? 432 HOH A O   1 
HETATM 980 O O   . HOH C 3 .   ? 4.578   10.699  -6.815  0.50 25.08 ? 433 HOH A O   1 
HETATM 981 O O   . HOH C 3 .   ? -16.232 4.918   -1.455  1.00 38.17 ? 434 HOH A O   1 
HETATM 982 O O   . HOH C 3 .   ? 14.403  5.291   6.896   1.00 32.20 ? 435 HOH A O   1 
HETATM 983 O O   . HOH C 3 .   ? -9.003  5.107   -5.375  1.00 30.38 ? 436 HOH A O   1 
HETATM 984 O O   . HOH C 3 .   ? -13.324 -5.925  -1.027  1.00 41.38 ? 437 HOH A O   1 
HETATM 985 O O   . HOH C 3 .   ? -0.361  10.117  19.124  1.00 33.04 ? 438 HOH A O   1 
HETATM 986 O O   . HOH C 3 .   ? -9.111  14.716  6.400   1.00 43.15 ? 439 HOH A O   1 
HETATM 987 O O   . HOH C 3 .   ? 4.254   5.136   13.877  1.00 33.11 ? 440 HOH A O   1 
HETATM 988 O O   . HOH C 3 .   ? -5.678  21.815  4.573   1.00 35.04 ? 441 HOH A O   1 
HETATM 989 O O   . HOH C 3 .   ? -9.856  5.079   -3.372  1.00 48.82 ? 442 HOH A O   1 
HETATM 990 O O   . HOH C 3 .   ? 8.092   -12.846 4.108   1.00 43.35 ? 443 HOH A O   1 
HETATM 991 O O   . HOH C 3 .   ? 15.251  -13.806 -2.851  0.50 50.74 ? 444 HOH A O   1 
HETATM 992 O O   . HOH C 3 .   ? -2.738  -11.791 0.192   1.00 48.45 ? 445 HOH A O   1 
HETATM 993 O O   . HOH C 3 .   ? -7.423  1.636   13.478  1.00 34.25 ? 446 HOH A O   1 
HETATM 994 O O   . HOH C 3 .   ? 2.084   15.473  12.070  1.00 38.48 ? 447 HOH A O   1 
HETATM 995 O O   . HOH C 3 .   ? -12.285 11.041  7.357   1.00 48.64 ? 448 HOH A O   1 
HETATM 996 O O   . HOH C 3 .   ? -18.843 -0.833  -0.668  1.00 35.57 ? 449 HOH A O   1 
HETATM 997 O O   . HOH C 3 .   ? 0.055   -0.129  -12.011 1.00 29.53 ? 450 HOH A O   1 
HETATM 998 O O   . HOH C 3 .   ? 9.059   4.356   13.020  1.00 32.08 ? 451 HOH A O   1 
HETATM 999 O O   . HOH C 3 .   ? 14.829  -9.442  -5.473  1.00 45.40 ? 452 HOH A O   1 
# 
